data_6WPA
#
_entry.id   6WPA
#
_cell.length_a   130.522
_cell.length_b   130.522
_cell.length_c   180.649
_cell.angle_alpha   90.000
_cell.angle_beta   90.000
_cell.angle_gamma   90.000
#
_symmetry.space_group_name_H-M   'P 42'
#
loop_
_entity.id
_entity.type
_entity.pdbx_description
1 polymer AvaR1
2 polymer "PAL2-1-5'-GC"
#
loop_
_entity_poly.entity_id
_entity_poly.type
_entity_poly.pdbx_seq_one_letter_code
_entity_poly.pdbx_strand_id
1 'polypeptide(L)'
;GSENLYFQSGSMARQERAIRTRQTILVAAAEVFDEVGYEAATISDVLKRSGVTKGALYFHFTSKQELAQAVLAEQVASLP
RVPEQELKLQQSLDEALLLAHLLREGTGDPIVQGSVRLTVDQGSPRDHLNRRVPMQAWTEHTQSLFEEARAKGEILPHAD
VEALAKLFVGAFTGVQVLSRIMTGRADLAERVADLYRHLMPSFAMPGILVRLDFSPERGSRVYEAAMKQRESAAASTTDA
ARTLE
;
A,B,C,D,E,F,G,H
2 'polydeoxyribonucleotide'
;(DG)(DC)(DA)(DA)(DG)(DA)(DT)(DA)(DC)(DG)(DT)(DA)(DC)(DT)(DA)(DG)(DT)(DA)(DC)(DG)
(DT)(DA)(DT)(DC)(DT)(DT)(DG)(DC)
;
M,N
#
# COMPACT_ATOMS: atom_id res chain seq x y z
N ARG A 14 -51.52 -18.52 -6.92
CA ARG A 14 -51.28 -19.63 -5.94
C ARG A 14 -50.13 -19.33 -4.95
N GLN A 15 -49.98 -18.02 -4.64
CA GLN A 15 -48.80 -17.36 -4.05
C GLN A 15 -48.04 -17.98 -2.85
N GLU A 16 -48.75 -18.32 -1.78
CA GLU A 16 -48.08 -18.71 -0.53
C GLU A 16 -47.13 -19.89 -0.64
N ARG A 17 -47.62 -21.02 -1.19
CA ARG A 17 -46.80 -22.24 -1.32
C ARG A 17 -45.66 -22.10 -2.35
N ALA A 18 -45.82 -21.17 -3.29
CA ALA A 18 -44.78 -20.83 -4.26
C ALA A 18 -43.58 -20.21 -3.56
N ILE A 19 -43.85 -19.29 -2.63
CA ILE A 19 -42.81 -18.64 -1.81
C ILE A 19 -42.07 -19.68 -0.95
N ARG A 20 -42.81 -20.64 -0.41
CA ARG A 20 -42.23 -21.67 0.48
C ARG A 20 -41.25 -22.59 -0.25
N THR A 21 -41.66 -23.14 -1.40
CA THR A 21 -40.78 -24.04 -2.18
C THR A 21 -39.61 -23.28 -2.80
N ARG A 22 -39.86 -22.06 -3.27
CA ARG A 22 -38.82 -21.18 -3.80
C ARG A 22 -37.69 -20.97 -2.79
N GLN A 23 -38.06 -20.73 -1.54
CA GLN A 23 -37.09 -20.57 -0.44
C GLN A 23 -36.31 -21.84 -0.13
N THR A 24 -36.97 -23.00 -0.23
CA THR A 24 -36.30 -24.30 -0.02
C THR A 24 -35.19 -24.48 -1.05
N ILE A 25 -35.52 -24.15 -2.30
CA ILE A 25 -34.60 -24.22 -3.43
C ILE A 25 -33.43 -23.24 -3.23
N LEU A 26 -33.76 -21.99 -2.93
CA LEU A 26 -32.77 -20.95 -2.64
C LEU A 26 -31.80 -21.28 -1.52
N VAL A 27 -32.32 -21.77 -0.40
CA VAL A 27 -31.50 -22.20 0.75
C VAL A 27 -30.59 -23.37 0.34
N ALA A 28 -31.16 -24.33 -0.40
CA ALA A 28 -30.41 -25.49 -0.87
C ALA A 28 -29.33 -25.12 -1.87
N ALA A 29 -29.68 -24.26 -2.83
CA ALA A 29 -28.75 -23.75 -3.83
C ALA A 29 -27.57 -23.04 -3.16
N ALA A 30 -27.88 -22.14 -2.22
CA ALA A 30 -26.88 -21.42 -1.44
C ALA A 30 -25.88 -22.36 -0.79
N GLU A 31 -26.41 -23.33 -0.04
CA GLU A 31 -25.59 -24.35 0.63
C GLU A 31 -24.66 -25.05 -0.34
N VAL A 32 -25.19 -25.44 -1.51
CA VAL A 32 -24.41 -26.10 -2.55
C VAL A 32 -23.34 -25.14 -3.08
N PHE A 33 -23.74 -23.92 -3.44
CA PHE A 33 -22.79 -22.93 -3.95
C PHE A 33 -21.65 -22.66 -2.98
N ASP A 34 -21.99 -22.45 -1.70
CA ASP A 34 -21.00 -22.20 -0.64
C ASP A 34 -19.95 -23.31 -0.48
N GLU A 35 -20.35 -24.57 -0.71
CA GLU A 35 -19.44 -25.71 -0.52
C GLU A 35 -18.63 -26.15 -1.75
N VAL A 36 -19.12 -25.87 -2.96
CA VAL A 36 -18.37 -26.24 -4.18
C VAL A 36 -18.13 -25.11 -5.20
N GLY A 37 -18.76 -23.95 -4.97
CA GLY A 37 -18.68 -22.79 -5.89
C GLY A 37 -19.66 -22.87 -7.05
N TYR A 38 -19.64 -21.87 -7.92
CA TYR A 38 -20.54 -21.83 -9.08
C TYR A 38 -20.33 -23.00 -10.05
N GLU A 39 -19.13 -23.12 -10.61
CA GLU A 39 -18.88 -24.05 -11.72
C GLU A 39 -19.03 -25.54 -11.35
N ALA A 40 -18.55 -25.91 -10.16
CA ALA A 40 -18.56 -27.31 -9.68
C ALA A 40 -19.95 -27.81 -9.31
N ALA A 41 -20.81 -26.89 -8.86
CA ALA A 41 -22.18 -27.18 -8.47
C ALA A 41 -23.03 -27.68 -9.65
N THR A 42 -24.03 -28.50 -9.34
CA THR A 42 -24.97 -28.99 -10.35
C THR A 42 -26.42 -28.74 -9.93
N ILE A 43 -27.33 -28.65 -10.91
CA ILE A 43 -28.78 -28.64 -10.66
C ILE A 43 -29.16 -29.94 -9.93
N SER A 44 -28.60 -31.06 -10.41
CA SER A 44 -28.64 -32.35 -9.73
C SER A 44 -28.39 -32.25 -8.20
N ASP A 45 -27.31 -31.58 -7.80
CA ASP A 45 -26.96 -31.33 -6.38
C ASP A 45 -28.03 -30.56 -5.63
N VAL A 46 -28.60 -29.54 -6.28
CA VAL A 46 -29.58 -28.66 -5.66
C VAL A 46 -30.90 -29.41 -5.47
N LEU A 47 -31.29 -30.23 -6.45
CA LEU A 47 -32.48 -31.08 -6.35
C LEU A 47 -32.42 -32.04 -5.16
N LYS A 48 -31.29 -32.76 -5.04
CA LYS A 48 -31.04 -33.72 -3.96
C LYS A 48 -31.17 -33.08 -2.56
N ARG A 49 -30.60 -31.90 -2.39
CA ARG A 49 -30.62 -31.22 -1.09
C ARG A 49 -31.93 -30.48 -0.79
N SER A 50 -32.50 -29.83 -1.80
CA SER A 50 -33.79 -29.14 -1.67
C SER A 50 -34.93 -30.09 -1.39
N GLY A 51 -34.82 -31.29 -1.93
CA GLY A 51 -35.89 -32.27 -1.89
C GLY A 51 -36.94 -32.09 -2.96
N VAL A 52 -36.92 -30.96 -3.66
CA VAL A 52 -37.95 -30.66 -4.69
C VAL A 52 -37.78 -31.51 -5.95
N THR A 53 -38.88 -31.65 -6.70
CA THR A 53 -38.84 -32.34 -8.00
C THR A 53 -38.21 -31.43 -9.07
N LYS A 54 -37.81 -32.03 -10.20
CA LYS A 54 -37.19 -31.29 -11.30
C LYS A 54 -38.09 -30.18 -11.85
N GLY A 55 -39.32 -30.53 -12.20
CA GLY A 55 -40.30 -29.59 -12.76
C GLY A 55 -40.73 -28.47 -11.82
N ALA A 56 -40.63 -28.75 -10.50
CA ALA A 56 -40.91 -27.77 -9.45
C ALA A 56 -39.87 -26.67 -9.49
N LEU A 57 -38.59 -27.06 -9.50
CA LEU A 57 -37.44 -26.13 -9.56
C LEU A 57 -37.37 -25.36 -10.88
N TYR A 58 -37.62 -26.06 -11.98
CA TYR A 58 -37.57 -25.44 -13.30
C TYR A 58 -38.72 -24.48 -13.58
N PHE A 59 -39.80 -24.60 -12.80
CA PHE A 59 -40.89 -23.63 -12.82
C PHE A 59 -40.37 -22.30 -12.31
N HIS A 60 -39.55 -22.34 -11.25
CA HIS A 60 -39.03 -21.16 -10.57
C HIS A 60 -37.73 -20.62 -11.11
N PHE A 61 -36.81 -21.54 -11.47
CA PHE A 61 -35.49 -21.20 -11.98
C PHE A 61 -35.16 -22.05 -13.19
N THR A 62 -34.72 -21.38 -14.25
CA THR A 62 -34.51 -22.02 -15.55
C THR A 62 -33.10 -22.58 -15.76
N SER A 63 -32.12 -22.03 -15.06
CA SER A 63 -30.73 -22.41 -15.25
C SER A 63 -29.97 -22.31 -13.93
N LYS A 64 -28.76 -22.87 -13.91
CA LYS A 64 -27.84 -22.71 -12.78
C LYS A 64 -27.53 -21.22 -12.55
N GLN A 65 -27.37 -20.47 -13.63
CA GLN A 65 -27.14 -19.02 -13.57
C GLN A 65 -28.28 -18.31 -12.84
N GLU A 66 -29.52 -18.65 -13.22
CA GLU A 66 -30.71 -18.07 -12.63
C GLU A 66 -30.77 -18.32 -11.14
N LEU A 67 -30.54 -19.57 -10.73
CA LEU A 67 -30.41 -19.97 -9.33
C LEU A 67 -29.38 -19.11 -8.59
N ALA A 68 -28.15 -19.10 -9.10
CA ALA A 68 -27.04 -18.37 -8.52
C ALA A 68 -27.32 -16.86 -8.41
N GLN A 69 -27.93 -16.30 -9.45
CA GLN A 69 -28.36 -14.90 -9.43
C GLN A 69 -29.35 -14.65 -8.30
N ALA A 70 -30.35 -15.53 -8.21
CA ALA A 70 -31.44 -15.43 -7.23
C ALA A 70 -30.97 -15.51 -5.77
N VAL A 71 -29.91 -16.26 -5.51
CA VAL A 71 -29.32 -16.27 -4.17
C VAL A 71 -28.57 -14.95 -3.91
N LEU A 72 -27.85 -14.43 -4.91
CA LEU A 72 -27.25 -13.08 -4.81
C LEU A 72 -28.29 -11.98 -4.59
N ALA A 73 -29.49 -12.17 -5.12
CA ALA A 73 -30.63 -11.27 -4.88
C ALA A 73 -31.11 -11.29 -3.44
N GLU A 74 -31.12 -12.48 -2.84
CA GLU A 74 -31.54 -12.70 -1.44
C GLU A 74 -30.49 -12.29 -0.40
N GLN A 75 -29.32 -11.85 -0.85
CA GLN A 75 -28.30 -11.24 0.01
C GLN A 75 -28.81 -9.85 0.43
N VAL A 76 -29.37 -9.12 -0.54
CA VAL A 76 -29.94 -7.78 -0.37
C VAL A 76 -31.23 -7.85 0.47
N ALA A 77 -32.30 -8.36 -0.16
CA ALA A 77 -33.59 -8.60 0.50
C ALA A 77 -33.47 -9.73 1.52
N SER A 78 -34.35 -9.71 2.53
CA SER A 78 -34.37 -10.71 3.62
C SER A 78 -33.02 -10.87 4.36
N LEU A 79 -32.33 -9.74 4.53
CA LEU A 79 -31.18 -9.61 5.42
C LEU A 79 -31.70 -8.99 6.72
N PRO A 80 -31.50 -9.67 7.87
CA PRO A 80 -32.01 -9.22 9.17
C PRO A 80 -31.88 -7.71 9.45
N ARG A 81 -33.03 -7.08 9.65
CA ARG A 81 -33.15 -5.63 9.89
C ARG A 81 -32.66 -5.24 11.28
N VAL A 82 -31.81 -4.22 11.33
CA VAL A 82 -31.36 -3.61 12.59
C VAL A 82 -32.38 -2.59 13.13
N PRO A 83 -32.43 -2.36 14.47
CA PRO A 83 -33.36 -1.35 15.00
C PRO A 83 -33.01 0.09 14.59
N GLU A 84 -34.04 0.94 14.52
CA GLU A 84 -33.88 2.38 14.29
C GLU A 84 -33.12 3.01 15.46
N GLN A 85 -31.84 3.22 15.24
CA GLN A 85 -30.92 3.69 16.28
C GLN A 85 -30.93 5.21 16.40
N GLU A 86 -30.37 5.71 17.50
CA GLU A 86 -30.20 7.15 17.71
C GLU A 86 -29.14 7.77 16.78
N LEU A 87 -28.03 7.05 16.58
CA LEU A 87 -26.96 7.44 15.66
C LEU A 87 -26.97 6.58 14.40
N LYS A 88 -26.99 7.22 13.23
CA LYS A 88 -26.94 6.51 11.95
C LYS A 88 -25.65 5.70 11.74
N LEU A 89 -24.55 6.17 12.30
CA LEU A 89 -23.26 5.47 12.20
C LEU A 89 -23.23 4.19 13.03
N GLN A 90 -23.92 4.22 14.16
CA GLN A 90 -24.07 3.04 15.03
C GLN A 90 -24.91 2.00 14.30
N GLN A 91 -25.92 2.47 13.59
CA GLN A 91 -26.78 1.62 12.78
C GLN A 91 -25.96 0.92 11.68
N SER A 92 -24.98 1.65 11.14
CA SER A 92 -24.03 1.09 10.18
C SER A 92 -23.04 0.13 10.84
N LEU A 93 -22.55 0.49 12.03
CA LEU A 93 -21.64 -0.34 12.81
C LEU A 93 -22.31 -1.65 13.23
N ASP A 94 -23.59 -1.56 13.62
CA ASP A 94 -24.41 -2.71 13.99
C ASP A 94 -24.64 -3.64 12.79
N GLU A 95 -24.95 -3.07 11.63
CA GLU A 95 -25.15 -3.81 10.38
C GLU A 95 -23.92 -4.61 9.96
N ALA A 96 -22.75 -4.04 10.18
CA ALA A 96 -21.49 -4.69 9.79
C ALA A 96 -21.15 -5.84 10.73
N LEU A 97 -21.25 -5.59 12.03
CA LEU A 97 -20.98 -6.60 13.04
C LEU A 97 -22.03 -7.72 13.04
N LEU A 98 -23.27 -7.39 12.68
CA LEU A 98 -24.35 -8.39 12.53
C LEU A 98 -24.06 -9.38 11.43
N LEU A 99 -23.66 -8.86 10.26
CA LEU A 99 -23.26 -9.67 9.12
C LEU A 99 -22.06 -10.56 9.47
N ALA A 100 -21.14 -10.03 10.29
CA ALA A 100 -19.97 -10.75 10.78
C ALA A 100 -20.37 -11.98 11.58
N HIS A 101 -21.40 -11.82 12.43
CA HIS A 101 -21.99 -12.94 13.16
C HIS A 101 -22.68 -13.91 12.20
N LEU A 102 -23.32 -13.35 11.17
CA LEU A 102 -24.13 -14.13 10.22
C LEU A 102 -23.30 -14.97 9.26
N LEU A 103 -22.10 -14.51 8.95
CA LEU A 103 -21.16 -15.27 8.12
C LEU A 103 -20.43 -16.35 8.91
N ARG A 104 -20.41 -16.18 10.23
CA ARG A 104 -19.60 -16.98 11.15
C ARG A 104 -20.23 -18.34 11.44
N GLU A 105 -21.40 -18.32 12.08
CA GLU A 105 -22.04 -19.50 12.66
C GLU A 105 -22.42 -20.60 11.64
N GLY A 106 -22.35 -21.86 12.10
CA GLY A 106 -22.66 -23.06 11.31
C GLY A 106 -24.01 -23.10 10.60
N THR A 107 -24.86 -22.10 10.87
CA THR A 107 -26.02 -21.78 10.06
C THR A 107 -26.03 -20.26 9.84
N GLY A 108 -26.58 -19.51 10.79
CA GLY A 108 -26.74 -18.05 10.70
C GLY A 108 -27.64 -17.73 9.52
N ASP A 109 -27.02 -17.59 8.36
CA ASP A 109 -27.71 -17.66 7.08
C ASP A 109 -26.80 -18.36 6.06
N PRO A 110 -27.27 -19.49 5.48
CA PRO A 110 -26.54 -20.14 4.38
C PRO A 110 -26.56 -19.31 3.09
N ILE A 111 -27.57 -18.45 2.96
CA ILE A 111 -27.69 -17.56 1.80
C ILE A 111 -26.60 -16.48 1.78
N VAL A 112 -26.31 -15.85 2.91
CA VAL A 112 -25.25 -14.83 2.98
C VAL A 112 -23.88 -15.46 2.71
N GLN A 113 -23.71 -16.72 3.12
CA GLN A 113 -22.46 -17.47 2.93
C GLN A 113 -22.23 -17.83 1.48
N GLY A 114 -23.28 -18.38 0.85
CA GLY A 114 -23.26 -18.71 -0.57
C GLY A 114 -23.05 -17.49 -1.45
N SER A 115 -23.75 -16.41 -1.12
CA SER A 115 -23.66 -15.14 -1.85
C SER A 115 -22.25 -14.58 -1.85
N VAL A 116 -21.60 -14.59 -0.68
CA VAL A 116 -20.26 -14.04 -0.55
C VAL A 116 -19.27 -14.81 -1.41
N ARG A 117 -19.33 -16.15 -1.33
CA ARG A 117 -18.50 -17.03 -2.15
C ARG A 117 -18.74 -16.82 -3.65
N LEU A 118 -20.02 -16.73 -4.05
CA LEU A 118 -20.39 -16.46 -5.44
C LEU A 118 -19.88 -15.09 -5.94
N THR A 119 -19.91 -14.08 -5.05
CA THR A 119 -19.45 -12.73 -5.36
C THR A 119 -17.91 -12.67 -5.47
N VAL A 120 -17.22 -13.34 -4.55
CA VAL A 120 -15.77 -13.22 -4.40
C VAL A 120 -14.95 -14.11 -5.36
N ASP A 121 -15.46 -15.30 -5.67
CA ASP A 121 -14.86 -16.18 -6.69
C ASP A 121 -14.84 -15.49 -8.07
N GLN A 122 -14.14 -16.07 -9.04
CA GLN A 122 -14.03 -15.44 -10.35
C GLN A 122 -14.87 -16.08 -11.45
N GLY A 123 -14.63 -17.36 -11.72
CA GLY A 123 -15.29 -18.05 -12.83
C GLY A 123 -14.78 -17.69 -14.22
N SER A 124 -14.93 -18.62 -15.15
CA SER A 124 -14.48 -18.49 -16.54
C SER A 124 -15.26 -17.38 -17.30
N PRO A 125 -14.77 -16.96 -18.49
CA PRO A 125 -15.66 -16.23 -19.41
C PRO A 125 -16.80 -17.10 -19.98
N ARG A 126 -16.97 -18.29 -19.40
CA ARG A 126 -18.11 -19.18 -19.67
C ARG A 126 -19.39 -18.57 -19.09
N ASP A 127 -19.34 -18.18 -17.81
CA ASP A 127 -20.52 -17.75 -17.06
C ASP A 127 -20.96 -16.31 -17.33
N HIS A 128 -22.25 -16.07 -17.16
CA HIS A 128 -22.86 -14.76 -17.33
C HIS A 128 -23.49 -14.27 -16.02
N LEU A 129 -22.90 -14.69 -14.91
CA LEU A 129 -23.38 -14.31 -13.58
C LEU A 129 -23.03 -12.86 -13.27
N ASN A 130 -24.01 -12.10 -12.79
CA ASN A 130 -23.85 -10.67 -12.54
C ASN A 130 -23.48 -10.38 -11.10
N ARG A 131 -22.18 -10.22 -10.88
CA ARG A 131 -21.63 -9.98 -9.55
C ARG A 131 -21.68 -8.51 -9.16
N ARG A 132 -21.83 -7.64 -10.17
CA ARG A 132 -21.94 -6.19 -9.98
C ARG A 132 -23.17 -5.80 -9.15
N VAL A 133 -24.25 -6.56 -9.32
CA VAL A 133 -25.56 -6.25 -8.74
C VAL A 133 -25.58 -6.34 -7.20
N PRO A 134 -25.14 -7.48 -6.59
CA PRO A 134 -25.11 -7.47 -5.11
C PRO A 134 -24.18 -6.39 -4.52
N MET A 135 -23.03 -6.19 -5.14
CA MET A 135 -22.06 -5.16 -4.74
C MET A 135 -22.63 -3.75 -4.84
N GLN A 136 -23.35 -3.47 -5.93
CA GLN A 136 -23.99 -2.15 -6.16
C GLN A 136 -25.03 -1.83 -5.09
N ALA A 137 -25.84 -2.83 -4.74
CA ALA A 137 -26.86 -2.71 -3.72
C ALA A 137 -26.22 -2.54 -2.34
N TRP A 138 -25.13 -3.26 -2.11
CA TRP A 138 -24.34 -3.12 -0.89
C TRP A 138 -23.83 -1.69 -0.75
N THR A 139 -23.23 -1.18 -1.83
CA THR A 139 -22.64 0.16 -1.86
C THR A 139 -23.72 1.25 -1.74
N GLU A 140 -24.83 1.09 -2.47
CA GLU A 140 -25.93 2.07 -2.42
C GLU A 140 -26.63 2.13 -1.06
N HIS A 141 -26.72 0.99 -0.37
CA HIS A 141 -27.26 0.96 1.00
C HIS A 141 -26.31 1.64 1.99
N THR A 142 -25.01 1.34 1.86
CA THR A 142 -23.98 1.91 2.71
C THR A 142 -23.89 3.43 2.49
N GLN A 143 -24.00 3.87 1.23
CA GLN A 143 -24.04 5.31 0.90
C GLN A 143 -25.27 6.00 1.51
N SER A 144 -26.43 5.35 1.42
CA SER A 144 -27.69 5.86 1.98
C SER A 144 -27.61 6.09 3.49
N LEU A 145 -26.99 5.16 4.20
CA LEU A 145 -26.74 5.30 5.63
C LEU A 145 -25.79 6.45 5.99
N PHE A 146 -24.78 6.66 5.15
CA PHE A 146 -23.81 7.71 5.36
C PHE A 146 -24.41 9.08 5.01
N GLU A 147 -25.26 9.13 3.98
CA GLU A 147 -25.98 10.35 3.59
C GLU A 147 -26.99 10.80 4.64
N GLU A 148 -27.62 9.85 5.32
CA GLU A 148 -28.53 10.14 6.44
C GLU A 148 -27.75 10.59 7.66
N ALA A 149 -26.55 10.05 7.82
CA ALA A 149 -25.62 10.44 8.89
C ALA A 149 -25.08 11.86 8.66
N ARG A 150 -24.98 12.26 7.39
CA ARG A 150 -24.55 13.59 7.00
C ARG A 150 -25.59 14.66 7.36
N ALA A 151 -26.85 14.41 7.04
CA ALA A 151 -27.96 15.30 7.43
C ALA A 151 -28.12 15.45 8.95
N LYS A 152 -27.93 14.34 9.68
CA LYS A 152 -27.87 14.36 11.15
C LYS A 152 -26.65 15.10 11.69
N GLY A 153 -25.66 15.32 10.81
CA GLY A 153 -24.41 16.01 11.16
C GLY A 153 -23.48 15.22 12.06
N GLU A 154 -23.49 13.89 11.93
CA GLU A 154 -22.54 13.04 12.67
C GLU A 154 -21.28 12.71 11.87
N ILE A 155 -21.29 13.05 10.57
CA ILE A 155 -20.09 13.00 9.72
C ILE A 155 -19.79 14.37 9.12
N LEU A 156 -18.54 14.56 8.67
CA LEU A 156 -18.05 15.82 8.08
C LEU A 156 -18.92 16.26 6.89
N PRO A 157 -19.23 17.58 6.80
CA PRO A 157 -20.35 18.03 5.96
C PRO A 157 -20.17 17.85 4.46
N HIS A 158 -18.93 17.75 3.99
CA HIS A 158 -18.63 17.52 2.57
C HIS A 158 -17.74 16.29 2.33
N ALA A 159 -17.79 15.34 3.26
CA ALA A 159 -17.09 14.04 3.13
C ALA A 159 -17.71 13.26 1.99
N ASP A 160 -16.85 12.64 1.17
CA ASP A 160 -17.29 11.94 -0.03
C ASP A 160 -18.02 10.67 0.36
N VAL A 161 -19.33 10.82 0.48
CA VAL A 161 -20.26 9.79 0.93
C VAL A 161 -20.25 8.56 0.02
N GLU A 162 -20.03 8.78 -1.28
CA GLU A 162 -19.95 7.72 -2.27
C GLU A 162 -18.63 6.97 -2.20
N ALA A 163 -17.52 7.71 -2.09
CA ALA A 163 -16.18 7.11 -2.02
C ALA A 163 -15.98 6.29 -0.74
N LEU A 164 -16.64 6.71 0.34
CA LEU A 164 -16.63 5.99 1.60
C LEU A 164 -17.39 4.67 1.55
N ALA A 165 -18.52 4.66 0.84
CA ALA A 165 -19.33 3.45 0.69
C ALA A 165 -18.57 2.37 -0.09
N LYS A 166 -17.90 2.79 -1.18
CA LYS A 166 -16.98 1.93 -1.92
C LYS A 166 -15.82 1.42 -1.05
N LEU A 167 -15.36 2.27 -0.13
CA LEU A 167 -14.31 1.91 0.81
C LEU A 167 -14.76 0.86 1.81
N PHE A 168 -15.95 1.06 2.40
CA PHE A 168 -16.46 0.16 3.43
C PHE A 168 -16.81 -1.21 2.88
N VAL A 169 -17.59 -1.24 1.80
CA VAL A 169 -17.94 -2.50 1.08
C VAL A 169 -16.66 -3.21 0.66
N GLY A 170 -15.75 -2.46 0.02
CA GLY A 170 -14.44 -2.96 -0.39
C GLY A 170 -13.70 -3.62 0.74
N ALA A 171 -13.35 -2.83 1.76
CA ALA A 171 -12.56 -3.31 2.90
C ALA A 171 -13.20 -4.49 3.66
N PHE A 172 -14.49 -4.37 4.00
CA PHE A 172 -15.25 -5.44 4.67
C PHE A 172 -15.07 -6.76 3.93
N THR A 173 -15.33 -6.74 2.61
CA THR A 173 -15.16 -7.92 1.76
C THR A 173 -13.78 -8.58 1.97
N GLY A 174 -12.75 -7.76 2.15
CA GLY A 174 -11.40 -8.28 2.33
C GLY A 174 -11.09 -8.74 3.73
N VAL A 175 -11.55 -7.94 4.70
CA VAL A 175 -11.49 -8.27 6.13
C VAL A 175 -12.09 -9.66 6.38
N GLN A 176 -13.23 -9.93 5.73
CA GLN A 176 -13.89 -11.23 5.76
C GLN A 176 -13.07 -12.34 5.09
N VAL A 177 -12.59 -12.08 3.86
CA VAL A 177 -11.84 -13.08 3.08
C VAL A 177 -10.59 -13.52 3.83
N LEU A 178 -9.84 -12.56 4.37
CA LEU A 178 -8.65 -12.85 5.15
C LEU A 178 -9.00 -13.61 6.43
N SER A 179 -10.12 -13.24 7.05
CA SER A 179 -10.65 -13.92 8.24
C SER A 179 -11.05 -15.38 8.01
N ARG A 180 -11.64 -15.64 6.85
CA ARG A 180 -12.03 -16.99 6.42
C ARG A 180 -10.79 -17.87 6.32
N ILE A 181 -9.75 -17.35 5.66
CA ILE A 181 -8.50 -18.08 5.44
C ILE A 181 -7.80 -18.37 6.76
N MET A 182 -7.59 -17.31 7.57
CA MET A 182 -6.84 -17.42 8.82
C MET A 182 -7.54 -18.19 9.95
N THR A 183 -8.82 -17.88 10.19
CA THR A 183 -9.53 -18.41 11.35
C THR A 183 -10.95 -18.91 11.06
N GLY A 184 -11.25 -19.31 9.83
CA GLY A 184 -12.61 -19.74 9.46
C GLY A 184 -13.70 -18.77 9.93
N ARG A 185 -13.45 -17.47 9.75
CA ARG A 185 -14.34 -16.37 10.17
C ARG A 185 -14.57 -16.24 11.68
N ALA A 186 -13.84 -17.03 12.48
CA ALA A 186 -13.93 -17.01 13.96
C ALA A 186 -13.62 -15.64 14.56
N ASP A 187 -12.57 -15.00 14.06
CA ASP A 187 -12.17 -13.69 14.57
C ASP A 187 -12.74 -12.51 13.77
N LEU A 188 -13.72 -12.79 12.90
CA LEU A 188 -14.27 -11.78 11.99
C LEU A 188 -14.74 -10.49 12.69
N ALA A 189 -15.57 -10.64 13.72
CA ALA A 189 -16.17 -9.51 14.42
C ALA A 189 -15.13 -8.56 15.04
N GLU A 190 -14.05 -9.14 15.58
CA GLU A 190 -12.90 -8.37 16.08
C GLU A 190 -12.27 -7.55 14.95
N ARG A 191 -12.05 -8.20 13.80
CA ARG A 191 -11.44 -7.56 12.65
C ARG A 191 -12.30 -6.44 12.10
N VAL A 192 -13.62 -6.66 12.09
CA VAL A 192 -14.60 -5.67 11.59
C VAL A 192 -14.63 -4.45 12.51
N ALA A 193 -14.62 -4.71 13.82
CA ALA A 193 -14.49 -3.67 14.84
C ALA A 193 -13.23 -2.84 14.62
N ASP A 194 -12.10 -3.54 14.40
CA ASP A 194 -10.83 -2.90 14.03
C ASP A 194 -11.03 -1.99 12.82
N LEU A 195 -11.63 -2.53 11.77
CA LEU A 195 -11.86 -1.81 10.52
C LEU A 195 -12.59 -0.49 10.79
N TYR A 196 -13.67 -0.57 11.57
CA TYR A 196 -14.50 0.59 11.88
C TYR A 196 -13.84 1.59 12.83
N ARG A 197 -13.17 1.09 13.87
CA ARG A 197 -12.45 1.93 14.83
C ARG A 197 -11.38 2.77 14.18
N HIS A 198 -10.80 2.28 13.09
CA HIS A 198 -9.71 2.97 12.40
C HIS A 198 -10.18 3.88 11.25
N LEU A 199 -11.31 3.55 10.63
CA LEU A 199 -11.84 4.33 9.50
C LEU A 199 -12.73 5.51 9.89
N MET A 200 -13.55 5.34 10.93
CA MET A 200 -14.48 6.39 11.35
C MET A 200 -13.86 7.75 11.75
N PRO A 201 -12.74 7.75 12.52
CA PRO A 201 -12.13 9.04 12.89
C PRO A 201 -11.78 9.97 11.73
N SER A 202 -11.49 9.41 10.55
CA SER A 202 -11.17 10.21 9.35
C SER A 202 -12.35 11.01 8.76
N PHE A 203 -13.58 10.68 9.17
CA PHE A 203 -14.77 11.37 8.67
C PHE A 203 -15.89 11.61 9.70
N ALA A 204 -15.70 11.13 10.94
CA ALA A 204 -16.66 11.37 12.02
C ALA A 204 -16.51 12.76 12.61
N MET A 205 -17.62 13.37 12.99
CA MET A 205 -17.62 14.69 13.67
C MET A 205 -17.10 14.57 15.10
N PRO A 206 -16.66 15.70 15.71
CA PRO A 206 -16.24 15.69 17.12
C PRO A 206 -17.37 15.29 18.07
N GLY A 207 -17.01 14.47 19.07
CA GLY A 207 -17.97 13.90 20.03
C GLY A 207 -18.52 12.55 19.62
N ILE A 208 -18.83 12.40 18.32
CA ILE A 208 -19.53 11.23 17.74
C ILE A 208 -18.84 9.87 17.98
N LEU A 209 -17.51 9.85 17.89
CA LEU A 209 -16.73 8.62 17.98
C LEU A 209 -16.82 7.88 19.33
N VAL A 210 -16.71 8.63 20.43
CA VAL A 210 -16.76 8.02 21.79
C VAL A 210 -18.15 7.49 22.14
N ARG A 211 -19.18 8.07 21.51
CA ARG A 211 -20.57 7.64 21.66
C ARG A 211 -20.86 6.26 21.04
N LEU A 212 -20.03 5.84 20.08
CA LEU A 212 -20.22 4.56 19.37
C LEU A 212 -19.81 3.38 20.24
N ASP A 213 -20.46 2.25 19.98
CA ASP A 213 -20.33 1.04 20.80
C ASP A 213 -19.74 -0.12 19.98
N PHE A 214 -18.41 -0.20 20.00
CA PHE A 214 -17.65 -1.18 19.21
C PHE A 214 -17.54 -2.56 19.87
N SER A 215 -18.16 -2.71 21.05
CA SER A 215 -18.00 -3.89 21.90
C SER A 215 -18.61 -5.16 21.32
N PRO A 216 -17.95 -6.32 21.54
CA PRO A 216 -18.57 -7.63 21.28
C PRO A 216 -19.68 -7.92 22.30
N GLU A 217 -19.69 -7.16 23.39
CA GLU A 217 -20.74 -7.18 24.40
C GLU A 217 -22.05 -6.68 23.78
N ARG A 218 -21.97 -5.65 22.94
CA ARG A 218 -23.14 -5.13 22.21
C ARG A 218 -23.46 -5.93 20.96
N GLY A 219 -22.45 -6.18 20.12
CA GLY A 219 -22.59 -6.90 18.84
C GLY A 219 -23.38 -8.20 18.89
N SER A 220 -23.36 -8.83 20.07
CA SER A 220 -24.09 -10.06 20.36
C SER A 220 -25.53 -9.81 20.83
N ARG A 221 -25.75 -8.71 21.58
CA ARG A 221 -27.10 -8.25 21.97
C ARG A 221 -27.94 -7.84 20.75
N VAL A 222 -27.28 -7.19 19.79
CA VAL A 222 -27.87 -6.82 18.49
C VAL A 222 -28.18 -8.08 17.67
N TYR A 223 -27.31 -9.08 17.80
CA TYR A 223 -27.42 -10.35 17.09
C TYR A 223 -28.68 -11.14 17.47
N GLU A 224 -28.84 -11.42 18.77
CA GLU A 224 -29.98 -12.19 19.29
C GLU A 224 -31.33 -11.48 19.15
N ALA A 225 -31.29 -10.15 19.24
CA ALA A 225 -32.46 -9.30 19.04
C ALA A 225 -32.96 -9.36 17.59
N ALA A 226 -32.02 -9.30 16.64
CA ALA A 226 -32.34 -9.34 15.22
C ALA A 226 -32.68 -10.75 14.71
N MET A 227 -32.36 -11.77 15.51
CA MET A 227 -32.66 -13.16 15.16
C MET A 227 -34.14 -13.53 15.26
N LYS A 228 -34.86 -12.83 16.14
CA LYS A 228 -36.26 -13.12 16.45
C LYS A 228 -37.23 -12.69 15.33
N GLN B 15 -7.53 1.90 59.00
CA GLN B 15 -7.63 0.79 58.01
C GLN B 15 -7.88 1.31 56.59
N GLU B 16 -8.94 2.09 56.39
CA GLU B 16 -9.35 2.53 55.05
C GLU B 16 -8.20 3.06 54.17
N ARG B 17 -7.31 3.86 54.77
CA ARG B 17 -6.12 4.39 54.08
C ARG B 17 -5.10 3.29 53.71
N ALA B 18 -4.93 2.31 54.59
CA ALA B 18 -4.01 1.20 54.39
C ALA B 18 -4.49 0.30 53.25
N ILE B 19 -5.77 -0.11 53.30
CA ILE B 19 -6.40 -0.87 52.21
C ILE B 19 -6.17 -0.18 50.86
N ARG B 20 -6.32 1.15 50.83
CA ARG B 20 -6.18 1.94 49.61
C ARG B 20 -4.76 1.88 49.02
N THR B 21 -3.74 2.18 49.83
CA THR B 21 -2.34 2.16 49.35
C THR B 21 -1.82 0.75 49.13
N ARG B 22 -2.26 -0.19 49.96
CA ARG B 22 -1.92 -1.61 49.82
C ARG B 22 -2.37 -2.14 48.45
N GLN B 23 -3.60 -1.79 48.06
CA GLN B 23 -4.13 -2.12 46.74
C GLN B 23 -3.37 -1.48 45.58
N THR B 24 -2.90 -0.23 45.77
CA THR B 24 -2.11 0.47 44.76
C THR B 24 -0.82 -0.31 44.50
N ILE B 25 -0.20 -0.75 45.60
CA ILE B 25 1.03 -1.54 45.57
C ILE B 25 0.79 -2.87 44.86
N LEU B 26 -0.24 -3.61 45.30
CA LEU B 26 -0.64 -4.88 44.69
C LEU B 26 -0.90 -4.81 43.18
N VAL B 27 -1.72 -3.86 42.77
CA VAL B 27 -2.03 -3.64 41.34
C VAL B 27 -0.75 -3.29 40.55
N ALA B 28 0.13 -2.49 41.16
CA ALA B 28 1.41 -2.14 40.54
C ALA B 28 2.32 -3.34 40.43
N ALA B 29 2.45 -4.10 41.52
CA ALA B 29 3.25 -5.32 41.55
C ALA B 29 2.77 -6.32 40.50
N ALA B 30 1.45 -6.54 40.45
CA ALA B 30 0.83 -7.43 39.48
C ALA B 30 1.23 -7.09 38.05
N GLU B 31 1.07 -5.81 37.69
CA GLU B 31 1.46 -5.30 36.38
C GLU B 31 2.93 -5.61 36.08
N VAL B 32 3.82 -5.33 37.04
CA VAL B 32 5.26 -5.59 36.89
C VAL B 32 5.50 -7.09 36.70
N PHE B 33 4.87 -7.93 37.53
CA PHE B 33 5.04 -9.39 37.44
C PHE B 33 4.57 -9.96 36.11
N ASP B 34 3.47 -9.43 35.59
CA ASP B 34 2.93 -9.85 34.30
C ASP B 34 3.90 -9.59 33.14
N GLU B 35 4.62 -8.46 33.18
CA GLU B 35 5.52 -8.07 32.09
C GLU B 35 6.97 -8.56 32.15
N VAL B 36 7.47 -8.88 33.33
CA VAL B 36 8.85 -9.39 33.47
C VAL B 36 9.01 -10.69 34.28
N GLY B 37 7.95 -11.12 34.97
CA GLY B 37 7.96 -12.35 35.79
C GLY B 37 8.54 -12.12 37.18
N TYR B 38 8.54 -13.18 38.00
CA TYR B 38 9.07 -13.07 39.37
C TYR B 38 10.52 -12.60 39.44
N GLU B 39 11.43 -13.33 38.80
CA GLU B 39 12.87 -13.08 39.00
C GLU B 39 13.36 -11.74 38.43
N ALA B 40 12.88 -11.38 37.24
CA ALA B 40 13.32 -10.16 36.56
C ALA B 40 12.81 -8.86 37.18
N ALA B 41 11.60 -8.91 37.75
CA ALA B 41 10.99 -7.81 38.46
C ALA B 41 11.82 -7.33 39.65
N THR B 42 11.73 -6.03 39.96
CA THR B 42 12.41 -5.43 41.12
C THR B 42 11.44 -4.65 41.99
N ILE B 43 11.76 -4.52 43.28
CA ILE B 43 11.06 -3.62 44.20
C ILE B 43 11.11 -2.20 43.63
N SER B 44 12.29 -1.79 43.17
CA SER B 44 12.50 -0.56 42.41
C SER B 44 11.42 -0.30 41.35
N ASP B 45 11.15 -1.30 40.49
CA ASP B 45 10.09 -1.23 39.47
C ASP B 45 8.70 -0.97 40.06
N VAL B 46 8.39 -1.71 41.13
CA VAL B 46 7.07 -1.65 41.78
C VAL B 46 6.86 -0.29 42.42
N LEU B 47 7.91 0.26 43.04
CA LEU B 47 7.89 1.61 43.61
C LEU B 47 7.58 2.68 42.56
N LYS B 48 8.32 2.65 41.45
CA LYS B 48 8.12 3.58 40.32
C LYS B 48 6.69 3.54 39.77
N ARG B 49 6.12 2.34 39.61
CA ARG B 49 4.77 2.20 39.06
C ARG B 49 3.65 2.52 40.06
N SER B 50 3.81 2.04 41.29
CA SER B 50 2.84 2.31 42.37
C SER B 50 2.79 3.77 42.75
N GLY B 51 3.95 4.43 42.68
CA GLY B 51 4.12 5.79 43.10
C GLY B 51 4.35 5.95 44.60
N VAL B 52 4.24 4.86 45.35
CA VAL B 52 4.42 4.91 46.82
C VAL B 52 5.90 5.07 47.19
N THR B 53 6.13 5.59 48.39
CA THR B 53 7.49 5.72 48.95
C THR B 53 8.01 4.34 49.41
N LYS B 54 9.31 4.24 49.64
CA LYS B 54 9.92 2.97 50.05
C LYS B 54 9.33 2.43 51.36
N GLY B 55 9.32 3.26 52.41
CA GLY B 55 8.82 2.88 53.73
C GLY B 55 7.32 2.59 53.78
N ALA B 56 6.58 3.18 52.84
CA ALA B 56 5.15 2.90 52.66
C ALA B 56 4.95 1.46 52.24
N LEU B 57 5.70 1.03 51.22
CA LEU B 57 5.67 -0.35 50.69
C LEU B 57 6.20 -1.37 51.68
N TYR B 58 7.31 -1.03 52.35
CA TYR B 58 7.94 -1.96 53.28
C TYR B 58 7.20 -2.11 54.61
N PHE B 59 6.27 -1.20 54.88
CA PHE B 59 5.34 -1.35 56.00
C PHE B 59 4.41 -2.52 55.72
N HIS B 60 4.00 -2.65 54.46
CA HIS B 60 3.02 -3.64 54.02
C HIS B 60 3.62 -4.96 53.54
N PHE B 61 4.78 -4.88 52.88
CA PHE B 61 5.46 -6.04 52.30
C PHE B 61 6.96 -5.90 52.51
N THR B 62 7.57 -6.92 53.10
CA THR B 62 8.99 -6.86 53.48
C THR B 62 9.94 -7.43 52.43
N SER B 63 9.40 -8.13 51.43
CA SER B 63 10.21 -8.75 50.39
C SER B 63 9.47 -8.80 49.07
N LYS B 64 10.23 -9.00 47.98
CA LYS B 64 9.64 -9.29 46.67
C LYS B 64 8.75 -10.54 46.73
N GLN B 65 9.18 -11.54 47.52
CA GLN B 65 8.41 -12.77 47.73
C GLN B 65 7.05 -12.50 48.37
N GLU B 66 7.04 -11.62 49.37
CA GLU B 66 5.82 -11.24 50.07
C GLU B 66 4.82 -10.57 49.13
N LEU B 67 5.29 -9.59 48.35
CA LEU B 67 4.53 -8.96 47.27
C LEU B 67 3.87 -9.98 46.35
N ALA B 68 4.71 -10.82 45.75
CA ALA B 68 4.31 -11.84 44.80
C ALA B 68 3.33 -12.84 45.40
N GLN B 69 3.53 -13.19 46.67
CA GLN B 69 2.60 -14.04 47.40
C GLN B 69 1.25 -13.35 47.54
N ALA B 70 1.28 -12.07 47.93
CA ALA B 70 0.09 -11.26 48.15
C ALA B 70 -0.76 -11.07 46.90
N VAL B 71 -0.11 -10.92 45.74
CA VAL B 71 -0.86 -10.85 44.48
C VAL B 71 -1.49 -12.22 44.14
N LEU B 72 -0.77 -13.32 44.38
CA LEU B 72 -1.35 -14.67 44.28
C LEU B 72 -2.51 -14.87 45.25
N ALA B 73 -2.34 -14.37 46.48
CA ALA B 73 -3.35 -14.43 47.53
C ALA B 73 -4.65 -13.71 47.14
N GLU B 74 -4.52 -12.63 46.39
CA GLU B 74 -5.67 -11.80 46.04
C GLU B 74 -6.20 -12.03 44.61
N GLN B 75 -5.92 -13.20 44.02
CA GLN B 75 -6.64 -13.65 42.83
C GLN B 75 -7.89 -14.41 43.28
N VAL B 76 -7.80 -15.00 44.47
CA VAL B 76 -8.89 -15.74 45.12
C VAL B 76 -9.88 -14.71 45.67
N ALA B 77 -9.44 -13.95 46.67
CA ALA B 77 -10.18 -12.81 47.21
C ALA B 77 -10.29 -11.71 46.15
N SER B 78 -11.41 -10.99 46.18
CA SER B 78 -11.72 -9.91 45.23
C SER B 78 -11.63 -10.33 43.75
N LEU B 79 -12.17 -11.52 43.46
CA LEU B 79 -12.44 -11.97 42.10
C LEU B 79 -13.95 -11.84 41.89
N PRO B 80 -14.38 -11.02 40.89
CA PRO B 80 -15.79 -10.70 40.65
C PRO B 80 -16.76 -11.88 40.80
N ARG B 81 -17.62 -11.80 41.82
CA ARG B 81 -18.61 -12.83 42.16
C ARG B 81 -19.72 -12.90 41.11
N VAL B 82 -20.04 -14.12 40.69
CA VAL B 82 -21.18 -14.40 39.79
C VAL B 82 -22.53 -14.40 40.53
N PRO B 83 -23.66 -14.19 39.81
CA PRO B 83 -24.97 -14.28 40.49
C PRO B 83 -25.35 -15.70 40.93
N GLU B 84 -26.17 -15.78 41.98
CA GLU B 84 -26.76 -17.04 42.45
C GLU B 84 -27.70 -17.60 41.38
N GLN B 85 -27.14 -18.52 40.59
CA GLN B 85 -27.84 -19.14 39.47
C GLN B 85 -28.75 -20.27 39.94
N GLU B 86 -29.65 -20.71 39.07
CA GLU B 86 -30.50 -21.88 39.33
C GLU B 86 -29.69 -23.19 39.29
N LEU B 87 -28.82 -23.30 38.28
CA LEU B 87 -27.92 -24.45 38.10
C LEU B 87 -26.51 -24.09 38.56
N LYS B 88 -25.97 -24.89 39.48
CA LYS B 88 -24.59 -24.73 39.92
C LYS B 88 -23.55 -24.94 38.80
N LEU B 89 -23.90 -25.78 37.83
CA LEU B 89 -23.01 -26.03 36.68
C LEU B 89 -22.92 -24.83 35.77
N GLN B 90 -24.04 -24.11 35.64
CA GLN B 90 -24.10 -22.87 34.87
C GLN B 90 -23.29 -21.81 35.59
N GLN B 91 -23.40 -21.81 36.92
CA GLN B 91 -22.63 -20.93 37.78
C GLN B 91 -21.13 -21.20 37.61
N SER B 92 -20.77 -22.48 37.47
CA SER B 92 -19.39 -22.89 37.19
C SER B 92 -18.94 -22.49 35.80
N LEU B 93 -19.82 -22.64 34.81
CA LEU B 93 -19.56 -22.23 33.43
C LEU B 93 -19.41 -20.72 33.32
N ASP B 94 -20.23 -19.98 34.07
CA ASP B 94 -20.18 -18.52 34.13
C ASP B 94 -18.87 -18.01 34.72
N GLU B 95 -18.40 -18.69 35.77
CA GLU B 95 -17.12 -18.36 36.43
C GLU B 95 -15.93 -18.54 35.53
N ALA B 96 -15.95 -19.58 34.69
CA ALA B 96 -14.84 -19.89 33.82
C ALA B 96 -14.74 -18.92 32.66
N LEU B 97 -15.88 -18.66 32.01
CA LEU B 97 -15.94 -17.72 30.89
C LEU B 97 -15.71 -16.27 31.32
N LEU B 98 -16.08 -15.92 32.55
CA LEU B 98 -15.79 -14.61 33.13
C LEU B 98 -14.30 -14.39 33.29
N LEU B 99 -13.63 -15.39 33.86
CA LEU B 99 -12.18 -15.39 34.04
C LEU B 99 -11.47 -15.28 32.68
N ALA B 100 -12.05 -15.93 31.66
CA ALA B 100 -11.56 -15.85 30.28
C ALA B 100 -11.62 -14.44 29.73
N HIS B 101 -12.73 -13.75 30.02
CA HIS B 101 -12.89 -12.33 29.65
C HIS B 101 -11.89 -11.47 30.42
N LEU B 102 -11.64 -11.84 31.68
CA LEU B 102 -10.80 -11.04 32.59
C LEU B 102 -9.31 -11.17 32.30
N LEU B 103 -8.91 -12.34 31.78
CA LEU B 103 -7.53 -12.56 31.39
C LEU B 103 -7.20 -11.89 30.05
N ARG B 104 -8.25 -11.52 29.33
CA ARG B 104 -8.15 -11.06 27.95
C ARG B 104 -7.82 -9.58 27.82
N GLU B 105 -8.64 -8.72 28.43
CA GLU B 105 -8.75 -7.30 28.07
C GLU B 105 -7.56 -6.39 28.40
N GLY B 106 -7.44 -5.32 27.62
CA GLY B 106 -6.45 -4.25 27.84
C GLY B 106 -6.49 -3.69 29.25
N THR B 107 -7.70 -3.59 29.79
CA THR B 107 -7.94 -3.57 31.24
C THR B 107 -8.98 -4.65 31.55
N GLY B 108 -8.49 -5.88 31.70
CA GLY B 108 -9.27 -6.94 32.29
C GLY B 108 -9.08 -6.76 33.79
N ASP B 109 -8.17 -7.55 34.34
CA ASP B 109 -7.65 -7.34 35.69
C ASP B 109 -6.15 -7.60 35.66
N PRO B 110 -5.34 -6.60 36.09
CA PRO B 110 -3.89 -6.81 36.22
C PRO B 110 -3.53 -7.89 37.24
N ILE B 111 -4.33 -8.03 38.30
CA ILE B 111 -4.06 -9.05 39.33
C ILE B 111 -4.26 -10.48 38.81
N VAL B 112 -5.32 -10.74 38.05
CA VAL B 112 -5.52 -12.09 37.47
C VAL B 112 -4.39 -12.45 36.48
N GLN B 113 -3.92 -11.46 35.72
CA GLN B 113 -2.88 -11.66 34.71
C GLN B 113 -1.50 -11.89 35.33
N GLY B 114 -1.19 -11.11 36.35
CA GLY B 114 0.05 -11.29 37.12
C GLY B 114 0.09 -12.61 37.85
N SER B 115 -1.03 -12.96 38.48
CA SER B 115 -1.17 -14.21 39.22
C SER B 115 -0.96 -15.43 38.36
N VAL B 116 -1.57 -15.43 37.17
CA VAL B 116 -1.49 -16.58 36.27
C VAL B 116 -0.05 -16.81 35.85
N ARG B 117 0.64 -15.73 35.43
CA ARG B 117 2.07 -15.77 35.06
C ARG B 117 2.95 -16.25 36.22
N LEU B 118 2.70 -15.73 37.42
CA LEU B 118 3.42 -16.16 38.62
C LEU B 118 3.18 -17.65 38.95
N THR B 119 1.96 -18.14 38.70
CA THR B 119 1.61 -19.53 38.95
C THR B 119 2.25 -20.47 37.93
N VAL B 120 2.16 -20.10 36.64
CA VAL B 120 2.54 -20.98 35.53
C VAL B 120 4.06 -21.02 35.28
N ASP B 121 4.75 -19.88 35.42
CA ASP B 121 6.21 -19.81 35.33
C ASP B 121 6.88 -20.68 36.41
N GLN B 122 8.03 -21.24 36.10
CA GLN B 122 8.70 -22.15 37.03
C GLN B 122 9.57 -21.45 38.07
N GLY B 123 10.50 -20.62 37.61
CA GLY B 123 11.46 -19.96 38.51
C GLY B 123 12.52 -20.85 39.15
N SER B 124 13.59 -20.20 39.59
CA SER B 124 14.76 -20.81 40.20
C SER B 124 14.46 -21.66 41.45
N PRO B 125 15.39 -22.58 41.83
CA PRO B 125 15.35 -23.14 43.20
C PRO B 125 15.70 -22.10 44.28
N ARG B 126 16.03 -20.88 43.84
CA ARG B 126 16.27 -19.73 44.71
C ARG B 126 14.99 -19.30 45.45
N ASP B 127 13.87 -19.19 44.72
CA ASP B 127 12.62 -18.63 45.25
C ASP B 127 11.90 -19.58 46.20
N HIS B 128 11.17 -18.98 47.15
CA HIS B 128 10.33 -19.71 48.09
C HIS B 128 8.86 -19.29 47.91
N LEU B 129 8.47 -19.02 46.67
CA LEU B 129 7.10 -18.64 46.36
C LEU B 129 6.19 -19.86 46.36
N ASN B 130 5.04 -19.74 47.02
CA ASN B 130 4.12 -20.86 47.20
C ASN B 130 3.04 -20.84 46.15
N ARG B 131 3.27 -21.62 45.09
CA ARG B 131 2.36 -21.72 43.96
C ARG B 131 1.20 -22.68 44.23
N ARG B 132 1.38 -23.56 45.21
CA ARG B 132 0.35 -24.52 45.63
C ARG B 132 -0.91 -23.84 46.15
N VAL B 133 -0.73 -22.69 46.80
CA VAL B 133 -1.80 -21.97 47.49
C VAL B 133 -2.92 -21.45 46.56
N PRO B 134 -2.58 -20.66 45.51
CA PRO B 134 -3.68 -20.26 44.61
C PRO B 134 -4.35 -21.44 43.88
N MET B 135 -3.57 -22.45 43.52
CA MET B 135 -4.06 -23.66 42.87
C MET B 135 -5.01 -24.46 43.75
N GLN B 136 -4.65 -24.61 45.04
CA GLN B 136 -5.48 -25.33 46.02
C GLN B 136 -6.83 -24.64 46.25
N ALA B 137 -6.80 -23.31 46.29
CA ALA B 137 -7.99 -22.50 46.47
C ALA B 137 -8.90 -22.59 45.23
N TRP B 138 -8.28 -22.62 44.06
CA TRP B 138 -8.98 -22.80 42.79
C TRP B 138 -9.70 -24.13 42.78
N THR B 139 -8.98 -25.19 43.13
CA THR B 139 -9.49 -26.56 43.16
C THR B 139 -10.60 -26.73 44.19
N GLU B 140 -10.39 -26.21 45.41
CA GLU B 140 -11.39 -26.32 46.49
C GLU B 140 -12.69 -25.56 46.18
N HIS B 141 -12.58 -24.43 45.49
CA HIS B 141 -13.76 -23.67 45.07
C HIS B 141 -14.53 -24.41 43.98
N THR B 142 -13.79 -24.98 43.03
CA THR B 142 -14.34 -25.77 41.92
C THR B 142 -14.99 -27.04 42.46
N GLN B 143 -14.35 -27.70 43.43
CA GLN B 143 -14.91 -28.88 44.09
C GLN B 143 -16.23 -28.58 44.82
N SER B 144 -16.27 -27.44 45.52
CA SER B 144 -17.46 -26.99 46.25
C SER B 144 -18.66 -26.75 45.34
N LEU B 145 -18.41 -26.10 44.20
CA LEU B 145 -19.44 -25.89 43.17
C LEU B 145 -19.98 -27.18 42.59
N PHE B 146 -19.10 -28.18 42.44
CA PHE B 146 -19.48 -29.47 41.93
C PHE B 146 -20.24 -30.28 42.97
N GLU B 147 -19.79 -30.20 44.23
CA GLU B 147 -20.48 -30.83 45.37
C GLU B 147 -21.89 -30.28 45.57
N GLU B 148 -22.05 -28.97 45.35
CA GLU B 148 -23.36 -28.32 45.40
C GLU B 148 -24.24 -28.78 44.24
N ALA B 149 -23.64 -28.94 43.07
CA ALA B 149 -24.34 -29.45 41.88
C ALA B 149 -24.75 -30.92 42.05
N ARG B 150 -23.93 -31.68 42.77
CA ARG B 150 -24.22 -33.08 43.10
C ARG B 150 -25.46 -33.22 43.99
N ALA B 151 -25.47 -32.50 45.11
CA ALA B 151 -26.56 -32.51 46.08
C ALA B 151 -27.94 -32.22 45.47
N LYS B 152 -28.02 -31.33 44.48
CA LYS B 152 -29.26 -31.08 43.76
C LYS B 152 -29.41 -31.86 42.44
N GLY B 153 -28.62 -32.93 42.31
CA GLY B 153 -28.70 -33.88 41.19
C GLY B 153 -28.49 -33.33 39.80
N GLU B 154 -27.59 -32.35 39.66
CA GLU B 154 -27.15 -31.86 38.35
C GLU B 154 -26.13 -32.81 37.74
N ILE B 155 -25.37 -33.49 38.60
CA ILE B 155 -24.32 -34.43 38.18
C ILE B 155 -24.48 -35.80 38.83
N LEU B 156 -23.86 -36.81 38.22
CA LEU B 156 -23.94 -38.21 38.63
C LEU B 156 -23.61 -38.39 40.12
N PRO B 157 -24.44 -39.18 40.85
CA PRO B 157 -24.44 -39.15 42.32
C PRO B 157 -23.16 -39.67 43.00
N HIS B 158 -22.27 -40.30 42.23
CA HIS B 158 -21.00 -40.78 42.76
C HIS B 158 -19.77 -40.39 41.90
N ALA B 159 -19.95 -39.41 41.02
CA ALA B 159 -18.86 -38.84 40.21
C ALA B 159 -17.79 -38.24 41.13
N ASP B 160 -16.52 -38.53 40.81
CA ASP B 160 -15.39 -38.13 41.65
C ASP B 160 -15.25 -36.61 41.59
N VAL B 161 -15.87 -35.98 42.58
CA VAL B 161 -16.01 -34.54 42.67
C VAL B 161 -14.67 -33.83 42.88
N GLU B 162 -13.72 -34.53 43.52
CA GLU B 162 -12.37 -34.03 43.74
C GLU B 162 -11.51 -34.13 42.48
N ALA B 163 -11.60 -35.28 41.81
CA ALA B 163 -10.83 -35.55 40.60
C ALA B 163 -11.26 -34.66 39.44
N LEU B 164 -12.54 -34.27 39.45
CA LEU B 164 -13.10 -33.35 38.47
C LEU B 164 -12.60 -31.91 38.60
N ALA B 165 -12.48 -31.43 39.84
CA ALA B 165 -11.97 -30.09 40.11
C ALA B 165 -10.50 -29.97 39.71
N LYS B 166 -9.71 -30.97 40.05
CA LYS B 166 -8.32 -31.09 39.58
C LYS B 166 -8.23 -31.13 38.03
N LEU B 167 -9.23 -31.75 37.40
CA LEU B 167 -9.31 -31.78 35.96
C LEU B 167 -9.61 -30.41 35.38
N PHE B 168 -10.63 -29.73 35.94
CA PHE B 168 -11.05 -28.43 35.43
C PHE B 168 -9.99 -27.34 35.62
N VAL B 169 -9.47 -27.21 36.85
CA VAL B 169 -8.38 -26.28 37.16
C VAL B 169 -7.20 -26.54 36.21
N GLY B 170 -6.77 -27.80 36.16
CA GLY B 170 -5.65 -28.23 35.32
C GLY B 170 -5.85 -27.87 33.87
N ALA B 171 -6.92 -28.38 33.27
CA ALA B 171 -7.20 -28.16 31.85
C ALA B 171 -7.38 -26.68 31.48
N PHE B 172 -8.18 -25.94 32.28
CA PHE B 172 -8.36 -24.49 32.09
C PHE B 172 -7.02 -23.80 31.99
N THR B 173 -6.14 -24.05 32.97
CA THR B 173 -4.79 -23.46 33.02
C THR B 173 -4.07 -23.61 31.67
N GLY B 174 -4.19 -24.80 31.07
CA GLY B 174 -3.52 -25.08 29.81
C GLY B 174 -4.20 -24.48 28.61
N VAL B 175 -5.53 -24.49 28.65
CA VAL B 175 -6.36 -23.84 27.64
C VAL B 175 -5.99 -22.36 27.53
N GLN B 176 -5.82 -21.70 28.69
CA GLN B 176 -5.30 -20.35 28.79
C GLN B 176 -3.88 -20.21 28.21
N VAL B 177 -2.97 -21.11 28.62
CA VAL B 177 -1.55 -21.04 28.21
C VAL B 177 -1.42 -21.14 26.70
N LEU B 178 -2.03 -22.17 26.12
CA LEU B 178 -2.02 -22.41 24.68
C LEU B 178 -2.69 -21.24 23.93
N SER B 179 -3.78 -20.73 24.51
CA SER B 179 -4.49 -19.54 24.01
C SER B 179 -3.65 -18.26 24.01
N ARG B 180 -2.84 -18.09 25.05
CA ARG B 180 -1.94 -16.92 25.19
C ARG B 180 -0.93 -16.94 24.05
N ILE B 181 -0.33 -18.11 23.82
CA ILE B 181 0.71 -18.32 22.82
C ILE B 181 0.17 -18.11 21.38
N MET B 182 -0.94 -18.78 21.07
CA MET B 182 -1.53 -18.76 19.72
C MET B 182 -2.18 -17.44 19.30
N THR B 183 -2.99 -16.85 20.19
CA THR B 183 -3.83 -15.72 19.82
C THR B 183 -3.90 -14.60 20.87
N GLY B 184 -2.88 -14.47 21.71
CA GLY B 184 -2.89 -13.45 22.78
C GLY B 184 -4.16 -13.45 23.63
N ARG B 185 -4.67 -14.65 23.92
CA ARG B 185 -5.92 -14.89 24.67
C ARG B 185 -7.19 -14.36 23.99
N ALA B 186 -7.10 -14.08 22.69
CA ALA B 186 -8.25 -13.60 21.89
C ALA B 186 -9.35 -14.65 21.79
N ASP B 187 -8.97 -15.89 21.49
CA ASP B 187 -9.93 -16.99 21.34
C ASP B 187 -10.25 -17.71 22.64
N LEU B 188 -9.67 -17.24 23.76
CA LEU B 188 -9.79 -17.93 25.05
C LEU B 188 -11.21 -18.40 25.39
N ALA B 189 -12.18 -17.48 25.30
CA ALA B 189 -13.59 -17.76 25.63
C ALA B 189 -14.15 -18.94 24.83
N GLU B 190 -13.90 -18.93 23.52
CA GLU B 190 -14.29 -20.03 22.63
C GLU B 190 -13.67 -21.35 23.05
N ARG B 191 -12.37 -21.32 23.38
CA ARG B 191 -11.63 -22.51 23.80
C ARG B 191 -12.18 -23.06 25.11
N VAL B 192 -12.52 -22.15 26.04
CA VAL B 192 -13.08 -22.52 27.35
C VAL B 192 -14.49 -23.11 27.16
N ALA B 193 -15.27 -22.49 26.27
CA ALA B 193 -16.55 -23.02 25.83
C ALA B 193 -16.42 -24.45 25.30
N ASP B 194 -15.44 -24.67 24.42
CA ASP B 194 -15.09 -26.00 23.93
C ASP B 194 -14.76 -26.95 25.08
N LEU B 195 -13.92 -26.48 26.00
CA LEU B 195 -13.47 -27.27 27.15
C LEU B 195 -14.65 -27.81 27.95
N TYR B 196 -15.57 -26.92 28.29
CA TYR B 196 -16.76 -27.27 29.08
C TYR B 196 -17.77 -28.12 28.30
N ARG B 197 -17.96 -27.79 27.02
CA ARG B 197 -18.89 -28.47 26.15
C ARG B 197 -18.51 -29.93 25.97
N HIS B 198 -17.21 -30.22 26.02
CA HIS B 198 -16.69 -31.57 25.81
C HIS B 198 -16.51 -32.38 27.10
N LEU B 199 -16.30 -31.69 28.22
CA LEU B 199 -16.11 -32.35 29.54
C LEU B 199 -17.40 -32.66 30.30
N MET B 200 -18.38 -31.77 30.23
CA MET B 200 -19.63 -31.95 31.01
C MET B 200 -20.44 -33.23 30.75
N PRO B 201 -20.65 -33.63 29.45
CA PRO B 201 -21.40 -34.87 29.18
C PRO B 201 -20.93 -36.12 29.94
N SER B 202 -19.64 -36.21 30.25
CA SER B 202 -19.07 -37.36 30.98
C SER B 202 -19.51 -37.48 32.46
N PHE B 203 -20.07 -36.42 33.02
CA PHE B 203 -20.53 -36.43 34.43
C PHE B 203 -21.87 -35.73 34.69
N ALA B 204 -22.39 -34.98 33.72
CA ALA B 204 -23.68 -34.31 33.84
C ALA B 204 -24.84 -35.29 33.74
N MET B 205 -25.89 -35.05 34.54
CA MET B 205 -27.12 -35.86 34.52
C MET B 205 -27.91 -35.65 33.22
N PRO B 206 -28.81 -36.61 32.88
CA PRO B 206 -29.74 -36.44 31.74
C PRO B 206 -30.65 -35.22 31.89
N GLY B 207 -30.82 -34.49 30.78
CA GLY B 207 -31.61 -33.25 30.75
C GLY B 207 -30.83 -31.98 31.03
N ILE B 208 -29.78 -32.09 31.85
CA ILE B 208 -29.01 -30.95 32.39
C ILE B 208 -28.17 -30.21 31.32
N LEU B 209 -27.57 -30.97 30.40
CA LEU B 209 -26.64 -30.43 29.40
C LEU B 209 -27.29 -29.40 28.45
N VAL B 210 -28.48 -29.71 27.94
CA VAL B 210 -29.19 -28.83 26.98
C VAL B 210 -29.64 -27.50 27.58
N ARG B 211 -29.79 -27.48 28.91
CA ARG B 211 -30.17 -26.30 29.68
C ARG B 211 -29.04 -25.27 29.82
N LEU B 212 -27.80 -25.69 29.58
CA LEU B 212 -26.63 -24.82 29.77
C LEU B 212 -26.43 -23.86 28.61
N ASP B 213 -25.94 -22.66 28.94
CA ASP B 213 -25.78 -21.57 28.00
C ASP B 213 -24.30 -21.28 27.73
N PHE B 214 -23.74 -21.98 26.74
CA PHE B 214 -22.32 -21.87 26.37
C PHE B 214 -21.97 -20.66 25.51
N SER B 215 -23.00 -19.91 25.09
CA SER B 215 -22.88 -18.87 24.07
C SER B 215 -22.03 -17.65 24.49
N PRO B 216 -21.27 -17.06 23.54
CA PRO B 216 -20.57 -15.78 23.76
C PRO B 216 -21.52 -14.60 23.99
N GLU B 217 -22.77 -14.73 23.52
CA GLU B 217 -23.84 -13.75 23.82
C GLU B 217 -24.30 -13.80 25.28
N ARG B 218 -24.15 -14.96 25.92
CA ARG B 218 -24.45 -15.09 27.35
C ARG B 218 -23.25 -14.68 28.20
N GLY B 219 -22.05 -15.13 27.82
CA GLY B 219 -20.80 -14.84 28.54
C GLY B 219 -20.43 -13.37 28.63
N SER B 220 -20.86 -12.61 27.61
CA SER B 220 -20.68 -11.16 27.57
C SER B 220 -21.63 -10.41 28.51
N ARG B 221 -22.85 -10.94 28.67
CA ARG B 221 -23.85 -10.40 29.62
C ARG B 221 -23.39 -10.58 31.07
N VAL B 222 -22.79 -11.73 31.36
CA VAL B 222 -22.21 -12.03 32.69
C VAL B 222 -20.99 -11.14 32.96
N TYR B 223 -20.26 -10.79 31.90
CA TYR B 223 -19.11 -9.88 31.98
C TYR B 223 -19.55 -8.51 32.50
N GLU B 224 -20.43 -7.84 31.75
CA GLU B 224 -20.87 -6.46 32.05
C GLU B 224 -21.70 -6.33 33.33
N ALA B 225 -22.46 -7.38 33.64
CA ALA B 225 -23.24 -7.44 34.88
C ALA B 225 -22.32 -7.52 36.11
N ALA B 226 -21.33 -8.40 36.05
CA ALA B 226 -20.36 -8.56 37.13
C ALA B 226 -19.40 -7.38 37.22
N MET B 227 -19.09 -6.76 36.07
CA MET B 227 -18.24 -5.56 36.05
C MET B 227 -19.00 -4.32 36.52
N LYS B 228 -19.06 -4.17 37.84
CA LYS B 228 -19.72 -3.07 38.56
C LYS B 228 -19.24 -3.03 40.00
N ARG E 17 -19.00 58.60 -7.66
CA ARG E 17 -18.64 59.82 -8.42
C ARG E 17 -17.26 60.35 -8.00
N ALA E 18 -17.17 60.89 -6.78
CA ALA E 18 -15.91 61.33 -6.17
C ALA E 18 -15.22 60.17 -5.42
N ILE E 19 -15.99 59.11 -5.17
CA ILE E 19 -15.53 57.90 -4.47
C ILE E 19 -14.41 57.17 -5.24
N ARG E 20 -14.34 57.38 -6.55
CA ARG E 20 -13.23 56.88 -7.38
C ARG E 20 -11.92 57.65 -7.17
N THR E 21 -12.01 58.97 -6.99
CA THR E 21 -10.84 59.85 -6.83
C THR E 21 -10.16 59.66 -5.45
N ARG E 22 -10.95 59.27 -4.44
CA ARG E 22 -10.47 58.91 -3.10
C ARG E 22 -9.58 57.67 -3.14
N GLN E 23 -9.98 56.67 -3.94
CA GLN E 23 -9.18 55.45 -4.14
C GLN E 23 -7.93 55.70 -5.00
N THR E 24 -7.96 56.75 -5.83
CA THR E 24 -6.79 57.16 -6.60
C THR E 24 -5.76 57.82 -5.68
N ILE E 25 -6.26 58.56 -4.68
CA ILE E 25 -5.44 59.09 -3.58
C ILE E 25 -4.90 57.94 -2.73
N LEU E 26 -5.80 57.13 -2.16
CA LEU E 26 -5.42 56.04 -1.24
C LEU E 26 -4.36 55.09 -1.75
N VAL E 27 -4.43 54.77 -3.05
CA VAL E 27 -3.45 53.92 -3.69
C VAL E 27 -2.11 54.65 -3.76
N ALA E 28 -2.14 55.92 -4.15
CA ALA E 28 -0.93 56.74 -4.27
C ALA E 28 -0.19 56.90 -2.94
N ALA E 29 -0.94 57.20 -1.87
CA ALA E 29 -0.37 57.30 -0.53
C ALA E 29 0.30 55.98 -0.15
N ALA E 30 -0.43 54.87 -0.29
CA ALA E 30 0.09 53.54 -0.01
C ALA E 30 1.36 53.21 -0.82
N GLU E 31 1.36 53.63 -2.08
CA GLU E 31 2.48 53.40 -2.99
C GLU E 31 3.72 54.18 -2.53
N VAL E 32 3.49 55.41 -2.04
CA VAL E 32 4.54 56.26 -1.46
C VAL E 32 5.04 55.63 -0.14
N PHE E 33 4.10 55.28 0.74
CA PHE E 33 4.40 54.66 2.04
C PHE E 33 5.15 53.34 1.93
N ASP E 34 4.84 52.54 0.91
CA ASP E 34 5.57 51.29 0.66
C ASP E 34 7.05 51.55 0.39
N GLU E 35 7.35 52.60 -0.38
CA GLU E 35 8.72 52.79 -0.86
C GLU E 35 9.64 53.60 0.05
N VAL E 36 9.09 54.50 0.87
CA VAL E 36 9.92 55.31 1.80
C VAL E 36 9.52 55.25 3.28
N GLY E 37 8.40 54.60 3.58
CA GLY E 37 7.87 54.52 4.95
C GLY E 37 7.10 55.77 5.35
N TYR E 38 6.34 55.66 6.44
CA TYR E 38 5.51 56.77 6.92
C TYR E 38 6.32 58.03 7.25
N GLU E 39 7.48 57.85 7.90
CA GLU E 39 8.30 58.96 8.39
C GLU E 39 8.82 59.86 7.27
N ALA E 40 9.59 59.27 6.35
CA ALA E 40 10.27 59.97 5.25
C ALA E 40 9.31 60.59 4.22
N ALA E 41 8.14 59.98 4.05
CA ALA E 41 7.10 60.45 3.13
C ALA E 41 6.58 61.81 3.54
N THR E 42 6.27 62.65 2.56
CA THR E 42 5.64 63.95 2.77
C THR E 42 4.21 63.95 2.24
N ILE E 43 3.46 64.99 2.58
CA ILE E 43 2.11 65.20 2.02
C ILE E 43 2.19 65.49 0.52
N SER E 44 3.19 66.28 0.11
CA SER E 44 3.51 66.56 -1.30
C SER E 44 3.79 65.29 -2.08
N ASP E 45 4.53 64.36 -1.47
CA ASP E 45 4.80 63.04 -2.06
C ASP E 45 3.52 62.36 -2.51
N VAL E 46 2.49 62.42 -1.67
CA VAL E 46 1.19 61.84 -2.00
C VAL E 46 0.53 62.62 -3.15
N LEU E 47 0.57 63.95 -3.10
CA LEU E 47 0.03 64.80 -4.17
C LEU E 47 0.65 64.48 -5.53
N LYS E 48 1.97 64.62 -5.64
CA LYS E 48 2.67 64.36 -6.89
C LYS E 48 2.32 63.02 -7.54
N ARG E 49 2.23 61.94 -6.74
CA ARG E 49 1.85 60.64 -7.29
C ARG E 49 0.38 60.53 -7.70
N SER E 50 -0.52 61.01 -6.83
CA SER E 50 -1.97 60.98 -7.08
C SER E 50 -2.39 61.84 -8.27
N GLY E 51 -1.64 62.94 -8.49
CA GLY E 51 -1.90 63.87 -9.58
C GLY E 51 -3.21 64.63 -9.46
N VAL E 52 -3.83 64.58 -8.28
CA VAL E 52 -5.02 65.37 -8.00
C VAL E 52 -4.61 66.73 -7.45
N THR E 53 -5.56 67.67 -7.40
CA THR E 53 -5.29 69.02 -6.90
C THR E 53 -5.20 69.05 -5.37
N LYS E 54 -4.53 70.08 -4.84
CA LYS E 54 -4.49 70.34 -3.40
C LYS E 54 -5.89 70.24 -2.77
N GLY E 55 -6.85 70.93 -3.38
CA GLY E 55 -8.25 70.98 -2.92
C GLY E 55 -8.97 69.65 -3.00
N ALA E 56 -8.66 68.86 -4.03
CA ALA E 56 -9.17 67.50 -4.15
C ALA E 56 -8.78 66.66 -2.93
N LEU E 57 -7.53 66.83 -2.48
CA LEU E 57 -7.01 66.16 -1.30
C LEU E 57 -7.68 66.64 0.00
N TYR E 58 -7.74 67.96 0.23
CA TYR E 58 -8.36 68.54 1.45
C TYR E 58 -9.69 67.89 1.80
N PHE E 59 -10.55 67.71 0.80
CA PHE E 59 -11.90 67.16 0.99
C PHE E 59 -11.89 65.73 1.52
N HIS E 60 -10.91 64.94 1.10
CA HIS E 60 -10.83 63.53 1.50
C HIS E 60 -9.92 63.28 2.71
N PHE E 61 -8.73 63.89 2.71
CA PHE E 61 -7.75 63.69 3.78
C PHE E 61 -7.09 65.00 4.21
N THR E 62 -7.18 65.25 5.52
CA THR E 62 -6.65 66.47 6.11
C THR E 62 -5.12 66.46 6.29
N SER E 63 -4.54 65.26 6.45
CA SER E 63 -3.15 65.08 6.89
C SER E 63 -2.56 63.71 6.53
N LYS E 64 -1.22 63.65 6.41
CA LYS E 64 -0.48 62.41 6.15
C LYS E 64 -0.86 61.27 7.11
N GLN E 65 -1.15 61.64 8.36
CA GLN E 65 -1.63 60.73 9.40
C GLN E 65 -2.97 60.11 8.99
N GLU E 66 -3.95 60.95 8.68
CA GLU E 66 -5.26 60.50 8.20
C GLU E 66 -5.15 59.56 7.00
N LEU E 67 -4.26 59.90 6.07
CA LEU E 67 -3.97 59.07 4.90
C LEU E 67 -3.54 57.68 5.33
N ALA E 68 -2.41 57.59 6.03
CA ALA E 68 -1.83 56.31 6.47
C ALA E 68 -2.81 55.45 7.24
N GLN E 69 -3.58 56.08 8.14
CA GLN E 69 -4.57 55.36 8.95
C GLN E 69 -5.61 54.68 8.07
N ALA E 70 -6.11 55.41 7.07
CA ALA E 70 -7.08 54.89 6.11
C ALA E 70 -6.55 53.73 5.27
N VAL E 71 -5.29 53.79 4.83
CA VAL E 71 -4.66 52.64 4.13
C VAL E 71 -4.43 51.43 5.06
N LEU E 72 -4.14 51.68 6.33
CA LEU E 72 -4.14 50.63 7.36
C LEU E 72 -5.53 50.03 7.54
N ALA E 73 -6.54 50.90 7.63
CA ALA E 73 -7.93 50.51 7.91
C ALA E 73 -8.61 49.73 6.78
N GLU E 74 -7.99 49.70 5.60
CA GLU E 74 -8.51 48.97 4.45
C GLU E 74 -7.59 47.84 4.00
N GLN E 75 -6.81 47.30 4.95
CA GLN E 75 -5.92 46.17 4.67
C GLN E 75 -6.69 44.87 4.56
N VAL E 76 -7.67 44.69 5.44
CA VAL E 76 -8.43 43.44 5.56
C VAL E 76 -9.44 43.29 4.43
N ALA E 77 -10.23 44.35 4.20
CA ALA E 77 -11.25 44.39 3.14
C ALA E 77 -10.68 44.34 1.70
N SER E 78 -9.38 44.61 1.56
CA SER E 78 -8.72 44.62 0.25
C SER E 78 -7.97 43.32 -0.09
N LEU E 79 -8.11 42.30 0.76
CA LEU E 79 -7.77 40.93 0.40
C LEU E 79 -9.01 40.31 -0.25
N PRO E 80 -8.91 39.91 -1.55
CA PRO E 80 -10.04 39.22 -2.20
C PRO E 80 -10.31 37.85 -1.59
N ARG E 81 -11.58 37.59 -1.27
CA ARG E 81 -12.01 36.30 -0.73
C ARG E 81 -12.06 35.25 -1.83
N VAL E 82 -11.55 34.06 -1.53
CA VAL E 82 -11.58 32.91 -2.44
C VAL E 82 -13.01 32.35 -2.63
N PRO E 83 -13.28 31.71 -3.79
CA PRO E 83 -14.58 31.03 -3.99
C PRO E 83 -14.91 30.01 -2.89
N GLU E 84 -16.20 29.96 -2.53
CA GLU E 84 -16.72 29.17 -1.40
C GLU E 84 -16.16 27.74 -1.32
N GLN E 85 -15.26 27.56 -0.37
CA GLN E 85 -14.52 26.31 -0.20
C GLN E 85 -15.31 25.30 0.65
N GLU E 86 -15.15 24.02 0.31
CA GLU E 86 -15.75 22.92 1.07
C GLU E 86 -15.10 22.76 2.46
N LEU E 87 -13.76 22.61 2.48
CA LEU E 87 -12.97 22.55 3.72
C LEU E 87 -12.61 23.95 4.17
N LYS E 88 -13.01 24.27 5.40
CA LYS E 88 -12.82 25.60 5.97
C LYS E 88 -11.34 25.95 6.18
N LEU E 89 -10.53 24.96 6.53
CA LEU E 89 -9.08 25.13 6.69
C LEU E 89 -8.34 25.29 5.37
N GLN E 90 -8.91 24.74 4.30
CA GLN E 90 -8.36 24.93 2.96
C GLN E 90 -8.57 26.37 2.50
N GLN E 91 -9.69 26.97 2.91
CA GLN E 91 -9.97 28.38 2.62
C GLN E 91 -8.89 29.26 3.26
N SER E 92 -8.62 29.01 4.54
CA SER E 92 -7.57 29.71 5.28
C SER E 92 -6.19 29.51 4.64
N LEU E 93 -5.92 28.28 4.18
CA LEU E 93 -4.69 27.96 3.48
C LEU E 93 -4.59 28.69 2.14
N ASP E 94 -5.70 28.72 1.41
CA ASP E 94 -5.75 29.35 0.08
C ASP E 94 -5.64 30.87 0.15
N GLU E 95 -6.24 31.47 1.18
CA GLU E 95 -6.15 32.90 1.46
C GLU E 95 -4.72 33.34 1.72
N ALA E 96 -4.02 32.55 2.53
CA ALA E 96 -2.62 32.78 2.89
C ALA E 96 -1.68 32.65 1.69
N LEU E 97 -1.90 31.60 0.88
CA LEU E 97 -1.14 31.38 -0.34
C LEU E 97 -1.43 32.41 -1.44
N LEU E 98 -2.62 33.01 -1.38
CA LEU E 98 -3.01 34.08 -2.32
C LEU E 98 -2.35 35.40 -1.93
N LEU E 99 -2.45 35.74 -0.64
CA LEU E 99 -1.79 36.92 -0.09
C LEU E 99 -0.28 36.86 -0.32
N ALA E 100 0.28 35.64 -0.32
CA ALA E 100 1.67 35.38 -0.67
C ALA E 100 2.01 35.78 -2.10
N HIS E 101 1.11 35.48 -3.04
CA HIS E 101 1.24 35.89 -4.44
C HIS E 101 0.92 37.38 -4.66
N LEU E 102 -0.04 37.91 -3.90
CA LEU E 102 -0.46 39.31 -3.98
C LEU E 102 0.61 40.33 -3.55
N LEU E 103 1.59 39.86 -2.77
CA LEU E 103 2.72 40.69 -2.36
C LEU E 103 3.89 40.51 -3.33
N ARG E 104 4.09 39.27 -3.78
CA ARG E 104 5.20 38.88 -4.63
C ARG E 104 5.17 39.51 -6.04
N GLU E 105 4.23 39.06 -6.88
CA GLU E 105 4.19 39.40 -8.31
C GLU E 105 3.54 40.75 -8.60
N GLY E 106 4.39 41.80 -8.63
CA GLY E 106 3.96 43.18 -8.85
C GLY E 106 2.83 43.63 -7.96
N THR E 107 2.03 44.56 -8.45
CA THR E 107 0.83 45.01 -7.75
C THR E 107 -0.34 44.11 -8.10
N GLY E 108 -0.46 43.01 -7.35
CA GLY E 108 -1.69 42.22 -7.29
C GLY E 108 -2.75 43.09 -6.65
N ASP E 109 -2.33 43.76 -5.57
CA ASP E 109 -3.04 44.89 -4.98
C ASP E 109 -1.97 45.86 -4.43
N PRO E 110 -2.04 47.15 -4.84
CA PRO E 110 -1.03 48.13 -4.37
C PRO E 110 -1.17 48.52 -2.89
N ILE E 111 -2.41 48.50 -2.39
CA ILE E 111 -2.72 48.84 -1.00
C ILE E 111 -2.00 47.92 -0.01
N VAL E 112 -2.14 46.60 -0.16
CA VAL E 112 -1.62 45.62 0.80
C VAL E 112 -0.11 45.66 1.06
N GLN E 113 0.66 46.12 0.07
CA GLN E 113 2.13 46.21 0.20
C GLN E 113 2.54 47.33 1.16
N GLY E 114 2.00 48.53 0.94
CA GLY E 114 2.23 49.68 1.79
C GLY E 114 1.59 49.50 3.15
N SER E 115 0.39 48.93 3.17
CA SER E 115 -0.34 48.68 4.41
C SER E 115 0.31 47.62 5.31
N VAL E 116 1.06 46.69 4.71
CA VAL E 116 1.86 45.76 5.50
C VAL E 116 3.09 46.46 6.08
N ARG E 117 3.86 47.15 5.22
CA ARG E 117 5.03 47.97 5.63
C ARG E 117 4.69 49.02 6.71
N LEU E 118 3.54 49.68 6.56
CA LEU E 118 3.05 50.61 7.58
C LEU E 118 2.74 49.94 8.92
N THR E 119 2.49 48.62 8.91
CA THR E 119 2.24 47.89 10.15
C THR E 119 3.52 47.33 10.77
N VAL E 120 4.41 46.79 9.92
CA VAL E 120 5.66 46.14 10.38
C VAL E 120 6.73 47.15 10.79
N ASP E 121 6.85 48.26 10.05
CA ASP E 121 7.69 49.40 10.47
C ASP E 121 7.35 49.83 11.90
N GLN E 122 8.38 50.11 12.69
CA GLN E 122 8.20 50.44 14.10
C GLN E 122 7.67 51.86 14.31
N GLY E 123 8.25 52.83 13.59
CA GLY E 123 7.90 54.24 13.75
C GLY E 123 8.21 54.79 15.13
N SER E 124 7.31 55.64 15.61
CA SER E 124 7.44 56.32 16.91
C SER E 124 6.06 56.44 17.58
N PRO E 125 6.02 56.53 18.94
CA PRO E 125 4.75 56.90 19.58
C PRO E 125 4.32 58.34 19.28
N ARG E 126 5.28 59.20 18.91
CA ARG E 126 5.01 60.60 18.58
C ARG E 126 4.25 60.79 17.24
N ASP E 127 4.43 59.84 16.29
CA ASP E 127 3.49 59.70 15.17
C ASP E 127 2.26 58.97 15.71
N HIS E 128 1.07 59.44 15.33
CA HIS E 128 -0.14 58.95 15.97
C HIS E 128 -0.90 57.87 15.19
N LEU E 129 -0.13 57.07 14.44
CA LEU E 129 -0.64 55.89 13.75
C LEU E 129 -1.06 54.80 14.72
N ASN E 130 -2.12 54.10 14.35
CA ASN E 130 -2.72 53.05 15.15
C ASN E 130 -2.57 51.73 14.40
N ARG E 131 -1.40 51.13 14.55
CA ARG E 131 -1.08 49.83 13.91
C ARG E 131 -1.85 48.66 14.54
N ARG E 132 -2.55 48.93 15.64
CA ARG E 132 -3.39 47.95 16.33
C ARG E 132 -4.61 47.54 15.51
N VAL E 133 -5.19 48.49 14.77
CA VAL E 133 -6.40 48.28 13.96
C VAL E 133 -6.25 47.21 12.84
N PRO E 134 -5.26 47.35 11.93
CA PRO E 134 -5.12 46.31 10.88
C PRO E 134 -4.77 44.93 11.43
N MET E 135 -4.12 44.89 12.58
CA MET E 135 -3.63 43.67 13.22
C MET E 135 -4.68 42.97 14.09
N GLN E 136 -5.53 43.74 14.76
CA GLN E 136 -6.69 43.20 15.48
C GLN E 136 -7.68 42.60 14.49
N ALA E 137 -8.03 43.37 13.46
CA ALA E 137 -9.00 42.98 12.44
C ALA E 137 -8.55 41.76 11.65
N TRP E 138 -7.24 41.64 11.43
CA TRP E 138 -6.65 40.47 10.80
C TRP E 138 -6.72 39.24 11.70
N THR E 139 -6.69 39.45 13.02
CA THR E 139 -6.76 38.36 14.01
C THR E 139 -8.17 37.81 14.15
N GLU E 140 -9.15 38.70 14.31
CA GLU E 140 -10.58 38.35 14.40
C GLU E 140 -11.06 37.57 13.18
N HIS E 141 -10.58 37.97 12.01
CA HIS E 141 -10.90 37.30 10.74
C HIS E 141 -10.31 35.88 10.68
N THR E 142 -9.06 35.72 11.12
CA THR E 142 -8.42 34.41 11.21
C THR E 142 -9.12 33.54 12.27
N GLN E 143 -9.66 34.18 13.30
CA GLN E 143 -10.43 33.50 14.33
C GLN E 143 -11.81 33.07 13.84
N SER E 144 -12.44 33.90 13.00
CA SER E 144 -13.72 33.58 12.35
C SER E 144 -13.61 32.27 11.56
N LEU E 145 -12.60 32.21 10.68
CA LEU E 145 -12.26 31.00 9.93
C LEU E 145 -11.99 29.79 10.82
N PHE E 146 -11.25 29.98 11.90
CA PHE E 146 -10.92 28.88 12.82
C PHE E 146 -12.12 28.43 13.67
N GLU E 147 -13.05 29.35 13.93
CA GLU E 147 -14.29 29.02 14.64
C GLU E 147 -15.26 28.27 13.74
N GLU E 148 -15.39 28.73 12.50
CA GLU E 148 -16.19 28.03 11.48
C GLU E 148 -15.70 26.60 11.24
N ALA E 149 -14.37 26.45 11.17
CA ALA E 149 -13.72 25.14 10.99
C ALA E 149 -14.05 24.18 12.13
N ARG E 150 -14.13 24.69 13.35
CA ARG E 150 -14.48 23.90 14.52
C ARG E 150 -15.94 23.48 14.49
N ALA E 151 -16.80 24.36 13.95
CA ALA E 151 -18.22 24.06 13.76
C ALA E 151 -18.46 23.01 12.67
N LYS E 152 -17.55 22.93 11.71
CA LYS E 152 -17.54 21.87 10.71
C LYS E 152 -16.56 20.75 11.13
N GLY E 153 -16.18 20.77 12.41
CA GLY E 153 -15.37 19.73 13.04
C GLY E 153 -14.04 19.38 12.38
N GLU E 154 -13.33 20.41 11.92
CA GLU E 154 -12.08 20.24 11.21
C GLU E 154 -10.84 20.29 12.10
N ILE E 155 -11.03 20.70 13.37
CA ILE E 155 -9.90 20.89 14.28
C ILE E 155 -10.05 20.17 15.63
N LEU E 156 -8.92 19.64 16.13
CA LEU E 156 -8.84 18.80 17.34
C LEU E 156 -9.66 19.31 18.54
N PRO E 157 -10.41 18.39 19.22
CA PRO E 157 -11.57 18.74 20.08
C PRO E 157 -11.38 19.88 21.07
N HIS E 158 -10.21 19.95 21.73
CA HIS E 158 -9.91 21.00 22.68
C HIS E 158 -8.62 21.75 22.34
N ALA E 159 -8.80 22.90 21.67
CA ALA E 159 -7.69 23.73 21.21
C ALA E 159 -8.07 25.21 21.25
N ASP E 160 -7.13 26.03 21.71
CA ASP E 160 -7.31 27.47 21.88
C ASP E 160 -7.34 28.17 20.52
N VAL E 161 -8.55 28.45 20.03
CA VAL E 161 -8.75 29.09 18.74
C VAL E 161 -8.23 30.54 18.69
N GLU E 162 -8.32 31.25 19.82
CA GLU E 162 -7.85 32.64 19.95
C GLU E 162 -6.34 32.73 19.86
N ALA E 163 -5.63 31.88 20.60
CA ALA E 163 -4.17 31.83 20.59
C ALA E 163 -3.59 31.42 19.24
N LEU E 164 -4.36 30.61 18.50
CA LEU E 164 -3.97 30.16 17.17
C LEU E 164 -4.12 31.25 16.11
N ALA E 165 -5.16 32.08 16.25
CA ALA E 165 -5.34 33.24 15.37
C ALA E 165 -4.14 34.19 15.52
N LYS E 166 -3.87 34.62 16.76
CA LYS E 166 -2.72 35.47 17.12
C LYS E 166 -1.39 34.94 16.60
N LEU E 167 -1.21 33.62 16.74
CA LEU E 167 -0.01 32.90 16.30
C LEU E 167 0.15 32.90 14.78
N PHE E 168 -0.95 32.64 14.07
CA PHE E 168 -0.94 32.63 12.61
C PHE E 168 -0.73 34.03 12.06
N VAL E 169 -1.45 35.00 12.63
CA VAL E 169 -1.32 36.42 12.25
C VAL E 169 0.10 36.94 12.54
N GLY E 170 0.65 36.53 13.69
CA GLY E 170 2.07 36.71 13.98
C GLY E 170 2.92 36.04 12.91
N ALA E 171 3.00 34.71 12.98
CA ALA E 171 3.94 33.94 12.16
C ALA E 171 3.94 34.28 10.67
N PHE E 172 2.76 34.58 10.11
CA PHE E 172 2.66 35.01 8.72
C PHE E 172 3.45 36.30 8.47
N THR E 173 3.28 37.29 9.35
CA THR E 173 3.97 38.58 9.25
C THR E 173 5.48 38.38 9.17
N GLY E 174 6.00 37.49 10.01
CA GLY E 174 7.45 37.28 10.10
C GLY E 174 8.04 36.41 9.03
N VAL E 175 7.22 35.51 8.49
CA VAL E 175 7.65 34.65 7.38
C VAL E 175 7.75 35.53 6.14
N GLN E 176 6.83 36.49 6.03
CA GLN E 176 6.84 37.55 5.01
C GLN E 176 8.05 38.48 5.14
N VAL E 177 8.40 38.85 6.38
CA VAL E 177 9.55 39.73 6.67
C VAL E 177 10.88 39.10 6.24
N LEU E 178 11.11 37.85 6.66
CA LEU E 178 12.31 37.11 6.31
C LEU E 178 12.44 36.90 4.79
N SER E 179 11.31 36.56 4.16
CA SER E 179 11.27 36.31 2.72
C SER E 179 11.53 37.57 1.89
N ARG E 180 11.16 38.74 2.44
CA ARG E 180 11.46 40.01 1.81
C ARG E 180 12.97 40.26 1.82
N ILE E 181 13.57 40.12 3.00
CA ILE E 181 15.00 40.35 3.22
C ILE E 181 15.86 39.42 2.37
N MET E 182 15.56 38.13 2.39
CA MET E 182 16.40 37.12 1.73
C MET E 182 16.26 37.06 0.21
N THR E 183 15.02 36.92 -0.27
CA THR E 183 14.75 36.61 -1.69
C THR E 183 13.84 37.62 -2.37
N GLY E 184 13.61 38.77 -1.75
CA GLY E 184 12.70 39.80 -2.28
C GLY E 184 11.25 39.34 -2.37
N ARG E 185 10.94 38.24 -1.66
CA ARG E 185 9.64 37.55 -1.64
C ARG E 185 9.48 36.47 -2.71
N ALA E 186 10.56 36.17 -3.42
CA ALA E 186 10.57 35.14 -4.46
C ALA E 186 10.21 33.74 -3.94
N ASP E 187 10.51 33.48 -2.67
CA ASP E 187 10.26 32.17 -2.08
C ASP E 187 9.06 32.13 -1.12
N LEU E 188 8.37 33.27 -0.98
CA LEU E 188 7.25 33.42 -0.04
C LEU E 188 6.19 32.33 -0.18
N ALA E 189 5.91 31.95 -1.43
CA ALA E 189 4.99 30.86 -1.75
C ALA E 189 5.33 29.60 -0.96
N GLU E 190 6.57 29.14 -1.11
CA GLU E 190 7.06 27.93 -0.45
C GLU E 190 7.10 28.06 1.06
N ARG E 191 7.45 29.25 1.55
CA ARG E 191 7.59 29.52 2.99
C ARG E 191 6.24 29.55 3.72
N VAL E 192 5.24 30.19 3.11
CA VAL E 192 3.90 30.25 3.67
C VAL E 192 3.33 28.83 3.70
N ALA E 193 3.54 28.10 2.61
CA ALA E 193 3.20 26.68 2.53
C ALA E 193 3.87 25.89 3.66
N ASP E 194 5.17 26.15 3.87
CA ASP E 194 5.95 25.52 4.94
C ASP E 194 5.41 25.82 6.33
N LEU E 195 4.95 27.06 6.52
CA LEU E 195 4.37 27.51 7.78
C LEU E 195 3.11 26.73 8.10
N TYR E 196 2.26 26.57 7.09
CA TYR E 196 1.00 25.82 7.22
C TYR E 196 1.20 24.30 7.34
N ARG E 197 2.08 23.73 6.52
CA ARG E 197 2.47 22.31 6.60
C ARG E 197 2.95 21.90 8.00
N HIS E 198 3.55 22.84 8.73
CA HIS E 198 4.15 22.56 10.04
C HIS E 198 3.28 22.96 11.24
N LEU E 199 2.51 24.05 11.09
CA LEU E 199 1.59 24.48 12.15
C LEU E 199 0.33 23.63 12.29
N MET E 200 -0.18 23.11 11.17
CA MET E 200 -1.43 22.35 11.15
C MET E 200 -1.48 21.01 11.91
N PRO E 201 -0.39 20.21 11.86
CA PRO E 201 -0.34 18.97 12.67
C PRO E 201 -0.73 19.10 14.16
N SER E 202 -0.60 20.30 14.73
CA SER E 202 -0.84 20.52 16.15
C SER E 202 -2.31 20.78 16.51
N PHE E 203 -3.09 21.28 15.56
CA PHE E 203 -4.47 21.69 15.85
C PHE E 203 -5.53 21.15 14.90
N ALA E 204 -5.18 20.93 13.64
CA ALA E 204 -6.08 20.32 12.66
C ALA E 204 -6.28 18.83 12.95
N MET E 205 -7.52 18.36 12.76
CA MET E 205 -7.86 16.93 12.81
C MET E 205 -7.02 16.14 11.79
N PRO E 206 -6.55 14.93 12.17
CA PRO E 206 -5.94 14.07 11.15
C PRO E 206 -7.05 13.56 10.24
N GLY E 207 -6.81 13.60 8.93
CA GLY E 207 -7.87 13.26 7.99
C GLY E 207 -8.34 14.49 7.25
N ILE E 208 -8.39 15.61 7.97
CA ILE E 208 -8.38 16.93 7.35
C ILE E 208 -6.95 17.19 6.85
N LEU E 209 -5.96 16.72 7.61
CA LEU E 209 -4.54 16.84 7.22
C LEU E 209 -4.21 16.18 5.87
N VAL E 210 -4.77 15.00 5.62
CA VAL E 210 -4.57 14.30 4.33
C VAL E 210 -5.41 14.88 3.20
N ARG E 211 -6.47 15.61 3.57
CA ARG E 211 -7.38 16.24 2.62
C ARG E 211 -6.97 17.67 2.22
N LEU E 212 -5.80 18.12 2.68
CA LEU E 212 -5.33 19.49 2.42
C LEU E 212 -4.40 19.59 1.22
N ASP E 213 -4.61 20.64 0.42
CA ASP E 213 -3.89 20.88 -0.84
C ASP E 213 -2.87 22.01 -0.66
N PHE E 214 -1.60 21.62 -0.46
CA PHE E 214 -0.50 22.56 -0.25
C PHE E 214 0.23 22.95 -1.53
N SER E 215 0.10 22.12 -2.56
CA SER E 215 0.80 22.25 -3.85
C SER E 215 0.81 23.68 -4.42
N PRO E 216 1.95 24.08 -5.05
CA PRO E 216 2.02 25.40 -5.69
C PRO E 216 1.11 25.52 -6.92
N GLU E 217 0.90 24.39 -7.62
CA GLU E 217 0.02 24.31 -8.79
C GLU E 217 -1.43 24.67 -8.49
N ARG E 218 -1.93 24.28 -7.30
CA ARG E 218 -3.29 24.60 -6.87
C ARG E 218 -3.46 26.09 -6.56
N GLY E 219 -2.56 26.65 -5.75
CA GLY E 219 -2.56 28.08 -5.39
C GLY E 219 -2.33 29.01 -6.57
N SER E 220 -1.68 28.46 -7.61
CA SER E 220 -1.56 29.09 -8.92
C SER E 220 -2.97 29.27 -9.52
N ARG E 221 -3.73 28.18 -9.57
CA ARG E 221 -5.11 28.17 -10.08
C ARG E 221 -6.11 28.88 -9.15
N VAL E 222 -5.60 29.60 -8.15
CA VAL E 222 -6.41 30.49 -7.32
C VAL E 222 -6.07 31.95 -7.67
N TYR E 223 -4.80 32.20 -7.99
CA TYR E 223 -4.32 33.54 -8.38
C TYR E 223 -4.95 34.03 -9.67
N GLU E 224 -4.86 33.19 -10.71
CA GLU E 224 -5.49 33.47 -12.02
C GLU E 224 -7.02 33.53 -11.94
N ALA E 225 -7.60 32.73 -11.05
CA ALA E 225 -9.05 32.58 -10.89
C ALA E 225 -9.74 33.80 -10.29
N ALA E 226 -9.08 34.46 -9.34
CA ALA E 226 -9.64 35.66 -8.72
C ALA E 226 -9.54 36.90 -9.64
N MET E 227 -8.44 36.98 -10.38
CA MET E 227 -8.19 38.11 -11.30
C MET E 227 -8.93 37.91 -12.63
N LYS E 228 -8.23 37.41 -13.64
CA LYS E 228 -8.81 37.19 -14.98
C LYS E 228 -9.21 35.73 -15.18
N GLU F 16 34.96 -27.46 -28.80
CA GLU F 16 34.37 -27.00 -30.09
C GLU F 16 33.14 -27.81 -30.51
N ARG F 17 33.00 -29.02 -29.98
CA ARG F 17 31.83 -29.88 -30.23
C ARG F 17 30.55 -29.38 -29.55
N ALA F 18 30.70 -28.42 -28.65
CA ALA F 18 29.57 -27.75 -28.01
C ALA F 18 29.01 -26.61 -28.87
N ILE F 19 29.89 -25.79 -29.45
CA ILE F 19 29.48 -24.63 -30.26
C ILE F 19 28.85 -25.03 -31.60
N ARG F 20 29.25 -26.19 -32.13
CA ARG F 20 28.65 -26.73 -33.36
C ARG F 20 27.26 -27.33 -33.13
N THR F 21 27.09 -28.03 -32.00
CA THR F 21 25.81 -28.67 -31.66
C THR F 21 24.73 -27.66 -31.21
N ARG F 22 25.17 -26.51 -30.67
CA ARG F 22 24.29 -25.39 -30.29
C ARG F 22 23.69 -24.72 -31.53
N GLN F 23 24.48 -24.60 -32.59
CA GLN F 23 24.02 -24.06 -33.86
C GLN F 23 23.10 -25.04 -34.61
N THR F 24 23.29 -26.34 -34.38
CA THR F 24 22.43 -27.37 -34.96
C THR F 24 21.04 -27.30 -34.31
N ILE F 25 21.03 -26.96 -33.01
CA ILE F 25 19.79 -26.69 -32.26
C ILE F 25 19.13 -25.40 -32.78
N LEU F 26 19.88 -24.30 -32.78
CA LEU F 26 19.35 -22.98 -33.16
C LEU F 26 18.71 -22.92 -34.55
N VAL F 27 19.33 -23.60 -35.51
CA VAL F 27 18.82 -23.66 -36.88
C VAL F 27 17.51 -24.48 -36.90
N ALA F 28 17.49 -25.57 -36.13
CA ALA F 28 16.30 -26.42 -36.00
C ALA F 28 15.12 -25.67 -35.40
N ALA F 29 15.38 -24.92 -34.31
CA ALA F 29 14.37 -24.09 -33.68
C ALA F 29 13.81 -23.05 -34.65
N ALA F 30 14.71 -22.29 -35.28
CA ALA F 30 14.35 -21.29 -36.29
C ALA F 30 13.53 -21.88 -37.45
N GLU F 31 13.91 -23.08 -37.89
CA GLU F 31 13.22 -23.78 -38.98
C GLU F 31 11.79 -24.12 -38.56
N VAL F 32 11.64 -24.64 -37.34
CA VAL F 32 10.34 -24.94 -36.71
C VAL F 32 9.52 -23.65 -36.56
N PHE F 33 10.14 -22.61 -36.00
CA PHE F 33 9.49 -21.31 -35.78
C PHE F 33 9.04 -20.64 -37.08
N ASP F 34 9.83 -20.78 -38.14
CA ASP F 34 9.44 -20.26 -39.46
C ASP F 34 8.11 -20.87 -39.93
N GLU F 35 8.01 -22.20 -39.85
CA GLU F 35 6.89 -22.91 -40.47
C GLU F 35 5.58 -22.93 -39.67
N VAL F 36 5.65 -22.89 -38.34
CA VAL F 36 4.41 -22.92 -37.52
C VAL F 36 4.25 -21.78 -36.49
N GLY F 37 5.18 -20.82 -36.49
CA GLY F 37 5.16 -19.70 -35.54
C GLY F 37 5.61 -20.11 -34.15
N TYR F 38 5.77 -19.14 -33.26
CA TYR F 38 6.20 -19.43 -31.88
C TYR F 38 5.12 -20.20 -31.09
N GLU F 39 3.86 -19.79 -31.23
CA GLU F 39 2.74 -20.36 -30.45
C GLU F 39 2.54 -21.85 -30.64
N ALA F 40 2.30 -22.25 -31.89
CA ALA F 40 1.96 -23.63 -32.26
C ALA F 40 3.11 -24.62 -32.06
N ALA F 41 4.34 -24.12 -32.16
CA ALA F 41 5.56 -24.92 -31.99
C ALA F 41 5.66 -25.47 -30.58
N THR F 42 6.19 -26.68 -30.46
CA THR F 42 6.49 -27.29 -29.16
C THR F 42 8.01 -27.44 -29.01
N ILE F 43 8.44 -27.72 -27.78
CA ILE F 43 9.84 -28.10 -27.50
C ILE F 43 10.23 -29.41 -28.22
N SER F 44 9.30 -30.36 -28.28
CA SER F 44 9.46 -31.63 -29.02
C SER F 44 9.65 -31.42 -30.50
N ASP F 45 8.92 -30.47 -31.08
CA ASP F 45 9.08 -30.07 -32.48
C ASP F 45 10.55 -29.75 -32.78
N VAL F 46 11.15 -28.93 -31.92
CA VAL F 46 12.54 -28.50 -32.03
C VAL F 46 13.47 -29.69 -31.77
N LEU F 47 13.11 -30.52 -30.78
CA LEU F 47 13.89 -31.70 -30.43
C LEU F 47 13.98 -32.70 -31.59
N LYS F 48 12.84 -33.05 -32.21
CA LYS F 48 12.81 -33.96 -33.35
C LYS F 48 13.66 -33.49 -34.54
N ARG F 49 13.52 -32.22 -34.93
CA ARG F 49 14.26 -31.66 -36.06
C ARG F 49 15.78 -31.67 -35.83
N SER F 50 16.20 -31.22 -34.65
CA SER F 50 17.62 -31.16 -34.26
C SER F 50 18.27 -32.54 -34.15
N GLY F 51 17.46 -33.54 -33.81
CA GLY F 51 17.91 -34.92 -33.65
C GLY F 51 18.97 -35.13 -32.58
N VAL F 52 19.10 -34.14 -31.68
CA VAL F 52 19.98 -34.24 -30.52
C VAL F 52 19.19 -34.81 -29.34
N THR F 53 19.89 -35.21 -28.29
CA THR F 53 19.24 -35.80 -27.09
C THR F 53 18.57 -34.72 -26.24
N LYS F 54 17.60 -35.13 -25.43
CA LYS F 54 16.96 -34.26 -24.44
C LYS F 54 17.99 -33.44 -23.65
N GLY F 55 18.98 -34.14 -23.08
CA GLY F 55 20.04 -33.53 -22.26
C GLY F 55 20.99 -32.64 -23.06
N ALA F 56 21.24 -33.00 -24.31
CA ALA F 56 22.00 -32.18 -25.25
C ALA F 56 21.36 -30.80 -25.36
N LEU F 57 20.04 -30.79 -25.57
CA LEU F 57 19.24 -29.56 -25.62
C LEU F 57 19.29 -28.80 -24.29
N TYR F 58 19.01 -29.51 -23.19
CA TYR F 58 18.93 -28.89 -21.85
C TYR F 58 20.19 -28.12 -21.44
N PHE F 59 21.36 -28.59 -21.89
CA PHE F 59 22.62 -27.89 -21.64
C PHE F 59 22.59 -26.47 -22.20
N HIS F 60 22.09 -26.32 -23.43
CA HIS F 60 22.11 -25.05 -24.15
C HIS F 60 20.86 -24.19 -23.98
N PHE F 61 19.69 -24.83 -23.93
CA PHE F 61 18.41 -24.13 -23.80
C PHE F 61 17.46 -24.83 -22.86
N THR F 62 16.89 -24.03 -21.96
CA THR F 62 16.04 -24.55 -20.91
C THR F 62 14.55 -24.63 -21.34
N SER F 63 14.16 -23.79 -22.31
CA SER F 63 12.75 -23.60 -22.70
C SER F 63 12.60 -23.02 -24.11
N LYS F 64 11.45 -23.27 -24.74
CA LYS F 64 11.09 -22.74 -26.06
C LYS F 64 11.25 -21.21 -26.18
N GLN F 65 11.00 -20.52 -25.07
CA GLN F 65 11.20 -19.08 -24.95
C GLN F 65 12.67 -18.72 -25.10
N GLU F 66 13.51 -19.37 -24.29
CA GLU F 66 14.97 -19.17 -24.31
C GLU F 66 15.53 -19.46 -25.71
N LEU F 67 14.97 -20.49 -26.37
CA LEU F 67 15.31 -20.83 -27.74
C LEU F 67 14.99 -19.69 -28.69
N ALA F 68 13.73 -19.24 -28.67
CA ALA F 68 13.24 -18.19 -29.57
C ALA F 68 13.96 -16.87 -29.39
N GLN F 69 14.26 -16.52 -28.14
CA GLN F 69 14.97 -15.27 -27.82
C GLN F 69 16.37 -15.27 -28.45
N ALA F 70 17.06 -16.40 -28.33
CA ALA F 70 18.37 -16.61 -28.94
C ALA F 70 18.37 -16.47 -30.47
N VAL F 71 17.39 -17.08 -31.16
CA VAL F 71 17.26 -16.91 -32.61
C VAL F 71 16.91 -15.47 -33.03
N LEU F 72 16.16 -14.77 -32.19
CA LEU F 72 15.98 -13.31 -32.34
C LEU F 72 17.31 -12.56 -32.16
N ALA F 73 18.05 -12.94 -31.12
CA ALA F 73 19.31 -12.30 -30.72
C ALA F 73 20.43 -12.39 -31.77
N GLU F 74 20.41 -13.46 -32.57
CA GLU F 74 21.37 -13.62 -33.66
C GLU F 74 20.65 -13.40 -34.99
N GLN F 75 20.17 -12.19 -35.19
CA GLN F 75 19.57 -11.78 -36.46
C GLN F 75 20.48 -10.79 -37.17
N VAL F 76 21.03 -9.86 -36.39
CA VAL F 76 21.94 -8.83 -36.89
C VAL F 76 23.30 -9.45 -37.23
N ALA F 77 23.83 -10.25 -36.30
CA ALA F 77 25.09 -10.98 -36.48
C ALA F 77 25.00 -12.08 -37.56
N SER F 78 23.79 -12.57 -37.81
CA SER F 78 23.53 -13.64 -38.79
C SER F 78 23.72 -13.19 -40.25
N LEU F 79 23.18 -12.03 -40.59
CA LEU F 79 23.30 -11.44 -41.94
C LEU F 79 24.79 -11.30 -42.32
N PRO F 80 25.21 -11.90 -43.46
CA PRO F 80 26.57 -11.70 -43.97
C PRO F 80 26.82 -10.25 -44.36
N ARG F 81 27.95 -9.70 -43.91
CA ARG F 81 28.35 -8.35 -44.24
C ARG F 81 29.08 -8.34 -45.60
N VAL F 82 28.71 -7.37 -46.44
CA VAL F 82 29.27 -7.23 -47.80
C VAL F 82 30.71 -6.67 -47.78
N PRO F 83 31.54 -7.00 -48.80
CA PRO F 83 32.87 -6.37 -48.93
C PRO F 83 32.81 -4.84 -48.87
N GLU F 84 33.71 -4.26 -48.08
CA GLU F 84 33.69 -2.83 -47.71
C GLU F 84 33.68 -1.88 -48.92
N GLN F 85 32.49 -1.33 -49.18
CA GLN F 85 32.25 -0.46 -50.33
C GLN F 85 32.84 0.94 -50.11
N GLU F 86 33.14 1.61 -51.22
CA GLU F 86 33.63 3.00 -51.19
C GLU F 86 32.50 4.01 -50.92
N LEU F 87 31.36 3.84 -51.60
CA LEU F 87 30.14 4.60 -51.31
C LEU F 87 29.38 3.93 -50.18
N LYS F 88 29.19 4.66 -49.08
CA LYS F 88 28.58 4.10 -47.88
C LYS F 88 27.08 3.80 -48.04
N LEU F 89 26.38 4.61 -48.85
CA LEU F 89 24.97 4.37 -49.16
C LEU F 89 24.76 3.17 -50.08
N GLN F 90 25.75 2.90 -50.93
CA GLN F 90 25.73 1.72 -51.79
C GLN F 90 25.84 0.44 -50.98
N GLN F 91 26.58 0.50 -49.87
CA GLN F 91 26.72 -0.61 -48.94
C GLN F 91 25.34 -0.97 -48.38
N SER F 92 24.61 0.06 -47.92
CA SER F 92 23.23 -0.08 -47.43
C SER F 92 22.31 -0.66 -48.50
N LEU F 93 22.42 -0.15 -49.74
CA LEU F 93 21.63 -0.65 -50.86
C LEU F 93 21.94 -2.10 -51.18
N ASP F 94 23.22 -2.45 -51.16
CA ASP F 94 23.66 -3.82 -51.45
C ASP F 94 23.27 -4.80 -50.35
N GLU F 95 23.35 -4.36 -49.10
CA GLU F 95 22.96 -5.15 -47.92
C GLU F 95 21.48 -5.49 -47.95
N ALA F 96 20.67 -4.49 -48.32
CA ALA F 96 19.22 -4.65 -48.44
C ALA F 96 18.85 -5.64 -49.54
N LEU F 97 19.47 -5.50 -50.71
CA LEU F 97 19.24 -6.41 -51.84
C LEU F 97 19.88 -7.80 -51.65
N LEU F 98 20.82 -7.91 -50.71
CA LEU F 98 21.37 -9.20 -50.30
C LEU F 98 20.36 -9.91 -49.41
N LEU F 99 19.87 -9.20 -48.40
CA LEU F 99 18.84 -9.71 -47.48
C LEU F 99 17.60 -10.16 -48.26
N ALA F 100 17.25 -9.41 -49.30
CA ALA F 100 16.15 -9.75 -50.22
C ALA F 100 16.37 -11.07 -50.96
N HIS F 101 17.59 -11.27 -51.47
CA HIS F 101 18.00 -12.52 -52.12
C HIS F 101 18.11 -13.69 -51.14
N LEU F 102 18.54 -13.39 -49.90
CA LEU F 102 18.69 -14.40 -48.84
C LEU F 102 17.34 -15.00 -48.42
N LEU F 103 16.32 -14.15 -48.32
CA LEU F 103 14.98 -14.59 -47.91
C LEU F 103 14.28 -15.33 -49.05
N ARG F 104 14.48 -14.86 -50.28
CA ARG F 104 13.85 -15.41 -51.49
C ARG F 104 14.21 -16.88 -51.75
N GLU F 105 15.47 -17.13 -52.11
CA GLU F 105 15.96 -18.48 -52.46
C GLU F 105 16.06 -19.43 -51.27
N GLY F 106 16.06 -18.88 -50.05
CA GLY F 106 16.04 -19.65 -48.81
C GLY F 106 17.38 -20.21 -48.43
N THR F 107 17.96 -20.99 -49.34
CA THR F 107 19.24 -21.69 -49.16
C THR F 107 20.42 -20.79 -48.74
N GLY F 108 20.22 -19.48 -48.82
CA GLY F 108 21.17 -18.48 -48.33
C GLY F 108 21.41 -18.55 -46.84
N ASP F 109 20.33 -18.47 -46.05
CA ASP F 109 20.40 -18.54 -44.59
C ASP F 109 19.09 -19.08 -43.99
N PRO F 110 19.17 -20.01 -43.01
CA PRO F 110 17.97 -20.57 -42.36
C PRO F 110 17.46 -19.81 -41.12
N ILE F 111 18.37 -19.19 -40.38
CA ILE F 111 18.04 -18.43 -39.16
C ILE F 111 17.20 -17.19 -39.47
N VAL F 112 17.66 -16.39 -40.44
CA VAL F 112 17.04 -15.08 -40.75
C VAL F 112 15.57 -15.13 -41.18
N GLN F 113 15.11 -16.29 -41.65
CA GLN F 113 13.70 -16.47 -42.04
C GLN F 113 12.78 -16.61 -40.83
N GLY F 114 13.12 -17.55 -39.95
CA GLY F 114 12.39 -17.80 -38.71
C GLY F 114 12.48 -16.62 -37.75
N SER F 115 13.66 -15.99 -37.70
CA SER F 115 13.88 -14.79 -36.88
C SER F 115 13.08 -13.57 -37.38
N VAL F 116 12.87 -13.48 -38.70
CA VAL F 116 11.95 -12.49 -39.27
C VAL F 116 10.51 -12.77 -38.84
N ARG F 117 10.05 -14.01 -39.05
CA ARG F 117 8.69 -14.45 -38.68
C ARG F 117 8.41 -14.29 -37.18
N LEU F 118 9.39 -14.61 -36.33
CA LEU F 118 9.31 -14.35 -34.89
C LEU F 118 9.14 -12.87 -34.52
N THR F 119 9.68 -11.96 -35.34
CA THR F 119 9.60 -10.53 -35.06
C THR F 119 8.29 -9.91 -35.58
N VAL F 120 7.88 -10.30 -36.78
CA VAL F 120 6.64 -9.81 -37.41
C VAL F 120 5.36 -10.34 -36.74
N ASP F 121 5.30 -11.65 -36.48
CA ASP F 121 4.20 -12.28 -35.74
C ASP F 121 3.87 -11.48 -34.49
N GLN F 122 2.59 -11.19 -34.29
CA GLN F 122 2.16 -10.36 -33.16
C GLN F 122 2.35 -11.08 -31.83
N GLY F 123 1.96 -12.36 -31.78
CA GLY F 123 2.05 -13.16 -30.56
C GLY F 123 1.12 -12.68 -29.45
N SER F 124 1.69 -12.56 -28.25
CA SER F 124 0.95 -12.19 -27.04
C SER F 124 1.92 -11.60 -26.00
N PRO F 125 1.42 -10.72 -25.10
CA PRO F 125 2.26 -10.34 -23.95
C PRO F 125 2.47 -11.50 -22.96
N ARG F 126 1.57 -12.49 -23.00
CA ARG F 126 1.66 -13.70 -22.17
C ARG F 126 2.85 -14.60 -22.54
N ASP F 127 3.23 -14.64 -23.82
CA ASP F 127 4.54 -15.17 -24.23
C ASP F 127 5.60 -14.10 -23.94
N HIS F 128 6.73 -14.52 -23.40
CA HIS F 128 7.70 -13.57 -22.86
C HIS F 128 8.83 -13.18 -23.82
N LEU F 129 8.54 -13.32 -25.12
CA LEU F 129 9.44 -12.90 -26.19
C LEU F 129 9.64 -11.40 -26.20
N ASN F 130 10.87 -11.01 -26.51
CA ASN F 130 11.29 -9.63 -26.56
C ASN F 130 11.65 -9.32 -28.00
N ARG F 131 10.62 -8.98 -28.78
CA ARG F 131 10.77 -8.61 -30.18
C ARG F 131 11.46 -7.25 -30.37
N ARG F 132 11.71 -6.56 -29.25
CA ARG F 132 12.38 -5.27 -29.22
C ARG F 132 13.87 -5.39 -29.58
N VAL F 133 14.52 -6.45 -29.10
CA VAL F 133 15.97 -6.67 -29.27
C VAL F 133 16.41 -6.75 -30.74
N PRO F 134 15.83 -7.68 -31.56
CA PRO F 134 16.29 -7.74 -32.97
C PRO F 134 15.96 -6.49 -33.78
N MET F 135 14.96 -5.72 -33.31
CA MET F 135 14.49 -4.53 -33.99
C MET F 135 15.24 -3.27 -33.60
N GLN F 136 15.61 -3.16 -32.31
CA GLN F 136 16.45 -2.07 -31.82
C GLN F 136 17.84 -2.18 -32.44
N ALA F 137 18.46 -3.36 -32.33
CA ALA F 137 19.81 -3.62 -32.83
C ALA F 137 19.91 -3.49 -34.34
N TRP F 138 18.81 -3.78 -35.04
CA TRP F 138 18.72 -3.58 -36.48
C TRP F 138 18.68 -2.10 -36.84
N THR F 139 18.04 -1.29 -36.01
CA THR F 139 17.91 0.15 -36.22
C THR F 139 19.23 0.89 -36.01
N GLU F 140 19.94 0.55 -34.93
CA GLU F 140 21.26 1.13 -34.63
C GLU F 140 22.29 0.84 -35.72
N HIS F 141 22.23 -0.37 -36.27
CA HIS F 141 23.07 -0.79 -37.39
C HIS F 141 22.80 0.03 -38.66
N THR F 142 21.52 0.26 -38.96
CA THR F 142 21.11 1.12 -40.08
C THR F 142 21.50 2.58 -39.81
N GLN F 143 21.45 2.99 -38.54
CA GLN F 143 21.87 4.32 -38.13
C GLN F 143 23.38 4.54 -38.25
N SER F 144 24.15 3.50 -37.91
CA SER F 144 25.63 3.50 -38.05
C SER F 144 26.07 3.78 -39.49
N LEU F 145 25.48 3.09 -40.45
CA LEU F 145 25.74 3.31 -41.87
C LEU F 145 25.39 4.73 -42.33
N PHE F 146 24.22 5.21 -41.92
CA PHE F 146 23.77 6.58 -42.27
C PHE F 146 24.60 7.66 -41.57
N GLU F 147 25.13 7.32 -40.39
CA GLU F 147 26.02 8.20 -39.65
C GLU F 147 27.40 8.27 -40.31
N GLU F 148 27.86 7.13 -40.82
CA GLU F 148 29.11 7.05 -41.59
C GLU F 148 28.98 7.80 -42.92
N ALA F 149 27.90 7.54 -43.65
CA ALA F 149 27.62 8.18 -44.93
C ALA F 149 27.58 9.70 -44.84
N ARG F 150 27.14 10.20 -43.68
CA ARG F 150 27.14 11.64 -43.40
C ARG F 150 28.57 12.17 -43.24
N ALA F 151 29.43 11.40 -42.58
CA ALA F 151 30.85 11.76 -42.38
C ALA F 151 31.64 11.71 -43.68
N LYS F 152 31.19 10.87 -44.61
CA LYS F 152 31.72 10.84 -45.97
C LYS F 152 30.87 11.68 -46.93
N GLY F 153 30.01 12.54 -46.36
CA GLY F 153 29.23 13.55 -47.08
C GLY F 153 28.31 13.08 -48.18
N GLU F 154 27.61 11.97 -47.93
CA GLU F 154 26.73 11.35 -48.92
C GLU F 154 25.26 11.74 -48.73
N ILE F 155 24.93 12.33 -47.60
CA ILE F 155 23.54 12.71 -47.30
C ILE F 155 23.37 14.24 -47.14
N LEU F 156 22.18 14.73 -47.46
CA LEU F 156 21.81 16.16 -47.39
C LEU F 156 22.02 16.77 -45.99
N PRO F 157 22.34 18.09 -45.90
CA PRO F 157 22.89 18.66 -44.65
C PRO F 157 22.01 18.58 -43.38
N HIS F 158 20.68 18.62 -43.54
CA HIS F 158 19.78 18.65 -42.38
C HIS F 158 18.85 17.42 -42.20
N ALA F 159 19.32 16.26 -42.65
CA ALA F 159 18.56 15.02 -42.55
C ALA F 159 18.61 14.42 -41.15
N ASP F 160 17.48 13.85 -40.72
CA ASP F 160 17.35 13.19 -39.42
C ASP F 160 17.76 11.72 -39.56
N VAL F 161 19.02 11.45 -39.28
CA VAL F 161 19.62 10.10 -39.39
C VAL F 161 18.89 9.04 -38.55
N GLU F 162 18.43 9.44 -37.35
CA GLU F 162 17.70 8.55 -36.43
C GLU F 162 16.33 8.16 -36.99
N ALA F 163 15.58 9.15 -37.46
CA ALA F 163 14.24 8.91 -38.04
C ALA F 163 14.29 8.10 -39.33
N LEU F 164 15.40 8.23 -40.07
CA LEU F 164 15.62 7.51 -41.33
C LEU F 164 15.96 6.04 -41.10
N ALA F 165 16.72 5.74 -40.04
CA ALA F 165 17.01 4.35 -39.66
C ALA F 165 15.70 3.62 -39.34
N LYS F 166 14.90 4.21 -38.43
CA LYS F 166 13.57 3.73 -38.05
C LYS F 166 12.64 3.52 -39.26
N LEU F 167 12.69 4.47 -40.18
CA LEU F 167 11.87 4.47 -41.40
C LEU F 167 12.26 3.34 -42.35
N PHE F 168 13.56 3.16 -42.57
CA PHE F 168 14.08 2.12 -43.45
C PHE F 168 13.85 0.74 -42.85
N VAL F 169 14.12 0.61 -41.55
CA VAL F 169 13.91 -0.65 -40.79
C VAL F 169 12.43 -1.03 -40.81
N GLY F 170 11.56 -0.05 -40.58
CA GLY F 170 10.13 -0.21 -40.76
C GLY F 170 9.80 -0.66 -42.19
N ALA F 171 9.98 0.26 -43.14
CA ALA F 171 9.55 0.05 -44.52
C ALA F 171 10.06 -1.25 -45.13
N PHE F 172 11.30 -1.64 -44.81
CA PHE F 172 11.86 -2.92 -45.26
C PHE F 172 11.04 -4.11 -44.75
N THR F 173 10.68 -4.09 -43.47
CA THR F 173 9.88 -5.15 -42.86
C THR F 173 8.58 -5.35 -43.63
N GLY F 174 7.93 -4.25 -43.97
CA GLY F 174 6.60 -4.30 -44.60
C GLY F 174 6.59 -4.52 -46.09
N VAL F 175 7.63 -4.08 -46.78
CA VAL F 175 7.79 -4.34 -48.21
C VAL F 175 8.01 -5.85 -48.39
N GLN F 176 8.75 -6.42 -47.45
CA GLN F 176 8.99 -7.86 -47.33
C GLN F 176 7.70 -8.64 -46.98
N VAL F 177 6.89 -8.09 -46.07
CA VAL F 177 5.61 -8.70 -45.66
C VAL F 177 4.65 -8.83 -46.83
N LEU F 178 4.46 -7.72 -47.57
CA LEU F 178 3.61 -7.70 -48.76
C LEU F 178 4.10 -8.66 -49.83
N SER F 179 5.42 -8.66 -50.07
CA SER F 179 6.05 -9.50 -51.09
C SER F 179 5.91 -11.00 -50.82
N ARG F 180 5.84 -11.35 -49.54
CA ARG F 180 5.58 -12.73 -49.11
C ARG F 180 4.15 -13.13 -49.48
N ILE F 181 3.19 -12.28 -49.09
CA ILE F 181 1.76 -12.54 -49.31
C ILE F 181 1.44 -12.66 -50.80
N MET F 182 1.91 -11.70 -51.60
CA MET F 182 1.54 -11.62 -53.02
C MET F 182 2.26 -12.61 -53.93
N THR F 183 3.57 -12.79 -53.73
CA THR F 183 4.43 -13.52 -54.68
C THR F 183 5.35 -14.54 -54.02
N GLY F 184 5.16 -14.81 -52.74
CA GLY F 184 6.05 -15.73 -52.01
C GLY F 184 7.48 -15.22 -51.91
N ARG F 185 7.62 -13.89 -52.06
CA ARG F 185 8.91 -13.16 -52.07
C ARG F 185 9.62 -13.16 -53.42
N ALA F 186 8.92 -13.62 -54.47
CA ALA F 186 9.48 -13.68 -55.82
C ALA F 186 9.89 -12.30 -56.38
N ASP F 187 9.13 -11.27 -56.05
CA ASP F 187 9.40 -9.92 -56.55
C ASP F 187 10.17 -9.04 -55.55
N LEU F 188 10.59 -9.63 -54.43
CA LEU F 188 11.23 -8.88 -53.33
C LEU F 188 12.42 -8.02 -53.76
N ALA F 189 13.24 -8.55 -54.66
CA ALA F 189 14.37 -7.83 -55.25
C ALA F 189 13.90 -6.49 -55.82
N GLU F 190 12.91 -6.56 -56.72
CA GLU F 190 12.36 -5.39 -57.41
C GLU F 190 11.74 -4.39 -56.43
N ARG F 191 11.03 -4.90 -55.43
CA ARG F 191 10.34 -4.07 -54.44
C ARG F 191 11.28 -3.38 -53.45
N VAL F 192 12.32 -4.09 -53.04
CA VAL F 192 13.34 -3.52 -52.14
C VAL F 192 14.09 -2.43 -52.91
N ALA F 193 14.47 -2.74 -54.15
CA ALA F 193 15.07 -1.77 -55.06
C ALA F 193 14.19 -0.53 -55.15
N ASP F 194 12.89 -0.75 -55.37
CA ASP F 194 11.89 0.32 -55.49
C ASP F 194 11.83 1.22 -54.26
N LEU F 195 11.92 0.62 -53.08
CA LEU F 195 11.89 1.33 -51.81
C LEU F 195 13.05 2.32 -51.74
N TYR F 196 14.26 1.82 -51.99
CA TYR F 196 15.48 2.61 -51.97
C TYR F 196 15.54 3.67 -53.07
N ARG F 197 15.06 3.31 -54.27
CA ARG F 197 14.98 4.21 -55.42
C ARG F 197 14.06 5.41 -55.16
N HIS F 198 13.09 5.24 -54.26
CA HIS F 198 12.10 6.27 -53.94
C HIS F 198 12.39 7.00 -52.62
N LEU F 199 12.97 6.28 -51.65
CA LEU F 199 13.33 6.88 -50.36
C LEU F 199 14.56 7.79 -50.39
N MET F 200 15.54 7.42 -51.19
CA MET F 200 16.83 8.14 -51.23
C MET F 200 16.83 9.56 -51.81
N PRO F 201 16.02 9.85 -52.87
CA PRO F 201 15.91 11.25 -53.34
C PRO F 201 15.63 12.31 -52.26
N SER F 202 15.11 11.89 -51.10
CA SER F 202 14.72 12.80 -50.02
C SER F 202 15.86 13.19 -49.10
N PHE F 203 16.83 12.29 -48.90
CA PHE F 203 17.92 12.51 -47.95
C PHE F 203 19.33 12.35 -48.54
N ALA F 204 19.48 11.55 -49.60
CA ALA F 204 20.76 11.39 -50.28
C ALA F 204 21.10 12.62 -51.12
N MET F 205 22.37 12.99 -51.11
CA MET F 205 22.92 14.07 -51.95
C MET F 205 22.66 13.77 -53.42
N PRO F 206 22.23 14.79 -54.21
CA PRO F 206 22.13 14.57 -55.66
C PRO F 206 23.54 14.44 -56.21
N GLY F 207 23.81 13.39 -56.96
CA GLY F 207 25.18 13.15 -57.42
C GLY F 207 25.75 11.91 -56.78
N ILE F 208 25.36 11.68 -55.52
CA ILE F 208 25.40 10.35 -54.93
C ILE F 208 24.26 9.54 -55.56
N LEU F 209 23.13 10.20 -55.82
CA LEU F 209 21.98 9.59 -56.48
C LEU F 209 22.29 9.04 -57.89
N VAL F 210 23.08 9.77 -58.67
CA VAL F 210 23.50 9.30 -60.01
C VAL F 210 24.57 8.21 -59.93
N ARG F 211 25.29 8.16 -58.81
CA ARG F 211 26.37 7.20 -58.61
C ARG F 211 25.91 5.83 -58.02
N LEU F 212 24.64 5.74 -57.63
CA LEU F 212 24.09 4.51 -57.02
C LEU F 212 23.71 3.45 -58.04
N ASP F 213 24.03 2.19 -57.72
CA ASP F 213 23.79 1.05 -58.59
C ASP F 213 22.60 0.20 -58.10
N PHE F 214 21.47 0.36 -58.80
CA PHE F 214 20.20 -0.28 -58.43
C PHE F 214 19.93 -1.60 -59.16
N SER F 215 20.56 -1.76 -60.32
CA SER F 215 20.38 -2.90 -61.22
C SER F 215 20.36 -4.26 -60.51
N PRO F 216 19.50 -5.20 -60.99
CA PRO F 216 19.49 -6.57 -60.45
C PRO F 216 20.77 -7.35 -60.78
N GLU F 217 21.39 -7.07 -61.92
CA GLU F 217 22.65 -7.70 -62.35
C GLU F 217 23.80 -7.50 -61.39
N ARG F 218 23.90 -6.30 -60.82
CA ARG F 218 24.90 -5.99 -59.80
C ARG F 218 24.62 -6.71 -58.47
N GLY F 219 23.35 -6.66 -58.03
CA GLY F 219 22.92 -7.26 -56.75
C GLY F 219 23.04 -8.78 -56.68
N SER F 220 22.88 -9.42 -57.84
CA SER F 220 23.16 -10.86 -58.00
C SER F 220 24.63 -11.14 -57.78
N ARG F 221 25.50 -10.33 -58.41
CA ARG F 221 26.96 -10.44 -58.26
C ARG F 221 27.47 -10.12 -56.85
N VAL F 222 26.55 -9.87 -55.93
CA VAL F 222 26.89 -9.76 -54.49
C VAL F 222 26.46 -11.06 -53.78
N TYR F 223 25.38 -11.67 -54.27
CA TYR F 223 24.89 -12.96 -53.77
C TYR F 223 25.86 -14.10 -54.13
N GLU F 224 26.40 -14.05 -55.35
CA GLU F 224 27.40 -15.00 -55.83
C GLU F 224 28.68 -14.91 -54.99
N ALA F 225 29.13 -13.68 -54.76
CA ALA F 225 30.37 -13.38 -54.06
C ALA F 225 30.34 -13.66 -52.55
N ALA F 226 29.17 -13.46 -51.93
CA ALA F 226 29.01 -13.70 -50.48
C ALA F 226 29.12 -15.17 -50.10
N MET F 227 28.64 -16.05 -50.98
CA MET F 227 28.73 -17.51 -50.79
C MET F 227 30.18 -17.98 -50.89
N LYS F 228 30.86 -17.54 -51.94
CA LYS F 228 32.29 -17.80 -52.13
C LYS F 228 33.13 -16.78 -51.37
N ARG G 17 20.59 -21.81 -13.88
CA ARG G 17 20.41 -22.98 -14.79
C ARG G 17 19.20 -23.85 -14.41
N ALA G 18 19.18 -24.30 -13.16
CA ALA G 18 18.04 -25.04 -12.61
C ALA G 18 17.02 -24.10 -11.97
N ILE G 19 17.50 -22.98 -11.43
CA ILE G 19 16.65 -21.89 -10.94
C ILE G 19 15.99 -21.17 -12.14
N ARG G 20 16.66 -21.22 -13.29
CA ARG G 20 16.17 -20.72 -14.58
C ARG G 20 14.90 -21.43 -15.06
N THR G 21 14.97 -22.76 -15.15
CA THR G 21 13.85 -23.61 -15.58
C THR G 21 12.69 -23.65 -14.57
N ARG G 22 13.02 -23.58 -13.28
CA ARG G 22 12.01 -23.49 -12.22
C ARG G 22 11.16 -22.22 -12.36
N GLN G 23 11.82 -21.07 -12.50
CA GLN G 23 11.15 -19.79 -12.75
C GLN G 23 10.25 -19.79 -13.99
N THR G 24 10.77 -20.33 -15.11
CA THR G 24 10.01 -20.43 -16.36
C THR G 24 8.69 -21.16 -16.15
N ILE G 25 8.74 -22.28 -15.42
CA ILE G 25 7.55 -23.10 -15.11
C ILE G 25 6.61 -22.34 -14.17
N LEU G 26 7.17 -21.73 -13.13
CA LEU G 26 6.38 -21.01 -12.13
C LEU G 26 5.58 -19.87 -12.72
N VAL G 27 6.22 -19.10 -13.60
CA VAL G 27 5.58 -17.96 -14.27
C VAL G 27 4.42 -18.45 -15.15
N ALA G 28 4.65 -19.52 -15.91
CA ALA G 28 3.61 -20.13 -16.74
C ALA G 28 2.45 -20.67 -15.90
N ALA G 29 2.79 -21.31 -14.78
CA ALA G 29 1.79 -21.81 -13.84
C ALA G 29 0.93 -20.68 -13.29
N ALA G 30 1.58 -19.60 -12.87
CA ALA G 30 0.90 -18.42 -12.34
C ALA G 30 -0.07 -17.80 -13.34
N GLU G 31 0.29 -17.85 -14.63
CA GLU G 31 -0.56 -17.33 -15.71
C GLU G 31 -1.84 -18.15 -15.87
N VAL G 32 -1.67 -19.48 -15.98
CA VAL G 32 -2.80 -20.42 -16.11
C VAL G 32 -3.77 -20.30 -14.92
N PHE G 33 -3.22 -20.23 -13.70
CA PHE G 33 -4.04 -20.06 -12.50
C PHE G 33 -4.81 -18.75 -12.48
N ASP G 34 -4.16 -17.67 -12.90
CA ASP G 34 -4.80 -16.35 -13.02
C ASP G 34 -5.87 -16.39 -14.11
N GLU G 35 -5.65 -17.20 -15.13
CA GLU G 35 -6.60 -17.31 -16.22
C GLU G 35 -7.82 -18.17 -15.86
N VAL G 36 -7.59 -19.44 -15.53
CA VAL G 36 -8.71 -20.38 -15.33
C VAL G 36 -8.97 -20.74 -13.85
N GLY G 37 -8.05 -20.35 -12.96
CA GLY G 37 -8.12 -20.73 -11.55
C GLY G 37 -7.65 -22.15 -11.30
N TYR G 38 -7.53 -22.50 -10.02
CA TYR G 38 -6.90 -23.76 -9.61
C TYR G 38 -7.57 -25.00 -10.21
N GLU G 39 -8.87 -25.17 -9.96
CA GLU G 39 -9.58 -26.41 -10.33
C GLU G 39 -9.56 -26.67 -11.84
N ALA G 40 -9.87 -25.62 -12.63
CA ALA G 40 -9.92 -25.71 -14.09
C ALA G 40 -8.57 -26.02 -14.75
N ALA G 41 -7.50 -25.51 -14.15
CA ALA G 41 -6.12 -25.74 -14.62
C ALA G 41 -5.72 -27.21 -14.68
N THR G 42 -4.99 -27.56 -15.72
CA THR G 42 -4.35 -28.89 -15.82
C THR G 42 -2.84 -28.68 -15.77
N ILE G 43 -2.11 -29.73 -15.41
CA ILE G 43 -0.65 -29.70 -15.48
C ILE G 43 -0.25 -29.64 -16.96
N SER G 44 -1.07 -30.26 -17.81
CA SER G 44 -0.95 -30.23 -19.26
C SER G 44 -0.93 -28.79 -19.83
N ASP G 45 -1.78 -27.92 -19.27
CA ASP G 45 -1.79 -26.48 -19.60
C ASP G 45 -0.47 -25.79 -19.26
N VAL G 46 0.09 -26.15 -18.11
CA VAL G 46 1.30 -25.54 -17.58
C VAL G 46 2.52 -25.98 -18.41
N LEU G 47 2.51 -27.22 -18.88
CA LEU G 47 3.57 -27.74 -19.74
C LEU G 47 3.65 -26.94 -21.04
N LYS G 48 2.54 -26.90 -21.78
CA LYS G 48 2.43 -26.19 -23.05
C LYS G 48 2.81 -24.71 -22.92
N ARG G 49 2.45 -24.11 -21.79
CA ARG G 49 2.73 -22.71 -21.53
C ARG G 49 4.18 -22.39 -21.19
N SER G 50 4.82 -23.26 -20.40
CA SER G 50 6.21 -23.08 -20.00
C SER G 50 7.18 -23.29 -21.16
N GLY G 51 6.80 -24.18 -22.08
CA GLY G 51 7.63 -24.52 -23.23
C GLY G 51 8.87 -25.31 -22.86
N VAL G 52 8.85 -25.94 -21.68
CA VAL G 52 9.89 -26.89 -21.27
C VAL G 52 9.43 -28.31 -21.64
N THR G 53 10.34 -29.28 -21.49
CA THR G 53 10.04 -30.70 -21.73
C THR G 53 9.29 -31.30 -20.55
N LYS G 54 8.52 -32.35 -20.82
CA LYS G 54 7.86 -33.18 -19.81
C LYS G 54 8.82 -33.50 -18.65
N GLY G 55 10.02 -33.96 -19.01
CA GLY G 55 11.07 -34.28 -18.05
C GLY G 55 11.49 -33.12 -17.17
N ALA G 56 11.72 -31.96 -17.80
CA ALA G 56 12.10 -30.75 -17.08
C ALA G 56 11.05 -30.42 -16.01
N LEU G 57 9.76 -30.51 -16.38
CA LEU G 57 8.66 -30.18 -15.48
C LEU G 57 8.62 -31.11 -14.27
N TYR G 58 8.53 -32.42 -14.55
CA TYR G 58 8.31 -33.42 -13.50
C TYR G 58 9.49 -33.61 -12.52
N PHE G 59 10.62 -32.95 -12.82
CA PHE G 59 11.76 -32.90 -11.89
C PHE G 59 11.53 -31.91 -10.73
N HIS G 60 11.00 -30.72 -11.03
CA HIS G 60 10.77 -29.66 -10.03
C HIS G 60 9.43 -29.78 -9.32
N PHE G 61 8.39 -30.19 -10.06
CA PHE G 61 7.02 -30.26 -9.56
C PHE G 61 6.34 -31.54 -10.01
N THR G 62 5.76 -32.28 -9.07
CA THR G 62 5.13 -33.57 -9.38
C THR G 62 3.66 -33.48 -9.80
N SER G 63 2.91 -32.57 -9.15
CA SER G 63 1.47 -32.44 -9.31
C SER G 63 1.04 -30.97 -9.40
N LYS G 64 -0.16 -30.75 -9.94
CA LYS G 64 -0.80 -29.43 -9.99
C LYS G 64 -0.76 -28.69 -8.65
N GLN G 65 -1.07 -29.41 -7.56
CA GLN G 65 -1.02 -28.89 -6.20
C GLN G 65 0.33 -28.26 -5.85
N GLU G 66 1.41 -29.00 -6.12
CA GLU G 66 2.78 -28.56 -5.85
C GLU G 66 3.16 -27.29 -6.64
N LEU G 67 2.67 -27.21 -7.88
CA LEU G 67 2.80 -26.00 -8.71
C LEU G 67 2.14 -24.81 -8.06
N ALA G 68 0.86 -24.95 -7.70
CA ALA G 68 0.08 -23.89 -7.07
C ALA G 68 0.69 -23.41 -5.75
N GLN G 69 1.07 -24.36 -4.91
CA GLN G 69 1.67 -24.06 -3.62
C GLN G 69 2.96 -23.24 -3.75
N ALA G 70 3.73 -23.52 -4.81
CA ALA G 70 5.00 -22.86 -5.08
C ALA G 70 4.83 -21.40 -5.48
N VAL G 71 3.88 -21.13 -6.36
CA VAL G 71 3.54 -19.75 -6.77
C VAL G 71 3.06 -18.95 -5.56
N LEU G 72 2.22 -19.57 -4.73
CA LEU G 72 1.75 -18.98 -3.47
C LEU G 72 2.89 -18.64 -2.51
N ALA G 73 3.87 -19.56 -2.43
CA ALA G 73 5.06 -19.40 -1.59
C ALA G 73 6.04 -18.32 -2.10
N GLU G 74 5.68 -17.69 -3.22
CA GLU G 74 6.50 -16.68 -3.85
C GLU G 74 5.85 -15.30 -3.97
N GLN G 75 4.66 -15.13 -3.37
CA GLN G 75 3.88 -13.89 -3.50
C GLN G 75 4.63 -12.64 -3.01
N VAL G 76 5.12 -12.68 -1.77
CA VAL G 76 5.94 -11.61 -1.22
C VAL G 76 7.35 -11.70 -1.81
N ALA G 77 7.90 -12.92 -1.79
CA ALA G 77 9.26 -13.23 -2.24
C ALA G 77 9.60 -12.64 -3.61
N SER G 78 8.69 -12.82 -4.57
CA SER G 78 8.83 -12.22 -5.90
C SER G 78 7.77 -11.13 -6.13
N LEU G 79 7.92 -10.05 -5.37
CA LEU G 79 7.18 -8.80 -5.56
C LEU G 79 8.26 -7.71 -5.69
N PRO G 80 8.35 -7.03 -6.87
CA PRO G 80 9.31 -5.92 -7.01
C PRO G 80 9.02 -4.76 -6.05
N ARG G 81 10.08 -4.32 -5.35
CA ARG G 81 9.98 -3.30 -4.29
C ARG G 81 10.05 -1.86 -4.84
N VAL G 82 10.62 -0.95 -4.03
CA VAL G 82 10.73 0.48 -4.37
C VAL G 82 12.14 1.02 -4.10
N PRO G 83 12.46 2.25 -4.58
CA PRO G 83 13.63 2.94 -4.03
C PRO G 83 13.42 3.31 -2.57
N GLU G 84 14.43 3.01 -1.75
CA GLU G 84 14.40 3.23 -0.28
C GLU G 84 14.04 4.67 0.05
N GLN G 85 13.11 4.83 1.00
CA GLN G 85 12.50 6.12 1.27
C GLN G 85 12.93 6.70 2.61
N GLU G 86 12.82 8.02 2.74
CA GLU G 86 13.00 8.72 4.01
C GLU G 86 11.87 8.40 5.00
N LEU G 87 10.64 8.37 4.48
CA LEU G 87 9.46 8.00 5.24
C LEU G 87 9.07 6.55 4.90
N LYS G 88 9.14 5.67 5.91
CA LYS G 88 8.80 4.26 5.74
C LYS G 88 7.30 4.00 5.54
N LEU G 89 6.47 4.98 5.91
CA LEU G 89 5.04 4.95 5.60
C LEU G 89 4.76 5.27 4.13
N GLN G 90 5.53 6.18 3.55
CA GLN G 90 5.47 6.49 2.11
C GLN G 90 6.06 5.34 1.29
N GLN G 91 7.00 4.61 1.89
CA GLN G 91 7.50 3.35 1.32
C GLN G 91 6.34 2.36 1.21
N SER G 92 5.63 2.15 2.33
CA SER G 92 4.42 1.32 2.41
C SER G 92 3.33 1.74 1.41
N LEU G 93 3.10 3.05 1.31
CA LEU G 93 2.07 3.62 0.44
C LEU G 93 2.41 3.47 -1.04
N ASP G 94 3.70 3.60 -1.36
CA ASP G 94 4.16 3.48 -2.74
C ASP G 94 4.10 2.03 -3.21
N GLU G 95 4.50 1.10 -2.34
CA GLU G 95 4.42 -0.36 -2.58
C GLU G 95 2.98 -0.79 -2.91
N ALA G 96 2.04 -0.33 -2.09
CA ALA G 96 0.62 -0.64 -2.25
C ALA G 96 0.05 -0.05 -3.52
N LEU G 97 0.41 1.21 -3.81
CA LEU G 97 -0.01 1.87 -5.04
C LEU G 97 0.66 1.31 -6.28
N LEU G 98 1.85 0.74 -6.10
CA LEU G 98 2.55 0.02 -7.15
C LEU G 98 1.81 -1.29 -7.48
N LEU G 99 1.45 -2.03 -6.43
CA LEU G 99 0.69 -3.27 -6.54
C LEU G 99 -0.62 -3.09 -7.31
N ALA G 100 -1.28 -1.94 -7.11
CA ALA G 100 -2.51 -1.58 -7.81
C ALA G 100 -2.31 -1.44 -9.32
N HIS G 101 -1.13 -0.95 -9.73
CA HIS G 101 -0.72 -0.92 -11.14
C HIS G 101 -0.28 -2.30 -11.62
N LEU G 102 0.46 -3.01 -10.76
CA LEU G 102 0.97 -4.36 -11.01
C LEU G 102 -0.10 -5.46 -11.12
N LEU G 103 -1.33 -5.12 -10.74
CA LEU G 103 -2.46 -6.04 -10.79
C LEU G 103 -3.42 -5.76 -11.95
N ARG G 104 -3.39 -4.52 -12.46
CA ARG G 104 -4.35 -4.08 -13.47
C ARG G 104 -4.02 -4.56 -14.88
N GLU G 105 -2.86 -4.13 -15.38
CA GLU G 105 -2.52 -4.25 -16.81
C GLU G 105 -2.23 -5.70 -17.22
N GLY G 106 -2.29 -5.95 -18.53
CA GLY G 106 -1.91 -7.22 -19.14
C GLY G 106 -0.47 -7.62 -18.84
N THR G 107 0.40 -6.62 -18.74
CA THR G 107 1.73 -6.79 -18.16
C THR G 107 1.72 -6.22 -16.73
N GLY G 108 2.00 -7.10 -15.78
CA GLY G 108 2.35 -6.74 -14.42
C GLY G 108 3.44 -7.70 -14.03
N ASP G 109 3.11 -8.57 -13.07
CA ASP G 109 3.90 -9.75 -12.73
C ASP G 109 2.89 -10.88 -12.61
N PRO G 110 3.05 -11.97 -13.41
CA PRO G 110 2.08 -13.07 -13.38
C PRO G 110 2.00 -13.79 -12.03
N ILE G 111 3.11 -13.80 -11.28
CA ILE G 111 3.18 -14.42 -9.97
C ILE G 111 2.16 -13.80 -9.01
N VAL G 112 2.09 -12.47 -9.00
CA VAL G 112 1.15 -11.72 -8.14
C VAL G 112 -0.30 -12.06 -8.50
N GLN G 113 -0.71 -11.71 -9.73
CA GLN G 113 -2.05 -12.00 -10.26
C GLN G 113 -2.50 -13.43 -10.04
N GLY G 114 -1.60 -14.37 -10.30
CA GLY G 114 -1.84 -15.79 -10.12
C GLY G 114 -2.15 -16.17 -8.69
N SER G 115 -1.24 -15.82 -7.77
CA SER G 115 -1.41 -16.19 -6.38
C SER G 115 -2.57 -15.44 -5.71
N VAL G 116 -2.78 -14.17 -6.09
CA VAL G 116 -3.94 -13.39 -5.62
C VAL G 116 -5.25 -14.12 -5.93
N ARG G 117 -5.38 -14.67 -7.14
CA ARG G 117 -6.53 -15.51 -7.52
C ARG G 117 -6.55 -16.79 -6.68
N LEU G 118 -5.39 -17.42 -6.54
CA LEU G 118 -5.28 -18.67 -5.77
C LEU G 118 -5.68 -18.52 -4.31
N THR G 119 -5.31 -17.39 -3.71
CA THR G 119 -5.58 -17.07 -2.30
C THR G 119 -7.05 -16.71 -2.06
N VAL G 120 -7.60 -15.85 -2.92
CA VAL G 120 -8.94 -15.29 -2.71
C VAL G 120 -10.04 -16.28 -3.10
N ASP G 121 -9.85 -17.00 -4.21
CA ASP G 121 -10.72 -18.13 -4.58
C ASP G 121 -10.80 -19.14 -3.44
N GLN G 122 -12.00 -19.66 -3.21
CA GLN G 122 -12.24 -20.54 -2.06
C GLN G 122 -11.78 -21.97 -2.34
N GLY G 123 -12.22 -22.55 -3.46
CA GLY G 123 -11.96 -23.95 -3.77
C GLY G 123 -12.74 -24.85 -2.82
N SER G 124 -12.01 -25.64 -2.04
CA SER G 124 -12.55 -26.52 -0.97
C SER G 124 -11.40 -27.05 -0.10
N PRO G 125 -11.69 -27.58 1.11
CA PRO G 125 -10.64 -28.32 1.83
C PRO G 125 -10.23 -29.64 1.14
N ARG G 126 -11.00 -30.06 0.13
CA ARG G 126 -10.71 -31.25 -0.69
C ARG G 126 -9.41 -31.10 -1.49
N ASP G 127 -9.17 -29.91 -2.03
CA ASP G 127 -7.85 -29.51 -2.52
C ASP G 127 -6.99 -29.13 -1.31
N HIS G 128 -5.70 -29.41 -1.39
CA HIS G 128 -4.84 -29.24 -0.21
C HIS G 128 -3.84 -28.09 -0.37
N LEU G 129 -4.33 -26.93 -0.82
CA LEU G 129 -3.50 -25.73 -0.85
C LEU G 129 -3.56 -25.03 0.49
N ASN G 130 -2.42 -24.55 0.95
CA ASN G 130 -2.35 -23.73 2.14
C ASN G 130 -2.42 -22.27 1.74
N ARG G 131 -3.64 -21.71 1.86
CA ARG G 131 -3.87 -20.28 1.60
C ARG G 131 -3.32 -19.41 2.73
N ARG G 132 -3.19 -19.98 3.93
CA ARG G 132 -2.72 -19.25 5.11
C ARG G 132 -1.27 -18.78 4.98
N VAL G 133 -0.47 -19.52 4.22
CA VAL G 133 0.97 -19.25 4.08
C VAL G 133 1.30 -17.94 3.33
N PRO G 134 0.71 -17.71 2.14
CA PRO G 134 0.96 -16.39 1.55
C PRO G 134 0.43 -15.25 2.43
N MET G 135 -0.75 -15.46 3.03
CA MET G 135 -1.40 -14.48 3.89
C MET G 135 -0.57 -14.12 5.13
N GLN G 136 -0.02 -15.15 5.79
CA GLN G 136 0.87 -14.97 6.94
C GLN G 136 2.06 -14.10 6.57
N ALA G 137 2.71 -14.42 5.46
CA ALA G 137 3.93 -13.75 5.01
C ALA G 137 3.69 -12.28 4.63
N TRP G 138 2.56 -12.03 3.96
CA TRP G 138 2.16 -10.70 3.53
C TRP G 138 1.78 -9.85 4.77
N THR G 139 1.15 -10.48 5.77
CA THR G 139 0.84 -9.81 7.05
C THR G 139 2.11 -9.47 7.85
N GLU G 140 3.03 -10.43 7.91
CA GLU G 140 4.31 -10.25 8.59
C GLU G 140 5.16 -9.16 7.93
N HIS G 141 5.19 -9.16 6.60
CA HIS G 141 5.90 -8.16 5.80
C HIS G 141 5.38 -6.75 6.08
N THR G 142 4.05 -6.63 6.19
CA THR G 142 3.39 -5.37 6.50
C THR G 142 3.70 -4.91 7.92
N GLN G 143 3.64 -5.84 8.87
CA GLN G 143 3.96 -5.59 10.27
C GLN G 143 5.39 -5.08 10.42
N SER G 144 6.34 -5.81 9.84
CA SER G 144 7.75 -5.47 9.82
C SER G 144 7.98 -4.01 9.39
N LEU G 145 7.32 -3.60 8.32
CA LEU G 145 7.34 -2.22 7.84
C LEU G 145 6.84 -1.22 8.86
N PHE G 146 5.71 -1.55 9.52
CA PHE G 146 5.13 -0.67 10.55
C PHE G 146 5.99 -0.63 11.81
N GLU G 147 6.63 -1.76 12.14
CA GLU G 147 7.60 -1.83 13.24
C GLU G 147 8.82 -0.95 12.95
N GLU G 148 9.31 -1.03 11.71
CA GLU G 148 10.43 -0.22 11.21
C GLU G 148 10.14 1.28 11.27
N ALA G 149 8.87 1.64 11.02
CA ALA G 149 8.41 3.02 11.05
C ALA G 149 8.19 3.56 12.46
N ARG G 150 7.95 2.67 13.42
CA ARG G 150 7.77 3.04 14.84
C ARG G 150 9.06 3.55 15.47
N ALA G 151 10.15 2.81 15.23
CA ALA G 151 11.49 3.19 15.69
C ALA G 151 12.01 4.45 15.00
N LYS G 152 11.58 4.68 13.76
CA LYS G 152 11.90 5.92 13.04
C LYS G 152 10.93 7.06 13.39
N GLY G 153 10.02 6.79 14.34
CA GLY G 153 9.14 7.79 14.94
C GLY G 153 7.96 8.27 14.11
N GLU G 154 7.61 7.49 13.09
CA GLU G 154 6.56 7.85 12.13
C GLU G 154 5.14 7.55 12.62
N ILE G 155 4.95 6.38 13.23
CA ILE G 155 3.64 6.02 13.78
C ILE G 155 3.53 6.49 15.22
N LEU G 156 2.31 6.61 15.72
CA LEU G 156 2.06 7.20 17.05
C LEU G 156 2.25 6.19 18.21
N PRO G 157 2.57 6.68 19.43
CA PRO G 157 2.89 5.89 20.63
C PRO G 157 2.12 4.59 20.84
N HIS G 158 0.82 4.69 21.10
CA HIS G 158 0.02 3.53 21.52
C HIS G 158 -0.76 2.88 20.37
N ALA G 159 0.02 2.37 19.40
CA ALA G 159 -0.54 1.72 18.21
C ALA G 159 -0.20 0.22 18.19
N ASP G 160 -1.16 -0.56 17.72
CA ASP G 160 -1.06 -2.01 17.65
C ASP G 160 -0.68 -2.41 16.22
N VAL G 161 0.62 -2.56 15.99
CA VAL G 161 1.17 -2.88 14.66
C VAL G 161 0.69 -4.21 14.07
N GLU G 162 0.45 -5.20 14.93
CA GLU G 162 -0.11 -6.49 14.52
C GLU G 162 -1.51 -6.31 13.93
N ALA G 163 -2.41 -5.72 14.74
CA ALA G 163 -3.80 -5.50 14.34
C ALA G 163 -3.93 -4.62 13.10
N LEU G 164 -3.05 -3.62 13.00
CA LEU G 164 -2.97 -2.75 11.82
C LEU G 164 -2.48 -3.49 10.59
N ALA G 165 -1.49 -4.38 10.76
CA ALA G 165 -0.99 -5.17 9.63
C ALA G 165 -2.06 -6.11 9.06
N LYS G 166 -2.86 -6.70 9.96
CA LYS G 166 -3.95 -7.59 9.57
C LYS G 166 -5.07 -6.82 8.87
N LEU G 167 -5.30 -5.59 9.33
CA LEU G 167 -6.30 -4.70 8.75
C LEU G 167 -5.93 -4.39 7.30
N PHE G 168 -4.71 -3.89 7.10
CA PHE G 168 -4.22 -3.53 5.77
C PHE G 168 -4.26 -4.70 4.78
N VAL G 169 -3.75 -5.86 5.18
CA VAL G 169 -3.73 -7.02 4.28
C VAL G 169 -5.16 -7.39 3.87
N GLY G 170 -6.04 -7.48 4.86
CA GLY G 170 -7.47 -7.69 4.64
C GLY G 170 -8.10 -6.61 3.80
N ALA G 171 -7.96 -5.35 4.22
CA ALA G 171 -8.57 -4.20 3.50
C ALA G 171 -8.16 -4.12 2.03
N PHE G 172 -6.85 -4.29 1.78
CA PHE G 172 -6.33 -4.27 0.41
C PHE G 172 -7.00 -5.34 -0.44
N THR G 173 -6.97 -6.61 0.00
CA THR G 173 -7.53 -7.73 -0.78
C THR G 173 -8.99 -7.53 -1.22
N GLY G 174 -9.80 -6.90 -0.37
CA GLY G 174 -11.21 -6.63 -0.66
C GLY G 174 -11.45 -5.39 -1.51
N VAL G 175 -10.64 -4.35 -1.26
CA VAL G 175 -10.56 -3.17 -2.12
C VAL G 175 -10.23 -3.62 -3.54
N GLN G 176 -9.32 -4.57 -3.63
CA GLN G 176 -8.89 -5.20 -4.87
C GLN G 176 -9.99 -6.10 -5.49
N VAL G 177 -10.81 -6.75 -4.65
CA VAL G 177 -11.91 -7.62 -5.12
C VAL G 177 -13.05 -6.78 -5.72
N LEU G 178 -13.51 -5.78 -4.95
CA LEU G 178 -14.56 -4.86 -5.39
C LEU G 178 -14.19 -4.20 -6.72
N SER G 179 -12.93 -3.78 -6.83
CA SER G 179 -12.39 -3.11 -8.01
C SER G 179 -12.46 -4.01 -9.25
N ARG G 180 -12.08 -5.28 -9.08
CA ARG G 180 -12.15 -6.25 -10.16
C ARG G 180 -13.59 -6.43 -10.63
N ILE G 181 -14.51 -6.58 -9.67
CA ILE G 181 -15.91 -6.84 -9.97
C ILE G 181 -16.56 -5.65 -10.68
N MET G 182 -16.36 -4.44 -10.14
CA MET G 182 -17.02 -3.23 -10.63
C MET G 182 -16.39 -2.60 -11.86
N THR G 183 -15.06 -2.50 -11.88
CA THR G 183 -14.39 -1.77 -12.95
C THR G 183 -13.31 -2.56 -13.66
N GLY G 184 -13.23 -3.87 -13.40
CA GLY G 184 -12.15 -4.70 -13.96
C GLY G 184 -10.79 -4.15 -13.57
N ARG G 185 -10.69 -3.76 -12.30
CA ARG G 185 -9.48 -3.20 -11.66
C ARG G 185 -9.06 -1.80 -12.15
N ALA G 186 -9.88 -1.17 -13.00
CA ALA G 186 -9.60 0.17 -13.52
C ALA G 186 -9.35 1.21 -12.43
N ASP G 187 -10.26 1.28 -11.45
CA ASP G 187 -10.18 2.28 -10.41
C ASP G 187 -9.36 1.86 -9.19
N LEU G 188 -8.67 0.73 -9.30
CA LEU G 188 -7.91 0.15 -8.19
C LEU G 188 -6.94 1.12 -7.50
N ALA G 189 -6.26 1.94 -8.30
CA ALA G 189 -5.29 2.92 -7.79
C ALA G 189 -5.98 3.99 -6.95
N GLU G 190 -7.12 4.50 -7.44
CA GLU G 190 -7.92 5.47 -6.71
C GLU G 190 -8.54 4.85 -5.46
N ARG G 191 -8.91 3.56 -5.55
CA ARG G 191 -9.47 2.83 -4.41
C ARG G 191 -8.44 2.57 -3.31
N VAL G 192 -7.19 2.26 -3.71
CA VAL G 192 -6.10 1.95 -2.76
C VAL G 192 -5.59 3.22 -2.06
N ALA G 193 -5.42 4.28 -2.85
CA ALA G 193 -5.05 5.61 -2.34
C ALA G 193 -6.10 6.12 -1.35
N ASP G 194 -7.37 5.89 -1.70
CA ASP G 194 -8.51 6.18 -0.84
C ASP G 194 -8.38 5.43 0.49
N LEU G 195 -8.07 4.13 0.40
CA LEU G 195 -7.92 3.25 1.55
C LEU G 195 -6.85 3.76 2.51
N TYR G 196 -5.66 4.01 1.97
CA TYR G 196 -4.55 4.54 2.75
C TYR G 196 -4.80 5.95 3.29
N ARG G 197 -5.62 6.72 2.57
CA ARG G 197 -5.97 8.09 2.96
C ARG G 197 -6.87 8.15 4.19
N HIS G 198 -7.72 7.14 4.38
CA HIS G 198 -8.67 7.12 5.51
C HIS G 198 -8.16 6.34 6.72
N LEU G 199 -7.29 5.37 6.47
CA LEU G 199 -6.77 4.48 7.51
C LEU G 199 -5.62 5.06 8.31
N MET G 200 -4.73 5.79 7.64
CA MET G 200 -3.52 6.35 8.26
C MET G 200 -3.74 7.44 9.32
N PRO G 201 -4.74 8.34 9.15
CA PRO G 201 -5.11 9.26 10.24
C PRO G 201 -5.26 8.62 11.62
N SER G 202 -5.49 7.30 11.68
CA SER G 202 -5.68 6.59 12.94
C SER G 202 -4.39 6.20 13.68
N PHE G 203 -3.27 6.10 12.95
CA PHE G 203 -2.02 5.60 13.54
C PHE G 203 -0.73 6.37 13.18
N ALA G 204 -0.79 7.17 12.12
CA ALA G 204 0.34 7.99 11.73
C ALA G 204 0.46 9.20 12.63
N MET G 205 1.68 9.64 12.88
CA MET G 205 1.93 10.91 13.56
C MET G 205 1.54 12.05 12.62
N PRO G 206 0.73 13.02 13.11
CA PRO G 206 0.54 14.26 12.36
C PRO G 206 1.89 14.91 12.13
N GLY G 207 2.14 15.35 10.90
CA GLY G 207 3.47 15.80 10.50
C GLY G 207 4.08 14.82 9.53
N ILE G 208 3.67 13.55 9.64
CA ILE G 208 3.86 12.55 8.59
C ILE G 208 2.69 12.66 7.61
N LEU G 209 1.47 12.79 8.16
CA LEU G 209 0.24 12.90 7.38
C LEU G 209 0.21 14.01 6.31
N VAL G 210 0.81 15.16 6.62
CA VAL G 210 0.92 16.27 5.67
C VAL G 210 2.13 16.16 4.76
N ARG G 211 3.10 15.33 5.16
CA ARG G 211 4.28 15.06 4.36
C ARG G 211 4.12 13.83 3.44
N LEU G 212 2.93 13.22 3.47
CA LEU G 212 2.62 12.04 2.65
C LEU G 212 2.08 12.42 1.29
N ASP G 213 2.49 11.65 0.28
CA ASP G 213 2.11 11.89 -1.11
C ASP G 213 1.34 10.71 -1.70
N PHE G 214 0.02 10.88 -1.76
CA PHE G 214 -0.90 9.88 -2.30
C PHE G 214 -1.08 10.04 -3.81
N SER G 215 -0.61 11.17 -4.33
CA SER G 215 -0.94 11.68 -5.68
C SER G 215 -0.79 10.68 -6.83
N PRO G 216 -1.77 10.68 -7.77
CA PRO G 216 -1.75 9.81 -8.96
C PRO G 216 -0.52 10.03 -9.85
N GLU G 217 -0.12 11.29 -10.00
CA GLU G 217 1.06 11.68 -10.80
C GLU G 217 2.36 11.13 -10.24
N ARG G 218 2.43 10.99 -8.91
CA ARG G 218 3.56 10.36 -8.23
C ARG G 218 3.54 8.85 -8.42
N GLY G 219 2.32 8.29 -8.51
CA GLY G 219 2.10 6.86 -8.75
C GLY G 219 2.67 6.38 -10.08
N SER G 220 2.50 7.22 -11.11
CA SER G 220 3.07 7.03 -12.43
C SER G 220 4.61 7.04 -12.38
N ARG G 221 5.16 7.98 -11.61
CA ARG G 221 6.60 8.14 -11.46
C ARG G 221 7.30 6.97 -10.77
N VAL G 222 6.61 6.34 -9.81
CA VAL G 222 7.15 5.14 -9.13
C VAL G 222 7.04 3.93 -10.07
N TYR G 223 6.01 3.93 -10.91
CA TYR G 223 5.80 2.89 -11.93
C TYR G 223 6.81 2.98 -13.08
N GLU G 224 7.16 4.21 -13.47
CA GLU G 224 8.21 4.46 -14.48
C GLU G 224 9.60 4.06 -13.99
N ALA G 225 9.86 4.29 -12.70
CA ALA G 225 11.10 3.87 -12.04
C ALA G 225 11.16 2.34 -11.84
N ALA G 226 10.00 1.70 -11.88
CA ALA G 226 9.89 0.24 -11.75
C ALA G 226 10.18 -0.53 -13.06
N MET G 227 10.57 0.21 -14.11
CA MET G 227 11.06 -0.39 -15.37
C MET G 227 12.53 -0.79 -15.21
N LYS G 228 12.74 -1.78 -14.34
CA LYS G 228 14.07 -2.21 -13.87
C LYS G 228 13.86 -3.46 -13.02
N ILE H 19 29.18 -34.65 12.73
CA ILE H 19 27.92 -35.18 12.16
C ILE H 19 26.73 -34.94 13.12
N ARG H 20 26.57 -35.85 14.08
CA ARG H 20 25.56 -35.79 15.15
C ARG H 20 26.05 -34.98 16.38
N THR H 21 27.03 -34.12 16.15
CA THR H 21 27.48 -33.10 17.11
C THR H 21 26.36 -32.12 17.44
N ARG H 22 25.50 -31.79 16.46
CA ARG H 22 24.26 -31.03 16.68
C ARG H 22 23.42 -31.63 17.82
N GLN H 23 23.21 -32.95 17.76
CA GLN H 23 22.43 -33.68 18.77
C GLN H 23 22.99 -33.56 20.19
N THR H 24 24.31 -33.73 20.34
CA THR H 24 24.97 -33.56 21.64
C THR H 24 24.71 -32.17 22.22
N ILE H 25 24.88 -31.14 21.38
CA ILE H 25 24.69 -29.75 21.78
C ILE H 25 23.23 -29.49 22.12
N LEU H 26 22.32 -29.91 21.24
CA LEU H 26 20.88 -29.73 21.47
C LEU H 26 20.39 -30.36 22.75
N VAL H 27 20.83 -31.59 23.02
CA VAL H 27 20.46 -32.32 24.24
C VAL H 27 20.95 -31.59 25.49
N ALA H 28 22.18 -31.09 25.47
CA ALA H 28 22.72 -30.32 26.59
C ALA H 28 22.00 -28.99 26.76
N ALA H 29 21.68 -28.33 25.66
CA ALA H 29 20.92 -27.08 25.68
C ALA H 29 19.55 -27.30 26.33
N ALA H 30 18.89 -28.39 25.94
CA ALA H 30 17.58 -28.78 26.45
C ALA H 30 17.59 -29.04 27.96
N GLU H 31 18.72 -29.53 28.47
CA GLU H 31 18.89 -29.78 29.90
C GLU H 31 18.95 -28.46 30.65
N VAL H 32 19.90 -27.60 30.25
CA VAL H 32 20.09 -26.26 30.83
C VAL H 32 18.79 -25.44 30.86
N PHE H 33 18.05 -25.44 29.75
CA PHE H 33 16.75 -24.75 29.69
C PHE H 33 15.72 -25.33 30.65
N ASP H 34 15.71 -26.65 30.79
CA ASP H 34 14.82 -27.34 31.73
C ASP H 34 15.19 -27.01 33.18
N GLU H 35 16.48 -26.90 33.48
CA GLU H 35 16.86 -26.59 34.87
C GLU H 35 16.77 -25.11 35.22
N VAL H 36 17.39 -24.23 34.43
CA VAL H 36 17.36 -22.80 34.77
C VAL H 36 16.34 -21.95 34.02
N GLY H 37 15.77 -22.51 32.94
CA GLY H 37 14.90 -21.73 32.06
C GLY H 37 15.69 -20.83 31.12
N TYR H 38 14.98 -20.22 30.16
CA TYR H 38 15.63 -19.51 29.08
C TYR H 38 16.51 -18.34 29.50
N GLU H 39 15.96 -17.41 30.28
CA GLU H 39 16.64 -16.15 30.61
C GLU H 39 17.92 -16.36 31.42
N ALA H 40 17.83 -17.21 32.44
CA ALA H 40 18.97 -17.54 33.32
C ALA H 40 20.14 -18.26 32.62
N ALA H 41 19.81 -19.04 31.60
CA ALA H 41 20.78 -19.81 30.80
C ALA H 41 21.79 -18.94 30.05
N THR H 42 23.03 -19.42 30.02
CA THR H 42 24.09 -18.80 29.21
C THR H 42 24.49 -19.82 28.13
N ILE H 43 25.17 -19.35 27.09
CA ILE H 43 25.77 -20.25 26.09
C ILE H 43 26.93 -20.98 26.79
N SER H 44 27.65 -20.23 27.63
CA SER H 44 28.71 -20.75 28.50
C SER H 44 28.30 -22.03 29.27
N ASP H 45 27.07 -22.05 29.78
CA ASP H 45 26.47 -23.25 30.41
C ASP H 45 26.32 -24.41 29.43
N VAL H 46 25.82 -24.11 28.24
CA VAL H 46 25.52 -25.10 27.20
C VAL H 46 26.81 -25.71 26.65
N LEU H 47 27.87 -24.89 26.55
CA LEU H 47 29.18 -25.36 26.10
C LEU H 47 29.74 -26.38 27.09
N LYS H 48 29.83 -25.98 28.36
CA LYS H 48 30.39 -26.82 29.42
C LYS H 48 29.66 -28.17 29.51
N ARG H 49 28.34 -28.10 29.37
CA ARG H 49 27.47 -29.27 29.42
C ARG H 49 27.57 -30.19 28.21
N SER H 50 27.65 -29.62 27.01
CA SER H 50 27.77 -30.40 25.77
C SER H 50 29.09 -31.17 25.69
N GLY H 51 30.15 -30.57 26.22
CA GLY H 51 31.50 -31.14 26.18
C GLY H 51 32.10 -31.16 24.78
N VAL H 52 31.55 -30.34 23.89
CA VAL H 52 32.17 -30.07 22.59
C VAL H 52 33.10 -28.84 22.74
N THR H 53 33.86 -28.53 21.70
CA THR H 53 34.75 -27.36 21.68
C THR H 53 33.97 -26.11 21.32
N LYS H 54 34.50 -24.96 21.77
CA LYS H 54 33.96 -23.63 21.44
C LYS H 54 33.67 -23.49 19.93
N GLY H 55 34.61 -23.94 19.11
CA GLY H 55 34.46 -23.95 17.65
C GLY H 55 33.31 -24.82 17.18
N ALA H 56 33.26 -26.05 17.70
CA ALA H 56 32.20 -27.00 17.35
C ALA H 56 30.81 -26.39 17.59
N LEU H 57 30.65 -25.72 18.74
CA LEU H 57 29.38 -25.08 19.11
C LEU H 57 29.00 -23.99 18.12
N TYR H 58 29.89 -22.99 17.97
CA TYR H 58 29.61 -21.79 17.17
C TYR H 58 29.52 -22.01 15.66
N PHE H 59 29.71 -23.26 15.22
CA PHE H 59 29.44 -23.65 13.83
C PHE H 59 27.95 -23.93 13.56
N HIS H 60 27.27 -24.58 14.50
CA HIS H 60 25.85 -24.92 14.39
C HIS H 60 24.93 -23.83 14.94
N PHE H 61 25.34 -23.21 16.05
CA PHE H 61 24.49 -22.27 16.78
C PHE H 61 25.27 -21.04 17.18
N THR H 62 24.76 -19.87 16.80
CA THR H 62 25.47 -18.60 17.04
C THR H 62 25.09 -17.93 18.37
N SER H 63 23.80 -17.99 18.71
CA SER H 63 23.26 -17.34 19.89
C SER H 63 22.40 -18.30 20.73
N LYS H 64 22.22 -17.96 22.00
CA LYS H 64 21.30 -18.66 22.91
C LYS H 64 19.91 -18.83 22.30
N GLN H 65 19.40 -17.76 21.68
CA GLN H 65 18.11 -17.77 20.97
C GLN H 65 18.01 -18.89 19.93
N GLU H 66 19.05 -19.03 19.09
CA GLU H 66 19.11 -20.07 18.06
C GLU H 66 19.10 -21.48 18.65
N LEU H 67 19.79 -21.64 19.78
CA LEU H 67 19.80 -22.90 20.55
C LEU H 67 18.41 -23.26 21.02
N ALA H 68 17.77 -22.33 21.74
CA ALA H 68 16.41 -22.50 22.25
C ALA H 68 15.40 -22.81 21.13
N GLN H 69 15.48 -22.04 20.06
CA GLN H 69 14.58 -22.22 18.91
C GLN H 69 14.70 -23.62 18.29
N ALA H 70 15.92 -24.15 18.26
CA ALA H 70 16.20 -25.46 17.67
C ALA H 70 15.63 -26.62 18.48
N VAL H 71 15.80 -26.56 19.81
CA VAL H 71 15.17 -27.54 20.73
C VAL H 71 13.65 -27.51 20.56
N LEU H 72 13.08 -26.29 20.55
CA LEU H 72 11.64 -26.07 20.34
C LEU H 72 11.15 -26.67 19.02
N ALA H 73 11.90 -26.42 17.94
CA ALA H 73 11.58 -26.92 16.60
C ALA H 73 11.80 -28.44 16.44
N GLU H 74 12.12 -29.11 17.54
CA GLU H 74 12.42 -30.53 17.53
C GLU H 74 11.56 -31.35 18.51
N GLN H 75 10.56 -30.70 19.12
CA GLN H 75 9.71 -31.32 20.17
C GLN H 75 8.89 -32.51 19.69
N VAL H 76 8.13 -32.32 18.62
CA VAL H 76 7.26 -33.36 18.04
C VAL H 76 8.09 -34.55 17.56
N ALA H 77 9.21 -34.25 16.90
CA ALA H 77 10.18 -35.26 16.45
C ALA H 77 10.79 -36.04 17.62
N SER H 78 10.99 -35.37 18.75
CA SER H 78 11.68 -35.96 19.91
C SER H 78 10.78 -36.71 20.91
N LEU H 79 9.60 -37.12 20.46
CA LEU H 79 8.80 -38.09 21.20
C LEU H 79 9.04 -39.48 20.58
N PRO H 80 9.67 -40.42 21.35
CA PRO H 80 9.65 -41.84 20.94
C PRO H 80 8.21 -42.37 20.94
N ARG H 81 7.81 -42.98 19.83
CA ARG H 81 6.41 -43.37 19.60
C ARG H 81 5.98 -44.67 20.28
N VAL H 82 5.19 -45.48 19.58
CA VAL H 82 4.58 -46.70 20.11
C VAL H 82 4.58 -47.82 19.05
N PRO H 83 4.16 -49.06 19.43
CA PRO H 83 3.79 -50.03 18.39
C PRO H 83 2.56 -49.58 17.60
N GLU H 84 2.67 -49.62 16.27
CA GLU H 84 1.61 -49.20 15.34
C GLU H 84 0.29 -49.91 15.65
N GLN H 85 -0.66 -49.15 16.16
CA GLN H 85 -1.85 -49.70 16.80
C GLN H 85 -3.02 -49.94 15.84
N GLU H 86 -3.86 -50.90 16.24
CA GLU H 86 -5.10 -51.24 15.54
C GLU H 86 -6.22 -50.19 15.79
N LEU H 87 -6.33 -49.73 17.03
CA LEU H 87 -7.17 -48.59 17.39
C LEU H 87 -6.29 -47.35 17.52
N LYS H 88 -6.49 -46.39 16.62
CA LYS H 88 -5.68 -45.16 16.59
C LYS H 88 -5.93 -44.19 17.75
N LEU H 89 -7.03 -44.39 18.47
CA LEU H 89 -7.29 -43.64 19.71
C LEU H 89 -6.48 -44.18 20.89
N GLN H 90 -6.31 -45.50 20.95
CA GLN H 90 -5.44 -46.15 21.95
C GLN H 90 -3.96 -45.82 21.66
N GLN H 91 -3.64 -45.59 20.39
CA GLN H 91 -2.32 -45.07 20.00
C GLN H 91 -2.14 -43.71 20.67
N SER H 92 -3.09 -42.81 20.44
CA SER H 92 -3.12 -41.45 21.02
C SER H 92 -3.06 -41.44 22.56
N LEU H 93 -3.82 -42.34 23.18
CA LEU H 93 -3.87 -42.45 24.64
C LEU H 93 -2.57 -42.99 25.23
N ASP H 94 -1.98 -43.97 24.54
CA ASP H 94 -0.70 -44.55 24.95
C ASP H 94 0.43 -43.54 24.82
N GLU H 95 0.43 -42.79 23.70
CA GLU H 95 1.38 -41.70 23.44
C GLU H 95 1.35 -40.65 24.54
N ALA H 96 0.13 -40.23 24.91
CA ALA H 96 -0.08 -39.23 25.95
C ALA H 96 0.36 -39.75 27.32
N LEU H 97 -0.06 -40.97 27.66
CA LEU H 97 0.31 -41.59 28.94
C LEU H 97 1.80 -41.90 29.02
N LEU H 98 2.44 -42.04 27.86
CA LEU H 98 3.88 -42.21 27.77
C LEU H 98 4.59 -40.89 28.08
N LEU H 99 4.10 -39.81 27.46
CA LEU H 99 4.60 -38.45 27.70
C LEU H 99 4.56 -38.08 29.20
N ALA H 100 3.56 -38.59 29.92
CA ALA H 100 3.43 -38.41 31.37
C ALA H 100 4.57 -39.06 32.15
N HIS H 101 5.01 -40.24 31.70
CA HIS H 101 6.18 -40.92 32.26
C HIS H 101 7.48 -40.26 31.78
N LEU H 102 7.53 -39.91 30.49
CA LEU H 102 8.65 -39.22 29.86
C LEU H 102 8.94 -37.81 30.40
N LEU H 103 8.03 -37.27 31.20
CA LEU H 103 8.17 -35.95 31.80
C LEU H 103 8.53 -35.99 33.30
N ARG H 104 8.28 -37.12 33.95
CA ARG H 104 8.49 -37.25 35.40
C ARG H 104 9.82 -37.91 35.79
N GLU H 105 10.01 -39.15 35.37
CA GLU H 105 10.95 -40.10 36.00
C GLU H 105 12.45 -39.79 35.82
N GLY H 106 12.85 -38.55 36.13
CA GLY H 106 14.23 -38.08 36.01
C GLY H 106 14.71 -38.17 34.58
N THR H 107 15.12 -39.38 34.19
CA THR H 107 15.36 -39.73 32.79
C THR H 107 14.03 -39.90 32.07
N GLY H 108 13.83 -39.07 31.05
CA GLY H 108 12.84 -39.29 30.02
C GLY H 108 13.59 -38.95 28.75
N ASP H 109 13.25 -37.79 28.20
CA ASP H 109 14.03 -37.13 27.15
C ASP H 109 14.27 -35.70 27.65
N PRO H 110 15.51 -35.21 27.58
CA PRO H 110 15.74 -33.79 27.94
C PRO H 110 15.12 -32.79 26.96
N ILE H 111 14.95 -33.18 25.70
CA ILE H 111 14.40 -32.31 24.67
C ILE H 111 12.94 -31.98 24.96
N VAL H 112 12.17 -32.99 25.34
CA VAL H 112 10.75 -32.82 25.69
C VAL H 112 10.59 -31.87 26.89
N GLN H 113 11.24 -32.22 27.99
CA GLN H 113 11.20 -31.48 29.25
C GLN H 113 11.65 -30.03 29.10
N GLY H 114 12.74 -29.84 28.35
CA GLY H 114 13.32 -28.53 28.09
C GLY H 114 12.41 -27.62 27.30
N SER H 115 11.88 -28.12 26.19
CA SER H 115 11.03 -27.33 25.31
C SER H 115 9.66 -27.03 25.93
N VAL H 116 9.13 -27.97 26.70
CA VAL H 116 7.88 -27.76 27.47
C VAL H 116 8.03 -26.56 28.42
N ARG H 117 9.18 -26.47 29.10
CA ARG H 117 9.49 -25.31 29.94
C ARG H 117 9.66 -24.06 29.08
N LEU H 118 10.32 -24.19 27.93
CA LEU H 118 10.53 -23.06 27.01
C LEU H 118 9.21 -22.51 26.46
N THR H 119 8.28 -23.40 26.15
CA THR H 119 6.95 -23.06 25.62
C THR H 119 6.05 -22.41 26.68
N VAL H 120 5.96 -23.05 27.84
CA VAL H 120 5.00 -22.69 28.87
C VAL H 120 5.43 -21.43 29.64
N ASP H 121 6.73 -21.31 29.95
CA ASP H 121 7.30 -20.06 30.47
C ASP H 121 6.99 -18.92 29.50
N GLN H 122 6.70 -17.75 30.06
CA GLN H 122 6.25 -16.63 29.26
C GLN H 122 7.41 -15.84 28.64
N GLY H 123 8.43 -15.56 29.43
CA GLY H 123 9.54 -14.70 28.99
C GLY H 123 9.03 -13.29 28.74
N SER H 124 9.17 -12.85 27.50
CA SER H 124 8.72 -11.53 27.01
C SER H 124 8.86 -11.44 25.47
N PRO H 125 8.21 -10.45 24.82
CA PRO H 125 8.55 -10.21 23.40
C PRO H 125 9.96 -9.67 23.18
N ARG H 126 10.66 -9.32 24.26
CA ARG H 126 12.06 -8.85 24.24
C ARG H 126 13.01 -9.93 23.70
N ASP H 127 12.79 -11.18 24.13
CA ASP H 127 13.39 -12.35 23.49
C ASP H 127 12.58 -12.70 22.25
N HIS H 128 13.25 -13.23 21.24
CA HIS H 128 12.58 -13.50 19.97
C HIS H 128 12.46 -15.00 19.72
N LEU H 129 11.71 -15.66 20.60
CA LEU H 129 11.41 -17.09 20.48
C LEU H 129 10.01 -17.27 19.96
N ASN H 130 9.87 -18.12 18.95
CA ASN H 130 8.57 -18.45 18.41
C ASN H 130 8.03 -19.66 19.15
N ARG H 131 7.20 -19.37 20.16
CA ARG H 131 6.50 -20.42 20.92
C ARG H 131 5.36 -21.02 20.13
N ARG H 132 4.85 -20.28 19.14
CA ARG H 132 3.74 -20.75 18.29
C ARG H 132 4.10 -22.01 17.51
N VAL H 133 5.37 -22.12 17.11
CA VAL H 133 5.85 -23.20 16.22
C VAL H 133 5.79 -24.60 16.86
N PRO H 134 6.37 -24.80 18.06
CA PRO H 134 6.15 -26.13 18.67
C PRO H 134 4.67 -26.46 18.88
N MET H 135 3.88 -25.47 19.32
CA MET H 135 2.45 -25.66 19.59
C MET H 135 1.64 -26.03 18.34
N GLN H 136 1.87 -25.28 17.25
CA GLN H 136 1.24 -25.55 15.95
C GLN H 136 1.50 -26.99 15.52
N ALA H 137 2.77 -27.40 15.58
CA ALA H 137 3.21 -28.72 15.14
C ALA H 137 2.63 -29.85 16.00
N TRP H 138 2.54 -29.60 17.30
CA TRP H 138 1.99 -30.55 18.27
C TRP H 138 0.46 -30.63 18.06
N THR H 139 -0.18 -29.51 17.71
CA THR H 139 -1.63 -29.48 17.38
C THR H 139 -1.95 -30.20 16.07
N GLU H 140 -1.12 -29.95 15.05
CA GLU H 140 -1.26 -30.60 13.75
C GLU H 140 -1.05 -32.11 13.86
N HIS H 141 -0.04 -32.52 14.63
CA HIS H 141 0.25 -33.93 14.91
C HIS H 141 -0.94 -34.63 15.54
N THR H 142 -1.57 -33.94 16.50
CA THR H 142 -2.72 -34.46 17.23
C THR H 142 -3.95 -34.57 16.32
N GLN H 143 -4.16 -33.55 15.49
CA GLN H 143 -5.25 -33.52 14.51
C GLN H 143 -5.11 -34.66 13.53
N SER H 144 -3.90 -34.81 12.98
CA SER H 144 -3.54 -35.84 12.01
C SER H 144 -3.93 -37.23 12.49
N LEU H 145 -3.71 -37.50 13.77
CA LEU H 145 -4.11 -38.77 14.40
C LEU H 145 -5.62 -38.91 14.53
N PHE H 146 -6.32 -37.81 14.83
CA PHE H 146 -7.78 -37.82 14.93
C PHE H 146 -8.42 -37.99 13.55
N GLU H 147 -7.82 -37.37 12.54
CA GLU H 147 -8.23 -37.52 11.14
C GLU H 147 -8.10 -38.97 10.70
N GLU H 148 -6.97 -39.57 11.06
CA GLU H 148 -6.64 -40.98 10.80
C GLU H 148 -7.62 -41.94 11.49
N ALA H 149 -8.10 -41.56 12.67
CA ALA H 149 -9.06 -42.36 13.44
C ALA H 149 -10.46 -42.31 12.85
N ARG H 150 -10.87 -41.15 12.34
CA ARG H 150 -12.22 -40.93 11.78
C ARG H 150 -12.45 -41.73 10.49
N ALA H 151 -11.42 -41.77 9.64
CA ALA H 151 -11.41 -42.58 8.43
C ALA H 151 -11.42 -44.09 8.75
N LYS H 152 -10.82 -44.46 9.88
CA LYS H 152 -10.88 -45.83 10.39
C LYS H 152 -12.17 -46.09 11.20
N GLY H 153 -13.03 -45.07 11.28
CA GLY H 153 -14.38 -45.18 11.84
C GLY H 153 -14.50 -45.12 13.35
N GLU H 154 -13.48 -44.57 14.01
CA GLU H 154 -13.40 -44.50 15.47
C GLU H 154 -14.13 -43.27 16.06
N ILE H 155 -14.07 -42.15 15.34
CA ILE H 155 -14.68 -40.90 15.76
C ILE H 155 -16.14 -40.88 15.30
N LEU H 156 -17.02 -40.32 16.12
CA LEU H 156 -18.45 -40.20 15.79
C LEU H 156 -18.69 -39.15 14.68
N PRO H 157 -19.79 -39.31 13.88
CA PRO H 157 -20.00 -38.68 12.56
C PRO H 157 -19.45 -37.26 12.34
N HIS H 158 -20.24 -36.23 12.67
CA HIS H 158 -19.87 -34.85 12.37
C HIS H 158 -19.22 -34.15 13.58
N ALA H 159 -17.98 -34.55 13.85
CA ALA H 159 -17.18 -33.97 14.94
C ALA H 159 -16.05 -33.11 14.39
N ASP H 160 -15.72 -32.05 15.15
CA ASP H 160 -14.70 -31.07 14.78
C ASP H 160 -13.33 -31.53 15.25
N VAL H 161 -12.56 -32.12 14.34
CA VAL H 161 -11.21 -32.65 14.65
C VAL H 161 -10.16 -31.59 14.98
N GLU H 162 -10.30 -30.40 14.37
CA GLU H 162 -9.42 -29.26 14.63
C GLU H 162 -9.57 -28.78 16.08
N ALA H 163 -10.81 -28.44 16.46
CA ALA H 163 -11.12 -27.94 17.80
C ALA H 163 -10.73 -28.94 18.88
N LEU H 164 -10.91 -30.23 18.59
CA LEU H 164 -10.50 -31.30 19.49
C LEU H 164 -8.98 -31.35 19.68
N ALA H 165 -8.24 -31.18 18.58
CA ALA H 165 -6.77 -31.17 18.66
C ALA H 165 -6.24 -30.01 19.50
N LYS H 166 -6.86 -28.84 19.37
CA LYS H 166 -6.49 -27.65 20.13
C LYS H 166 -6.86 -27.81 21.61
N LEU H 167 -7.95 -28.51 21.86
CA LEU H 167 -8.41 -28.81 23.21
C LEU H 167 -7.41 -29.73 23.91
N PHE H 168 -7.02 -30.81 23.23
CA PHE H 168 -6.09 -31.77 23.77
C PHE H 168 -4.71 -31.18 24.07
N VAL H 169 -4.14 -30.45 23.11
CA VAL H 169 -2.83 -29.82 23.31
C VAL H 169 -2.92 -28.80 24.46
N GLY H 170 -4.01 -28.04 24.47
CA GLY H 170 -4.34 -27.12 25.56
C GLY H 170 -4.43 -27.85 26.88
N ALA H 171 -5.41 -28.76 26.99
CA ALA H 171 -5.70 -29.46 28.25
C ALA H 171 -4.50 -30.21 28.83
N PHE H 172 -3.77 -30.92 27.98
CA PHE H 172 -2.57 -31.65 28.39
C PHE H 172 -1.58 -30.71 29.06
N THR H 173 -1.24 -29.62 28.36
CA THR H 173 -0.29 -28.60 28.84
C THR H 173 -0.53 -28.16 30.30
N GLY H 174 -1.80 -27.91 30.64
CA GLY H 174 -2.17 -27.43 31.97
C GLY H 174 -2.36 -28.50 33.01
N VAL H 175 -2.86 -29.66 32.57
CA VAL H 175 -2.86 -30.88 33.39
C VAL H 175 -1.43 -31.13 33.86
N GLN H 176 -0.49 -30.97 32.93
CA GLN H 176 0.94 -31.08 33.17
C GLN H 176 1.48 -29.97 34.08
N VAL H 177 0.92 -28.75 34.00
CA VAL H 177 1.35 -27.61 34.84
C VAL H 177 0.92 -27.81 36.30
N LEU H 178 -0.38 -28.05 36.50
CA LEU H 178 -0.98 -28.29 37.82
C LEU H 178 -0.26 -29.42 38.55
N SER H 179 0.07 -30.48 37.81
CA SER H 179 0.78 -31.66 38.32
C SER H 179 2.15 -31.28 38.87
N ARG H 180 2.90 -30.51 38.08
CA ARG H 180 4.23 -30.03 38.48
C ARG H 180 4.15 -29.23 39.77
N ILE H 181 3.16 -28.34 39.86
CA ILE H 181 3.00 -27.44 40.99
C ILE H 181 2.64 -28.20 42.26
N MET H 182 1.65 -29.09 42.16
CA MET H 182 1.11 -29.81 43.33
C MET H 182 1.91 -31.03 43.76
N THR H 183 2.35 -31.83 42.80
CA THR H 183 2.96 -33.11 43.12
C THR H 183 4.30 -33.34 42.41
N GLY H 184 4.93 -32.27 41.93
CA GLY H 184 6.19 -32.39 41.17
C GLY H 184 6.09 -33.46 40.10
N ARG H 185 4.96 -33.45 39.39
CA ARG H 185 4.62 -34.39 38.31
C ARG H 185 4.33 -35.84 38.73
N ALA H 186 4.23 -36.10 40.04
CA ALA H 186 3.95 -37.45 40.56
C ALA H 186 2.64 -38.05 40.02
N ASP H 187 1.55 -37.30 40.14
CA ASP H 187 0.24 -37.79 39.72
C ASP H 187 -0.08 -37.58 38.24
N LEU H 188 0.92 -37.13 37.46
CA LEU H 188 0.73 -36.80 36.04
C LEU H 188 0.06 -37.89 35.21
N ALA H 189 0.43 -39.15 35.46
CA ALA H 189 -0.17 -40.29 34.76
C ALA H 189 -1.64 -40.44 35.11
N GLU H 190 -1.95 -40.33 36.41
CA GLU H 190 -3.33 -40.39 36.88
C GLU H 190 -4.16 -39.17 36.44
N ARG H 191 -3.50 -38.02 36.27
CA ARG H 191 -4.15 -36.81 35.79
C ARG H 191 -4.45 -36.88 34.29
N VAL H 192 -3.51 -37.42 33.51
CA VAL H 192 -3.64 -37.50 32.04
C VAL H 192 -4.69 -38.54 31.62
N ALA H 193 -4.63 -39.71 32.24
CA ALA H 193 -5.62 -40.77 32.06
C ALA H 193 -7.01 -40.28 32.43
N ASP H 194 -7.07 -39.52 33.52
CA ASP H 194 -8.30 -38.86 33.98
C ASP H 194 -8.87 -37.97 32.87
N LEU H 195 -8.02 -37.12 32.30
CA LEU H 195 -8.37 -36.21 31.21
C LEU H 195 -8.95 -36.97 30.03
N TYR H 196 -8.19 -37.93 29.53
CA TYR H 196 -8.62 -38.78 28.42
C TYR H 196 -9.92 -39.54 28.68
N ARG H 197 -10.11 -39.97 29.94
CA ARG H 197 -11.35 -40.62 30.37
C ARG H 197 -12.59 -39.74 30.28
N HIS H 198 -12.42 -38.43 30.50
CA HIS H 198 -13.56 -37.51 30.49
C HIS H 198 -13.81 -36.84 29.14
N LEU H 199 -12.74 -36.65 28.36
CA LEU H 199 -12.85 -35.98 27.05
C LEU H 199 -13.37 -36.88 25.93
N MET H 200 -12.89 -38.12 25.89
CA MET H 200 -13.23 -39.05 24.81
C MET H 200 -14.71 -39.43 24.64
N PRO H 201 -15.48 -39.56 25.75
CA PRO H 201 -16.93 -39.78 25.58
C PRO H 201 -17.65 -38.78 24.66
N SER H 202 -17.07 -37.60 24.46
CA SER H 202 -17.67 -36.55 23.63
C SER H 202 -17.50 -36.75 22.12
N PHE H 203 -16.55 -37.58 21.70
CA PHE H 203 -16.26 -37.74 20.25
C PHE H 203 -15.93 -39.16 19.78
N ALA H 204 -15.59 -40.04 20.71
CA ALA H 204 -15.33 -41.45 20.40
C ALA H 204 -16.64 -42.18 20.17
N MET H 205 -16.64 -43.09 19.19
CA MET H 205 -17.76 -44.00 18.98
C MET H 205 -17.84 -44.96 20.17
N PRO H 206 -19.04 -45.06 20.80
CA PRO H 206 -19.22 -46.13 21.80
C PRO H 206 -18.97 -47.47 21.12
N GLY H 207 -18.16 -48.31 21.77
CA GLY H 207 -17.65 -49.51 21.12
C GLY H 207 -16.15 -49.41 20.93
N ILE H 208 -15.68 -48.17 20.74
CA ILE H 208 -14.27 -47.82 20.93
C ILE H 208 -14.05 -47.53 22.42
N LEU H 209 -14.98 -46.77 23.01
CA LEU H 209 -14.94 -46.38 24.43
C LEU H 209 -14.77 -47.53 25.44
N VAL H 210 -15.47 -48.65 25.21
CA VAL H 210 -15.34 -49.83 26.09
C VAL H 210 -14.12 -50.70 25.78
N ARG H 211 -13.57 -50.53 24.58
CA ARG H 211 -12.39 -51.27 24.16
C ARG H 211 -11.07 -50.54 24.44
N LEU H 212 -11.16 -49.38 25.10
CA LEU H 212 -9.99 -48.57 25.45
C LEU H 212 -9.36 -48.99 26.77
N ASP H 213 -8.02 -48.95 26.80
CA ASP H 213 -7.23 -49.34 27.97
C ASP H 213 -6.52 -48.13 28.58
N PHE H 214 -7.04 -47.66 29.72
CA PHE H 214 -6.49 -46.53 30.45
C PHE H 214 -5.55 -46.96 31.58
N SER H 215 -5.51 -48.27 31.85
CA SER H 215 -4.94 -48.84 33.08
C SER H 215 -3.44 -48.57 33.28
N PRO H 216 -3.03 -48.27 34.54
CA PRO H 216 -1.62 -48.02 34.90
C PRO H 216 -0.68 -49.18 34.57
N GLU H 217 -1.19 -50.42 34.72
CA GLU H 217 -0.44 -51.63 34.37
C GLU H 217 -0.15 -51.71 32.87
N ARG H 218 -1.08 -51.24 32.05
CA ARG H 218 -0.87 -51.12 30.60
C ARG H 218 0.03 -49.92 30.28
N GLY H 219 -0.03 -48.90 31.13
CA GLY H 219 0.83 -47.72 31.03
C GLY H 219 2.30 -48.04 31.21
N SER H 220 2.58 -48.90 32.19
CA SER H 220 3.91 -49.45 32.46
C SER H 220 4.44 -50.28 31.30
N ARG H 221 3.60 -51.21 30.80
CA ARG H 221 3.97 -52.12 29.71
C ARG H 221 4.36 -51.41 28.41
N VAL H 222 3.73 -50.27 28.13
CA VAL H 222 4.08 -49.45 26.97
C VAL H 222 5.38 -48.69 27.23
N TYR H 223 5.56 -48.25 28.47
CA TYR H 223 6.75 -47.49 28.93
C TYR H 223 8.02 -48.35 28.92
N GLU H 224 7.89 -49.61 29.35
CA GLU H 224 9.00 -50.58 29.33
C GLU H 224 9.43 -50.90 27.89
N ALA H 225 8.46 -51.24 27.06
CA ALA H 225 8.68 -51.62 25.65
C ALA H 225 9.17 -50.47 24.75
N ALA H 226 8.92 -49.23 25.15
CA ALA H 226 9.36 -48.05 24.40
C ALA H 226 10.88 -47.82 24.48
N MET H 227 11.48 -48.29 25.58
CA MET H 227 12.92 -48.11 25.87
C MET H 227 13.78 -49.18 25.16
N LYS H 228 13.67 -49.23 23.83
CA LYS H 228 14.29 -50.27 23.01
C LYS H 228 14.73 -49.68 21.67
N ILE I 19 39.12 50.27 20.89
CA ILE I 19 38.28 49.09 21.26
C ILE I 19 37.19 49.42 22.29
N ARG I 20 37.58 50.16 23.32
CA ARG I 20 36.71 50.56 24.43
C ARG I 20 35.59 51.52 23.98
N THR I 21 35.96 52.53 23.19
CA THR I 21 35.00 53.55 22.72
C THR I 21 34.05 53.04 21.64
N ARG I 22 34.51 52.09 20.82
CA ARG I 22 33.69 51.49 19.74
C ARG I 22 32.44 50.80 20.29
N GLN I 23 32.59 50.14 21.43
CA GLN I 23 31.47 49.53 22.14
C GLN I 23 30.51 50.57 22.68
N THR I 24 31.07 51.65 23.23
CA THR I 24 30.28 52.77 23.77
C THR I 24 29.48 53.42 22.65
N ILE I 25 30.14 53.62 21.49
CA ILE I 25 29.50 54.19 20.30
C ILE I 25 28.39 53.30 19.77
N LEU I 26 28.69 52.02 19.56
CA LEU I 26 27.72 51.05 19.04
C LEU I 26 26.45 50.93 19.89
N VAL I 27 26.60 50.88 21.20
CA VAL I 27 25.47 50.88 22.13
C VAL I 27 24.61 52.12 21.90
N ALA I 28 25.24 53.28 21.88
CA ALA I 28 24.56 54.56 21.64
C ALA I 28 23.84 54.57 20.30
N ALA I 29 24.48 54.01 19.27
CA ALA I 29 23.91 53.92 17.93
C ALA I 29 22.64 53.08 17.93
N ALA I 30 22.71 51.92 18.59
CA ALA I 30 21.59 50.98 18.67
C ALA I 30 20.37 51.58 19.37
N GLU I 31 20.61 52.39 20.39
CA GLU I 31 19.55 53.04 21.14
C GLU I 31 18.86 54.12 20.32
N VAL I 32 19.65 54.88 19.57
CA VAL I 32 19.13 55.96 18.70
C VAL I 32 18.35 55.34 17.54
N PHE I 33 18.91 54.28 16.96
CA PHE I 33 18.25 53.56 15.87
C PHE I 33 16.92 52.94 16.31
N ASP I 34 16.87 52.47 17.54
CA ASP I 34 15.61 51.99 18.15
C ASP I 34 14.57 53.12 18.27
N GLU I 35 14.96 54.25 18.87
CA GLU I 35 14.08 55.41 19.09
C GLU I 35 13.43 55.95 17.81
N VAL I 36 14.26 56.42 16.87
CA VAL I 36 13.76 57.12 15.68
C VAL I 36 13.83 56.33 14.37
N GLY I 37 14.48 55.18 14.39
CA GLY I 37 14.68 54.39 13.16
C GLY I 37 15.76 54.98 12.29
N TYR I 38 16.30 54.14 11.40
CA TYR I 38 17.44 54.52 10.54
C TYR I 38 17.31 55.86 9.78
N GLU I 39 16.13 56.17 9.25
CA GLU I 39 15.90 57.36 8.39
C GLU I 39 16.09 58.68 9.11
N ALA I 40 15.32 58.88 10.19
CA ALA I 40 15.34 60.11 10.97
C ALA I 40 16.64 60.28 11.78
N ALA I 41 17.32 59.16 12.02
CA ALA I 41 18.58 59.12 12.75
C ALA I 41 19.67 59.93 12.06
N THR I 42 20.56 60.53 12.87
CA THR I 42 21.77 61.21 12.39
C THR I 42 22.99 60.83 13.24
N ILE I 43 24.19 61.05 12.68
CA ILE I 43 25.46 60.96 13.41
C ILE I 43 25.38 61.88 14.63
N SER I 44 24.92 63.11 14.39
CA SER I 44 24.69 64.13 15.41
C SER I 44 23.96 63.57 16.63
N ASP I 45 22.90 62.79 16.40
CA ASP I 45 22.13 62.15 17.47
C ASP I 45 22.92 61.12 18.26
N VAL I 46 23.86 60.43 17.61
CA VAL I 46 24.70 59.41 18.26
C VAL I 46 25.77 60.06 19.15
N LEU I 47 26.44 61.09 18.61
CA LEU I 47 27.38 61.92 19.36
C LEU I 47 26.78 62.40 20.67
N LYS I 48 25.57 62.95 20.59
CA LYS I 48 24.76 63.32 21.75
C LYS I 48 24.71 62.17 22.77
N ARG I 49 24.28 60.98 22.33
CA ARG I 49 24.08 59.82 23.22
C ARG I 49 25.35 59.20 23.78
N SER I 50 26.38 59.10 22.95
CA SER I 50 27.62 58.40 23.31
C SER I 50 28.46 59.20 24.29
N GLY I 51 28.38 60.52 24.17
CA GLY I 51 29.23 61.42 24.94
C GLY I 51 30.66 61.47 24.45
N VAL I 52 31.03 60.64 23.46
CA VAL I 52 32.38 60.68 22.87
C VAL I 52 32.58 61.97 22.08
N THR I 53 33.84 62.39 21.94
CA THR I 53 34.23 63.51 21.06
C THR I 53 33.91 63.12 19.64
N LYS I 54 33.61 64.11 18.78
CA LYS I 54 33.42 63.80 17.36
C LYS I 54 34.67 63.16 16.74
N GLY I 55 35.83 63.57 17.22
CA GLY I 55 37.10 62.95 16.86
C GLY I 55 37.14 61.44 17.06
N ALA I 56 36.73 61.01 18.26
CA ALA I 56 36.67 59.60 18.64
C ALA I 56 35.72 58.75 17.77
N LEU I 57 34.63 59.36 17.30
CA LEU I 57 33.65 58.64 16.47
C LEU I 57 34.18 58.40 15.06
N TYR I 58 34.75 59.43 14.44
CA TYR I 58 35.25 59.36 13.07
C TYR I 58 36.40 58.38 12.89
N PHE I 59 37.15 58.12 13.97
CA PHE I 59 38.19 57.09 13.95
C PHE I 59 37.59 55.76 13.48
N HIS I 60 36.38 55.49 13.96
CA HIS I 60 35.67 54.24 13.72
C HIS I 60 34.63 54.30 12.59
N PHE I 61 33.89 55.41 12.50
CA PHE I 61 32.72 55.49 11.61
C PHE I 61 32.59 56.83 10.86
N THR I 62 32.65 56.74 9.52
CA THR I 62 32.44 57.87 8.61
C THR I 62 30.97 58.28 8.53
N SER I 63 30.13 57.33 8.12
CA SER I 63 28.71 57.59 7.86
C SER I 63 27.78 56.83 8.82
N LYS I 64 26.53 57.26 8.83
CA LYS I 64 25.44 56.59 9.56
C LYS I 64 25.24 55.14 9.09
N GLN I 65 25.41 54.95 7.78
CA GLN I 65 25.38 53.64 7.13
C GLN I 65 26.43 52.68 7.72
N GLU I 66 27.63 53.21 7.95
CA GLU I 66 28.75 52.44 8.48
C GLU I 66 28.48 52.01 9.93
N LEU I 67 27.79 52.88 10.66
CA LEU I 67 27.35 52.63 12.04
C LEU I 67 26.31 51.52 12.10
N ALA I 68 25.22 51.71 11.34
CA ALA I 68 24.14 50.73 11.21
C ALA I 68 24.63 49.34 10.82
N GLN I 69 25.53 49.29 9.82
CA GLN I 69 26.10 48.01 9.41
C GLN I 69 26.84 47.35 10.57
N ALA I 70 27.58 48.15 11.33
CA ALA I 70 28.36 47.66 12.48
C ALA I 70 27.49 47.12 13.61
N VAL I 71 26.35 47.77 13.88
CA VAL I 71 25.40 47.27 14.90
C VAL I 71 24.75 45.94 14.50
N LEU I 72 24.35 45.80 13.22
CA LEU I 72 23.79 44.53 12.72
C LEU I 72 24.75 43.35 12.91
N ALA I 73 26.03 43.56 12.56
CA ALA I 73 27.06 42.54 12.71
C ALA I 73 27.48 42.29 14.16
N GLU I 74 26.86 43.02 15.10
CA GLU I 74 27.11 42.87 16.54
C GLU I 74 26.08 42.00 17.29
N GLN I 75 24.93 41.77 16.66
CA GLN I 75 23.97 40.75 17.08
C GLN I 75 24.54 39.38 16.70
N VAL I 76 25.24 39.34 15.56
CA VAL I 76 25.95 38.17 15.03
C VAL I 76 27.08 37.73 15.97
N ALA I 77 28.02 38.66 16.19
CA ALA I 77 29.27 38.39 16.93
C ALA I 77 29.03 37.96 18.38
N SER I 78 28.30 38.78 19.14
CA SER I 78 28.05 38.50 20.55
C SER I 78 26.68 39.00 21.04
N LEU I 79 25.68 38.14 20.87
CA LEU I 79 24.46 38.21 21.65
C LEU I 79 24.62 37.21 22.80
N PRO I 80 24.22 37.58 24.05
CA PRO I 80 24.36 36.72 25.25
C PRO I 80 23.97 35.25 25.03
N ARG I 81 24.85 34.35 25.48
CA ARG I 81 24.76 32.92 25.20
C ARG I 81 24.00 32.13 26.28
N VAL I 82 23.43 31.00 25.87
CA VAL I 82 22.71 30.07 26.77
C VAL I 82 23.63 28.99 27.35
N PRO I 83 23.26 28.42 28.53
CA PRO I 83 23.96 27.24 29.03
C PRO I 83 23.75 26.01 28.12
N GLU I 84 24.87 25.39 27.74
CA GLU I 84 24.89 24.17 26.92
C GLU I 84 24.12 23.05 27.61
N GLN I 85 23.15 22.48 26.90
CA GLN I 85 22.28 21.45 27.45
C GLN I 85 22.29 20.17 26.62
N GLU I 86 22.06 19.04 27.31
CA GLU I 86 22.08 17.70 26.71
C GLU I 86 20.84 17.45 25.85
N LEU I 87 19.68 17.92 26.32
CA LEU I 87 18.43 17.90 25.54
C LEU I 87 18.48 19.04 24.51
N LYS I 88 18.95 18.70 23.30
CA LYS I 88 19.37 19.72 22.31
C LYS I 88 18.25 20.63 21.76
N LEU I 89 17.00 20.18 21.85
CA LEU I 89 15.84 21.01 21.50
C LEU I 89 15.46 21.98 22.60
N GLN I 90 15.77 21.65 23.85
CA GLN I 90 15.49 22.50 25.02
C GLN I 90 16.37 23.76 25.01
N GLN I 91 17.57 23.64 24.44
CA GLN I 91 18.49 24.75 24.21
C GLN I 91 17.91 25.78 23.22
N SER I 92 17.40 25.26 22.09
CA SER I 92 16.71 26.05 21.06
C SER I 92 15.49 26.80 21.59
N LEU I 93 14.73 26.14 22.47
CA LEU I 93 13.59 26.74 23.17
C LEU I 93 14.04 27.79 24.20
N ASP I 94 15.16 27.53 24.87
CA ASP I 94 15.76 28.47 25.83
C ASP I 94 16.26 29.74 25.16
N GLU I 95 17.00 29.56 24.06
CA GLU I 95 17.53 30.66 23.24
C GLU I 95 16.44 31.64 22.79
N ALA I 96 15.34 31.10 22.30
CA ALA I 96 14.21 31.91 21.83
C ALA I 96 13.45 32.55 22.98
N LEU I 97 13.48 31.93 24.15
CA LEU I 97 12.86 32.52 25.34
C LEU I 97 13.73 33.60 25.98
N LEU I 98 15.05 33.38 25.96
CA LEU I 98 16.04 34.38 26.40
C LEU I 98 15.95 35.64 25.54
N LEU I 99 15.91 35.43 24.21
CA LEU I 99 15.86 36.51 23.22
C LEU I 99 14.55 37.30 23.31
N ALA I 100 13.50 36.65 23.83
CA ALA I 100 12.22 37.30 24.09
C ALA I 100 12.34 38.23 25.29
N HIS I 101 13.18 37.85 26.25
CA HIS I 101 13.44 38.66 27.45
C HIS I 101 14.40 39.82 27.13
N LEU I 102 15.43 39.52 26.32
CA LEU I 102 16.39 40.51 25.82
C LEU I 102 15.75 41.66 25.04
N LEU I 103 14.63 41.35 24.37
CA LEU I 103 13.90 42.32 23.56
C LEU I 103 12.88 43.14 24.36
N ARG I 104 12.77 42.86 25.65
CA ARG I 104 11.81 43.55 26.51
C ARG I 104 12.49 44.45 27.55
N GLU I 105 13.63 44.00 28.07
CA GLU I 105 14.32 44.63 29.20
C GLU I 105 14.79 46.06 28.90
N GLY I 106 15.79 46.20 28.03
CA GLY I 106 16.44 47.49 27.76
C GLY I 106 17.78 47.56 28.47
N THR I 107 17.77 47.36 29.79
CA THR I 107 18.98 47.23 30.60
C THR I 107 19.68 45.89 30.30
N GLY I 108 18.90 44.92 29.81
CA GLY I 108 19.41 43.62 29.36
C GLY I 108 20.35 43.75 28.18
N ASP I 109 19.81 44.21 27.05
CA ASP I 109 20.62 44.52 25.87
C ASP I 109 19.99 45.63 25.00
N PRO I 110 20.77 46.70 24.72
CA PRO I 110 20.33 47.73 23.78
C PRO I 110 20.74 47.47 22.32
N ILE I 111 21.74 46.61 22.12
CA ILE I 111 22.22 46.21 20.79
C ILE I 111 21.17 45.40 20.02
N VAL I 112 20.63 44.35 20.64
CA VAL I 112 19.64 43.48 19.99
C VAL I 112 18.37 44.22 19.59
N GLN I 113 17.89 45.10 20.47
CA GLN I 113 16.69 45.90 20.23
C GLN I 113 16.81 46.80 19.01
N GLY I 114 17.97 47.43 18.86
CA GLY I 114 18.28 48.29 17.71
C GLY I 114 18.50 47.46 16.46
N SER I 115 19.27 46.38 16.63
CA SER I 115 19.56 45.45 15.55
C SER I 115 18.27 44.86 14.95
N VAL I 116 17.32 44.51 15.82
CA VAL I 116 15.99 44.02 15.40
C VAL I 116 15.26 45.07 14.56
N ARG I 117 15.05 46.25 15.12
CA ARG I 117 14.34 47.33 14.41
C ARG I 117 15.03 47.72 13.10
N LEU I 118 16.35 47.65 13.06
CA LEU I 118 17.10 47.88 11.82
C LEU I 118 16.87 46.80 10.78
N THR I 119 16.80 45.54 11.22
CA THR I 119 16.58 44.39 10.33
C THR I 119 15.13 44.35 9.80
N VAL I 120 14.18 44.42 10.74
CA VAL I 120 12.76 44.35 10.48
C VAL I 120 12.28 45.49 9.58
N ASP I 121 12.55 46.74 9.95
CA ASP I 121 12.19 47.93 9.16
C ASP I 121 12.70 47.84 7.73
N GLN I 122 11.90 48.33 6.79
CA GLN I 122 12.13 48.13 5.37
C GLN I 122 13.07 49.18 4.75
N GLY I 123 12.71 50.45 4.94
CA GLY I 123 13.55 51.57 4.50
C GLY I 123 13.59 51.78 3.00
N SER I 124 14.59 51.18 2.35
CA SER I 124 14.87 51.33 0.91
C SER I 124 16.08 50.48 0.51
N PRO I 125 16.18 50.10 -0.79
CA PRO I 125 17.48 49.64 -1.32
C PRO I 125 18.46 50.78 -1.57
N ARG I 126 17.96 52.02 -1.55
CA ARG I 126 18.77 53.24 -1.66
C ARG I 126 19.73 53.45 -0.49
N ASP I 127 19.27 53.13 0.74
CA ASP I 127 20.18 52.93 1.87
C ASP I 127 20.82 51.55 1.75
N HIS I 128 22.15 51.53 1.66
CA HIS I 128 22.87 50.33 1.23
C HIS I 128 23.04 49.25 2.30
N LEU I 129 22.18 49.29 3.32
CA LEU I 129 22.24 48.36 4.46
C LEU I 129 21.91 46.91 4.11
N ASN I 130 22.89 46.05 4.32
CA ASN I 130 22.77 44.62 4.09
C ASN I 130 22.07 43.95 5.28
N ARG I 131 20.73 43.96 5.23
CA ARG I 131 19.90 43.32 6.27
C ARG I 131 19.93 41.78 6.19
N ARG I 132 20.55 41.24 5.14
CA ARG I 132 20.65 39.79 4.95
C ARG I 132 21.55 39.10 5.99
N VAL I 133 22.67 39.73 6.32
CA VAL I 133 23.74 39.07 7.09
C VAL I 133 23.44 38.80 8.59
N PRO I 134 22.62 39.63 9.26
CA PRO I 134 22.16 39.17 10.58
C PRO I 134 21.20 37.99 10.46
N MET I 135 20.28 38.05 9.49
CA MET I 135 19.34 36.97 9.19
C MET I 135 20.05 35.70 8.74
N GLN I 136 21.03 35.84 7.85
CA GLN I 136 21.92 34.73 7.44
C GLN I 136 22.49 34.01 8.65
N ALA I 137 22.96 34.79 9.62
CA ALA I 137 23.60 34.27 10.84
C ALA I 137 22.59 33.57 11.75
N TRP I 138 21.48 34.24 12.03
CA TRP I 138 20.37 33.73 12.82
C TRP I 138 19.90 32.36 12.32
N THR I 139 19.73 32.25 10.99
CA THR I 139 19.30 31.04 10.29
C THR I 139 20.34 29.92 10.37
N GLU I 140 21.59 30.26 10.07
CA GLU I 140 22.72 29.31 10.14
C GLU I 140 22.89 28.73 11.54
N HIS I 141 22.72 29.59 12.55
CA HIS I 141 22.83 29.19 13.95
C HIS I 141 21.76 28.18 14.37
N THR I 142 20.52 28.39 13.93
CA THR I 142 19.39 27.52 14.29
C THR I 142 19.44 26.16 13.59
N GLN I 143 19.94 26.16 12.35
CA GLN I 143 20.14 24.93 11.57
C GLN I 143 21.21 24.03 12.20
N SER I 144 22.30 24.65 12.66
CA SER I 144 23.40 23.94 13.33
C SER I 144 22.99 23.36 14.68
N LEU I 145 22.02 23.99 15.33
CA LEU I 145 21.46 23.49 16.58
C LEU I 145 20.48 22.35 16.35
N PHE I 146 19.70 22.43 15.27
CA PHE I 146 18.74 21.38 14.91
C PHE I 146 19.42 20.12 14.35
N GLU I 147 20.53 20.31 13.64
CA GLU I 147 21.37 19.19 13.17
C GLU I 147 22.03 18.44 14.33
N GLU I 148 22.42 19.19 15.36
CA GLU I 148 22.94 18.63 16.62
C GLU I 148 21.83 17.93 17.42
N ALA I 149 20.59 18.33 17.17
CA ALA I 149 19.40 17.65 17.71
C ALA I 149 18.99 16.45 16.86
N ARG I 150 19.34 16.51 15.57
CA ARG I 150 19.08 15.41 14.63
C ARG I 150 20.00 14.21 14.90
N ALA I 151 21.28 14.51 15.14
CA ALA I 151 22.28 13.48 15.46
C ALA I 151 21.95 12.72 16.75
N LYS I 152 21.56 13.47 17.80
CA LYS I 152 21.09 12.89 19.07
C LYS I 152 19.71 12.21 18.98
N GLY I 153 19.05 12.35 17.82
CA GLY I 153 17.78 11.67 17.53
C GLY I 153 16.61 12.13 18.36
N GLU I 154 16.35 13.44 18.35
CA GLU I 154 15.17 14.02 19.00
C GLU I 154 14.22 14.70 18.00
N ILE I 155 14.66 14.77 16.74
CA ILE I 155 13.80 15.14 15.62
C ILE I 155 13.80 14.01 14.58
N LEU I 156 12.71 13.91 13.82
CA LEU I 156 12.54 12.89 12.77
C LEU I 156 13.75 12.89 11.82
N PRO I 157 14.27 11.69 11.48
CA PRO I 157 15.65 11.58 10.95
C PRO I 157 15.91 12.25 9.60
N HIS I 158 14.85 12.58 8.86
CA HIS I 158 14.98 13.14 7.51
C HIS I 158 14.31 14.51 7.30
N ALA I 159 13.96 15.17 8.40
CA ALA I 159 13.37 16.51 8.37
C ALA I 159 14.28 17.53 7.69
N ASP I 160 13.67 18.43 6.91
CA ASP I 160 14.39 19.50 6.21
C ASP I 160 14.84 20.54 7.23
N VAL I 161 16.10 20.40 7.65
CA VAL I 161 16.68 21.24 8.70
C VAL I 161 16.82 22.71 8.26
N GLU I 162 17.16 22.92 6.99
CA GLU I 162 17.31 24.27 6.41
C GLU I 162 15.98 25.03 6.39
N ALA I 163 14.91 24.34 5.97
CA ALA I 163 13.57 24.93 5.88
C ALA I 163 12.97 25.16 7.26
N LEU I 164 13.29 24.28 8.20
CA LEU I 164 12.86 24.41 9.59
C LEU I 164 13.48 25.61 10.29
N ALA I 165 14.80 25.77 10.12
CA ALA I 165 15.55 26.90 10.67
C ALA I 165 15.04 28.24 10.12
N LYS I 166 14.87 28.28 8.79
CA LYS I 166 14.25 29.42 8.11
C LYS I 166 12.83 29.71 8.62
N LEU I 167 12.11 28.64 8.96
CA LEU I 167 10.77 28.77 9.53
C LEU I 167 10.81 29.39 10.93
N PHE I 168 11.70 28.87 11.79
CA PHE I 168 11.84 29.36 13.16
C PHE I 168 12.33 30.81 13.27
N VAL I 169 13.26 31.22 12.40
CA VAL I 169 13.68 32.63 12.32
C VAL I 169 12.47 33.46 11.92
N GLY I 170 11.89 33.14 10.76
CA GLY I 170 10.75 33.85 10.19
C GLY I 170 9.60 33.97 11.18
N ALA I 171 9.18 32.84 11.72
CA ALA I 171 8.06 32.75 12.66
C ALA I 171 8.26 33.62 13.91
N PHE I 172 9.47 33.54 14.48
CA PHE I 172 9.83 34.34 15.66
C PHE I 172 9.71 35.85 15.37
N THR I 173 10.34 36.27 14.27
CA THR I 173 10.35 37.67 13.83
C THR I 173 8.94 38.29 13.85
N GLY I 174 7.96 37.53 13.36
CA GLY I 174 6.58 37.98 13.26
C GLY I 174 5.87 37.97 14.58
N VAL I 175 6.10 36.91 15.35
CA VAL I 175 5.58 36.79 16.72
C VAL I 175 6.02 38.00 17.56
N GLN I 176 7.31 38.36 17.42
CA GLN I 176 7.92 39.58 17.98
C GLN I 176 7.20 40.88 17.54
N VAL I 177 7.05 41.07 16.22
CA VAL I 177 6.37 42.24 15.64
C VAL I 177 4.92 42.35 16.13
N LEU I 178 4.20 41.23 16.09
CA LEU I 178 2.83 41.17 16.54
C LEU I 178 2.77 41.53 18.03
N SER I 179 3.68 40.95 18.81
CA SER I 179 3.78 41.24 20.24
C SER I 179 4.07 42.71 20.51
N ARG I 180 5.02 43.26 19.76
CA ARG I 180 5.42 44.67 19.88
C ARG I 180 4.21 45.60 19.73
N ILE I 181 3.47 45.46 18.64
CA ILE I 181 2.31 46.31 18.33
C ILE I 181 1.22 46.15 19.39
N MET I 182 0.87 44.89 19.69
CA MET I 182 -0.35 44.56 20.43
C MET I 182 -0.32 44.86 21.92
N THR I 183 0.81 44.58 22.56
CA THR I 183 0.97 44.75 24.01
C THR I 183 2.41 45.13 24.38
N GLY I 184 2.98 46.12 23.68
CA GLY I 184 4.35 46.59 23.91
C GLY I 184 5.34 45.51 24.31
N ARG I 185 5.37 44.43 23.53
CA ARG I 185 6.22 43.25 23.75
C ARG I 185 5.96 42.42 25.03
N ALA I 186 4.99 42.84 25.84
CA ALA I 186 4.74 42.23 27.16
C ALA I 186 4.46 40.72 27.11
N ASP I 187 3.59 40.31 26.20
CA ASP I 187 3.16 38.90 26.09
C ASP I 187 4.13 38.01 25.31
N LEU I 188 5.20 38.59 24.74
CA LEU I 188 6.14 37.87 23.88
C LEU I 188 6.66 36.56 24.45
N ALA I 189 6.86 36.53 25.77
CA ALA I 189 7.28 35.32 26.49
C ALA I 189 6.34 34.15 26.22
N GLU I 190 5.04 34.37 26.44
CA GLU I 190 4.01 33.37 26.25
C GLU I 190 3.76 33.07 24.76
N ARG I 191 3.87 34.10 23.91
CA ARG I 191 3.69 33.97 22.45
C ARG I 191 4.73 33.06 21.79
N VAL I 192 5.99 33.15 22.25
CA VAL I 192 7.10 32.33 21.72
C VAL I 192 6.95 30.89 22.19
N ALA I 193 6.43 30.72 23.41
CA ALA I 193 6.11 29.41 23.96
C ALA I 193 5.05 28.69 23.11
N ASP I 194 3.98 29.41 22.76
CA ASP I 194 2.94 28.90 21.86
C ASP I 194 3.50 28.53 20.49
N LEU I 195 4.41 29.35 19.96
CA LEU I 195 5.07 29.09 18.69
C LEU I 195 5.90 27.80 18.71
N TYR I 196 6.60 27.56 19.82
CA TYR I 196 7.41 26.35 19.97
C TYR I 196 6.60 25.09 20.25
N ARG I 197 5.54 25.23 21.06
CA ARG I 197 4.62 24.13 21.35
C ARG I 197 3.89 23.65 20.10
N HIS I 198 3.50 24.59 19.25
CA HIS I 198 2.72 24.26 18.05
C HIS I 198 3.58 23.78 16.88
N LEU I 199 4.78 24.32 16.74
CA LEU I 199 5.69 23.89 15.65
C LEU I 199 6.36 22.53 15.89
N MET I 200 6.51 22.16 17.16
CA MET I 200 7.28 20.96 17.53
C MET I 200 6.75 19.61 17.01
N PRO I 201 5.45 19.27 17.23
CA PRO I 201 4.96 17.92 16.87
C PRO I 201 5.07 17.54 15.39
N SER I 202 5.26 18.55 14.52
CA SER I 202 5.45 18.33 13.08
C SER I 202 6.79 17.70 12.72
N PHE I 203 7.75 17.77 13.65
CA PHE I 203 9.11 17.27 13.41
C PHE I 203 9.80 16.66 14.63
N ALA I 204 9.20 16.79 15.81
CA ALA I 204 9.74 16.17 17.02
C ALA I 204 9.50 14.66 17.02
N MET I 205 10.44 13.93 17.61
CA MET I 205 10.33 12.47 17.83
C MET I 205 9.34 12.16 18.98
N PRO I 206 8.89 10.89 19.11
CA PRO I 206 7.94 10.56 20.19
C PRO I 206 8.52 10.79 21.60
N GLY I 207 7.71 11.44 22.44
CA GLY I 207 8.06 11.69 23.84
C GLY I 207 9.14 12.72 24.10
N ILE I 208 9.41 13.57 23.11
CA ILE I 208 10.32 14.71 23.28
C ILE I 208 9.52 15.92 23.79
N LEU I 209 8.39 16.22 23.15
CA LEU I 209 7.48 17.32 23.53
C LEU I 209 7.15 17.36 25.03
N VAL I 210 6.91 16.19 25.63
CA VAL I 210 6.60 16.06 27.07
C VAL I 210 7.79 16.39 28.00
N ARG I 211 9.01 16.09 27.54
CA ARG I 211 10.24 16.36 28.30
C ARG I 211 10.59 17.85 28.41
N LEU I 212 10.20 18.62 27.40
CA LEU I 212 10.56 20.04 27.29
C LEU I 212 9.91 20.92 28.34
N ASP I 213 10.70 21.86 28.88
CA ASP I 213 10.26 22.82 29.90
C ASP I 213 10.01 24.19 29.26
N PHE I 214 8.73 24.59 29.27
CA PHE I 214 8.27 25.84 28.64
C PHE I 214 8.03 26.97 29.65
N SER I 215 8.08 26.62 30.94
CA SER I 215 7.65 27.49 32.05
C SER I 215 8.38 28.84 32.15
N PRO I 216 7.62 29.94 32.45
CA PRO I 216 8.21 31.28 32.67
C PRO I 216 9.14 31.36 33.88
N GLU I 217 8.90 30.52 34.89
CA GLU I 217 9.77 30.41 36.07
C GLU I 217 11.17 29.87 35.73
N ARG I 218 11.25 28.93 34.78
CA ARG I 218 12.52 28.49 34.20
C ARG I 218 13.04 29.54 33.20
N GLY I 219 12.11 30.23 32.56
CA GLY I 219 12.41 31.29 31.57
C GLY I 219 13.21 32.44 32.14
N SER I 220 12.87 32.86 33.37
CA SER I 220 13.63 33.87 34.10
C SER I 220 14.92 33.32 34.74
N ARG I 221 14.99 31.99 34.91
CA ARG I 221 16.17 31.33 35.47
C ARG I 221 17.32 31.19 34.46
N VAL I 222 16.99 31.06 33.18
CA VAL I 222 18.00 30.96 32.10
C VAL I 222 18.65 32.33 31.78
N TYR I 223 17.95 33.39 32.19
CA TYR I 223 18.42 34.78 32.08
C TYR I 223 19.66 35.06 32.95
N GLU I 224 19.71 34.42 34.12
CA GLU I 224 20.75 34.65 35.14
C GLU I 224 22.13 34.15 34.71
N ALA I 225 22.19 32.90 34.24
CA ALA I 225 23.44 32.29 33.77
C ALA I 225 23.69 32.57 32.27
N ALA I 226 23.57 33.85 31.91
CA ALA I 226 23.75 34.34 30.53
C ALA I 226 24.47 35.70 30.51
N MET I 227 24.53 36.35 31.67
CA MET I 227 25.13 37.68 31.82
C MET I 227 26.63 37.52 32.13
N LYS I 228 27.44 37.60 31.08
CA LYS I 228 28.88 37.30 31.15
C LYS I 228 29.74 38.54 31.34
N ILE J 19 -28.61 -10.63 -40.81
CA ILE J 19 -27.71 -9.46 -41.12
C ILE J 19 -27.15 -8.80 -39.86
N ARG J 20 -28.01 -8.66 -38.85
CA ARG J 20 -27.71 -7.99 -37.58
C ARG J 20 -26.67 -8.74 -36.75
N THR J 21 -26.86 -10.05 -36.59
CA THR J 21 -25.98 -10.90 -35.79
C THR J 21 -24.62 -11.13 -36.45
N ARG J 22 -24.60 -11.16 -37.78
CA ARG J 22 -23.36 -11.40 -38.55
C ARG J 22 -22.29 -10.34 -38.26
N GLN J 23 -22.73 -9.09 -38.10
CA GLN J 23 -21.86 -8.00 -37.71
C GLN J 23 -21.32 -8.19 -36.29
N THR J 24 -22.21 -8.57 -35.37
CA THR J 24 -21.87 -8.81 -33.96
C THR J 24 -20.86 -9.94 -33.84
N ILE J 25 -21.08 -11.01 -34.63
CA ILE J 25 -20.18 -12.15 -34.72
C ILE J 25 -18.81 -11.72 -35.23
N LEU J 26 -18.79 -11.10 -36.41
CA LEU J 26 -17.55 -10.66 -37.06
C LEU J 26 -16.69 -9.73 -36.21
N VAL J 27 -17.32 -8.78 -35.53
CA VAL J 27 -16.64 -7.89 -34.59
C VAL J 27 -15.95 -8.71 -33.50
N ALA J 28 -16.72 -9.60 -32.87
CA ALA J 28 -16.21 -10.47 -31.81
C ALA J 28 -15.11 -11.40 -32.30
N ALA J 29 -15.24 -11.84 -33.56
CA ALA J 29 -14.22 -12.70 -34.19
C ALA J 29 -12.91 -11.95 -34.35
N ALA J 30 -13.01 -10.70 -34.78
CA ALA J 30 -11.85 -9.84 -34.99
C ALA J 30 -11.07 -9.57 -33.70
N GLU J 31 -11.79 -9.29 -32.62
CA GLU J 31 -11.21 -9.06 -31.30
C GLU J 31 -10.47 -10.28 -30.75
N VAL J 32 -11.02 -11.47 -31.01
CA VAL J 32 -10.41 -12.72 -30.55
C VAL J 32 -9.17 -13.01 -31.39
N PHE J 33 -9.28 -12.78 -32.70
CA PHE J 33 -8.17 -12.97 -33.61
C PHE J 33 -7.02 -12.01 -33.31
N ASP J 34 -7.36 -10.76 -32.99
CA ASP J 34 -6.37 -9.77 -32.54
C ASP J 34 -5.61 -10.23 -31.28
N GLU J 35 -6.34 -10.79 -30.31
CA GLU J 35 -5.78 -11.18 -29.01
C GLU J 35 -4.87 -12.40 -29.04
N VAL J 36 -5.25 -13.44 -29.77
CA VAL J 36 -4.51 -14.71 -29.73
C VAL J 36 -3.91 -15.15 -31.08
N GLY J 37 -4.37 -14.55 -32.18
CA GLY J 37 -3.96 -14.96 -33.52
C GLY J 37 -4.78 -16.14 -34.02
N TYR J 38 -4.84 -16.28 -35.34
CA TYR J 38 -5.68 -17.31 -35.99
C TYR J 38 -5.55 -18.74 -35.42
N GLU J 39 -4.32 -19.26 -35.40
CA GLU J 39 -4.05 -20.68 -35.05
C GLU J 39 -4.36 -21.06 -33.59
N ALA J 40 -4.19 -20.12 -32.67
CA ALA J 40 -4.51 -20.33 -31.26
C ALA J 40 -6.02 -20.28 -30.98
N ALA J 41 -6.72 -19.43 -31.74
CA ALA J 41 -8.15 -19.18 -31.59
C ALA J 41 -9.02 -20.41 -31.85
N THR J 42 -10.19 -20.43 -31.22
CA THR J 42 -11.23 -21.45 -31.49
C THR J 42 -12.60 -20.76 -31.66
N ILE J 43 -13.53 -21.48 -32.31
CA ILE J 43 -14.94 -21.09 -32.43
C ILE J 43 -15.50 -20.80 -31.03
N SER J 44 -15.23 -21.72 -30.11
CA SER J 44 -15.61 -21.60 -28.70
C SER J 44 -15.35 -20.20 -28.14
N ASP J 45 -14.13 -19.68 -28.33
CA ASP J 45 -13.75 -18.35 -27.88
C ASP J 45 -14.58 -17.23 -28.50
N VAL J 46 -14.92 -17.39 -29.79
CA VAL J 46 -15.71 -16.39 -30.53
C VAL J 46 -17.17 -16.38 -30.03
N LEU J 47 -17.72 -17.58 -29.83
CA LEU J 47 -19.05 -17.76 -29.24
C LEU J 47 -19.18 -17.02 -27.93
N LYS J 48 -18.27 -17.33 -27.01
CA LYS J 48 -18.27 -16.74 -25.67
C LYS J 48 -18.12 -15.21 -25.68
N ARG J 49 -17.31 -14.70 -26.61
CA ARG J 49 -17.08 -13.25 -26.74
C ARG J 49 -18.22 -12.51 -27.45
N SER J 50 -19.02 -13.23 -28.24
CA SER J 50 -20.11 -12.62 -29.02
C SER J 50 -21.45 -12.60 -28.29
N GLY J 51 -21.65 -13.59 -27.42
CA GLY J 51 -22.90 -13.76 -26.73
C GLY J 51 -24.03 -14.31 -27.57
N VAL J 52 -23.81 -14.49 -28.88
CA VAL J 52 -24.79 -15.19 -29.74
C VAL J 52 -24.89 -16.67 -29.35
N THR J 53 -26.04 -17.27 -29.63
CA THR J 53 -26.25 -18.70 -29.42
C THR J 53 -25.37 -19.49 -30.37
N LYS J 54 -24.99 -20.70 -29.96
CA LYS J 54 -24.40 -21.70 -30.85
C LYS J 54 -25.08 -21.67 -32.23
N GLY J 55 -26.40 -21.81 -32.23
CA GLY J 55 -27.21 -21.88 -33.44
C GLY J 55 -27.11 -20.68 -34.36
N ALA J 56 -27.09 -19.50 -33.75
CA ALA J 56 -26.96 -18.22 -34.47
C ALA J 56 -25.65 -18.10 -35.25
N LEU J 57 -24.57 -18.69 -34.72
CA LEU J 57 -23.27 -18.66 -35.38
C LEU J 57 -23.21 -19.59 -36.59
N TYR J 58 -23.73 -20.81 -36.44
CA TYR J 58 -23.67 -21.82 -37.51
C TYR J 58 -24.48 -21.48 -38.76
N PHE J 59 -25.51 -20.65 -38.60
CA PHE J 59 -26.26 -20.11 -39.74
C PHE J 59 -25.29 -19.45 -40.73
N HIS J 60 -24.31 -18.72 -40.18
CA HIS J 60 -23.37 -17.91 -40.93
C HIS J 60 -22.00 -18.57 -41.18
N PHE J 61 -21.46 -19.24 -40.16
CA PHE J 61 -20.08 -19.75 -40.19
C PHE J 61 -19.95 -21.17 -39.61
N THR J 62 -19.52 -22.11 -40.46
CA THR J 62 -19.34 -23.50 -40.05
C THR J 62 -17.95 -23.76 -39.45
N SER J 63 -16.93 -23.11 -40.01
CA SER J 63 -15.56 -23.26 -39.53
C SER J 63 -14.93 -21.96 -39.06
N LYS J 64 -13.84 -22.07 -38.30
CA LYS J 64 -12.99 -20.94 -37.91
C LYS J 64 -12.39 -20.25 -39.15
N GLN J 65 -12.02 -21.07 -40.14
CA GLN J 65 -11.51 -20.62 -41.43
C GLN J 65 -12.50 -19.70 -42.15
N GLU J 66 -13.78 -20.05 -42.07
CA GLU J 66 -14.86 -19.30 -42.72
C GLU J 66 -15.03 -17.93 -42.07
N LEU J 67 -14.83 -17.87 -40.75
CA LEU J 67 -14.89 -16.65 -39.96
C LEU J 67 -13.79 -15.67 -40.32
N ALA J 68 -12.54 -16.11 -40.22
CA ALA J 68 -11.35 -15.34 -40.59
C ALA J 68 -11.42 -14.77 -42.01
N GLN J 69 -11.80 -15.61 -42.96
CA GLN J 69 -11.95 -15.16 -44.35
C GLN J 69 -12.98 -14.04 -44.46
N ALA J 70 -14.06 -14.13 -43.68
CA ALA J 70 -15.11 -13.11 -43.65
C ALA J 70 -14.64 -11.80 -43.04
N VAL J 71 -13.85 -11.87 -41.96
CA VAL J 71 -13.29 -10.65 -41.36
C VAL J 71 -12.27 -9.93 -42.26
N LEU J 72 -11.48 -10.70 -43.01
CA LEU J 72 -10.53 -10.15 -44.00
C LEU J 72 -11.23 -9.38 -45.12
N ALA J 73 -12.25 -10.00 -45.72
CA ALA J 73 -13.04 -9.38 -46.78
C ALA J 73 -13.88 -8.21 -46.27
N GLU J 74 -13.96 -8.07 -44.94
CA GLU J 74 -14.69 -6.98 -44.28
C GLU J 74 -13.95 -5.64 -44.17
N GLN J 75 -12.62 -5.67 -44.07
CA GLN J 75 -11.80 -4.44 -43.91
C GLN J 75 -11.84 -3.48 -45.11
N VAL J 76 -12.43 -3.97 -46.21
CA VAL J 76 -12.71 -3.20 -47.42
C VAL J 76 -13.80 -2.16 -47.14
N ALA J 77 -14.96 -2.62 -46.67
CA ALA J 77 -16.16 -1.79 -46.50
C ALA J 77 -16.44 -1.34 -45.05
N SER J 78 -15.74 -1.92 -44.09
CA SER J 78 -15.90 -1.56 -42.66
C SER J 78 -15.12 -0.30 -42.31
N LEU J 79 -13.91 -0.17 -42.87
CA LEU J 79 -13.06 1.00 -42.70
C LEU J 79 -13.72 2.27 -43.29
N PRO J 80 -13.94 3.30 -42.44
CA PRO J 80 -14.69 4.51 -42.81
C PRO J 80 -13.99 5.35 -43.87
N ARG J 81 -14.78 5.88 -44.80
CA ARG J 81 -14.27 6.64 -45.94
C ARG J 81 -13.84 8.06 -45.55
N VAL J 82 -12.97 8.63 -46.37
CA VAL J 82 -12.38 9.96 -46.13
C VAL J 82 -13.13 11.09 -46.85
N PRO J 83 -13.13 12.32 -46.28
CA PRO J 83 -13.68 13.49 -46.98
C PRO J 83 -12.99 13.78 -48.32
N GLU J 84 -13.78 13.75 -49.38
CA GLU J 84 -13.34 13.98 -50.76
C GLU J 84 -12.67 15.35 -50.91
N GLN J 85 -11.54 15.37 -51.63
CA GLN J 85 -10.72 16.56 -51.79
C GLN J 85 -10.21 16.71 -53.23
N GLU J 86 -10.00 17.95 -53.66
CA GLU J 86 -9.47 18.25 -55.00
C GLU J 86 -7.96 17.93 -55.10
N LEU J 87 -7.27 17.98 -53.96
CA LEU J 87 -5.86 17.62 -53.85
C LEU J 87 -5.75 16.14 -53.46
N LYS J 88 -5.80 15.26 -54.46
CA LYS J 88 -5.87 13.80 -54.27
C LYS J 88 -4.78 13.17 -53.40
N LEU J 89 -3.60 13.80 -53.35
CA LEU J 89 -2.50 13.33 -52.50
C LEU J 89 -2.75 13.60 -51.01
N GLN J 90 -3.48 14.68 -50.71
CA GLN J 90 -3.88 15.01 -49.33
C GLN J 90 -4.92 14.02 -48.81
N GLN J 91 -5.80 13.57 -49.69
CA GLN J 91 -6.75 12.50 -49.42
C GLN J 91 -6.04 11.18 -49.06
N SER J 92 -5.06 10.82 -49.89
CA SER J 92 -4.17 9.67 -49.69
C SER J 92 -3.38 9.74 -48.39
N LEU J 93 -2.93 10.95 -48.04
CA LEU J 93 -2.25 11.21 -46.78
C LEU J 93 -3.19 11.12 -45.58
N ASP J 94 -4.44 11.55 -45.78
CA ASP J 94 -5.49 11.47 -44.76
C ASP J 94 -5.89 10.03 -44.45
N GLU J 95 -6.12 9.25 -45.51
CA GLU J 95 -6.44 7.81 -45.44
C GLU J 95 -5.48 7.03 -44.53
N ALA J 96 -4.19 7.23 -44.74
CA ALA J 96 -3.16 6.54 -43.98
C ALA J 96 -3.00 7.09 -42.57
N LEU J 97 -3.33 8.36 -42.36
CA LEU J 97 -3.27 8.95 -41.03
C LEU J 97 -4.48 8.60 -40.16
N LEU J 98 -5.65 8.51 -40.81
CA LEU J 98 -6.87 7.98 -40.19
C LEU J 98 -6.64 6.53 -39.74
N LEU J 99 -6.13 5.72 -40.66
CA LEU J 99 -5.84 4.30 -40.46
C LEU J 99 -4.79 4.08 -39.37
N ALA J 100 -3.93 5.07 -39.18
CA ALA J 100 -2.92 5.06 -38.12
C ALA J 100 -3.56 5.24 -36.75
N HIS J 101 -4.67 5.97 -36.71
CA HIS J 101 -5.42 6.19 -35.48
C HIS J 101 -6.41 5.05 -35.19
N LEU J 102 -7.01 4.50 -36.25
CA LEU J 102 -7.87 3.30 -36.16
C LEU J 102 -7.15 2.09 -35.56
N LEU J 103 -5.89 1.92 -35.94
CA LEU J 103 -5.06 0.83 -35.44
C LEU J 103 -4.56 1.04 -34.01
N ARG J 104 -4.52 2.30 -33.58
CA ARG J 104 -4.01 2.65 -32.26
C ARG J 104 -5.01 2.36 -31.13
N GLU J 105 -6.30 2.39 -31.46
CA GLU J 105 -7.39 2.52 -30.47
C GLU J 105 -7.64 1.32 -29.54
N GLY J 106 -8.54 0.42 -29.97
CA GLY J 106 -9.03 -0.68 -29.15
C GLY J 106 -10.49 -0.95 -29.49
N THR J 107 -11.34 0.05 -29.25
CA THR J 107 -12.74 0.05 -29.65
C THR J 107 -13.08 1.17 -30.66
N GLY J 108 -12.06 1.67 -31.36
CA GLY J 108 -12.22 2.61 -32.47
C GLY J 108 -12.77 1.88 -33.69
N ASP J 109 -12.03 0.84 -34.10
CA ASP J 109 -12.55 -0.19 -34.99
C ASP J 109 -11.91 -1.54 -34.61
N PRO J 110 -12.73 -2.50 -34.13
CA PRO J 110 -12.20 -3.82 -33.76
C PRO J 110 -11.88 -4.69 -34.98
N ILE J 111 -12.55 -4.42 -36.11
CA ILE J 111 -12.35 -5.18 -37.36
C ILE J 111 -10.95 -5.00 -37.93
N VAL J 112 -10.53 -3.75 -38.17
CA VAL J 112 -9.21 -3.47 -38.79
C VAL J 112 -8.04 -4.09 -38.01
N GLN J 113 -8.06 -3.96 -36.69
CA GLN J 113 -6.99 -4.47 -35.83
C GLN J 113 -6.80 -5.98 -35.96
N GLY J 114 -7.92 -6.71 -35.92
CA GLY J 114 -7.92 -8.16 -36.13
C GLY J 114 -7.58 -8.52 -37.56
N SER J 115 -8.14 -7.75 -38.49
CA SER J 115 -7.90 -7.95 -39.92
C SER J 115 -6.42 -7.79 -40.27
N VAL J 116 -5.78 -6.76 -39.69
CA VAL J 116 -4.33 -6.53 -39.85
C VAL J 116 -3.56 -7.76 -39.35
N ARG J 117 -3.73 -8.09 -38.07
CA ARG J 117 -3.04 -9.22 -37.44
C ARG J 117 -3.22 -10.53 -38.22
N LEU J 118 -4.39 -10.70 -38.81
CA LEU J 118 -4.67 -11.86 -39.66
C LEU J 118 -3.87 -11.84 -40.96
N THR J 119 -3.73 -10.66 -41.57
CA THR J 119 -3.01 -10.51 -42.84
C THR J 119 -1.48 -10.57 -42.66
N VAL J 120 -0.99 -9.82 -41.67
CA VAL J 120 0.44 -9.70 -41.37
C VAL J 120 1.04 -11.03 -40.89
N ASP J 121 0.39 -11.69 -39.93
CA ASP J 121 0.83 -12.99 -39.43
C ASP J 121 0.89 -14.05 -40.52
N GLN J 122 1.85 -14.95 -40.41
CA GLN J 122 2.22 -15.86 -41.49
C GLN J 122 1.43 -17.18 -41.48
N GLY J 123 1.31 -17.79 -40.31
CA GLY J 123 0.50 -18.99 -40.12
C GLY J 123 1.06 -20.24 -40.75
N SER J 124 0.54 -20.58 -41.94
CA SER J 124 0.82 -21.83 -42.67
C SER J 124 0.08 -21.82 -44.02
N PRO J 125 0.51 -22.67 -44.99
CA PRO J 125 -0.39 -22.95 -46.12
C PRO J 125 -1.50 -23.94 -45.74
N ARG J 126 -1.30 -24.66 -44.63
CA ARG J 126 -2.28 -25.60 -44.08
C ARG J 126 -3.61 -24.95 -43.69
N ASP J 127 -3.53 -23.74 -43.11
CA ASP J 127 -4.70 -22.87 -42.97
C ASP J 127 -4.94 -22.14 -44.30
N HIS J 128 -6.11 -22.38 -44.89
CA HIS J 128 -6.36 -22.00 -46.27
C HIS J 128 -6.72 -20.52 -46.50
N LEU J 129 -6.33 -19.66 -45.54
CA LEU J 129 -6.66 -18.23 -45.58
C LEU J 129 -5.98 -17.47 -46.70
N ASN J 130 -6.79 -16.81 -47.50
CA ASN J 130 -6.34 -15.99 -48.61
C ASN J 130 -6.04 -14.58 -48.09
N ARG J 131 -4.81 -14.37 -47.62
CA ARG J 131 -4.34 -13.03 -47.20
C ARG J 131 -4.11 -12.07 -48.38
N ARG J 132 -4.19 -12.59 -49.61
CA ARG J 132 -3.95 -11.80 -50.81
C ARG J 132 -5.01 -10.75 -51.08
N VAL J 133 -6.27 -11.09 -50.87
CA VAL J 133 -7.39 -10.25 -51.32
C VAL J 133 -7.63 -8.96 -50.52
N PRO J 134 -7.35 -8.95 -49.19
CA PRO J 134 -7.33 -7.63 -48.55
C PRO J 134 -6.20 -6.74 -49.08
N MET J 135 -5.03 -7.34 -49.31
CA MET J 135 -3.87 -6.67 -49.89
C MET J 135 -4.14 -6.21 -51.32
N GLN J 136 -4.74 -7.10 -52.13
CA GLN J 136 -5.22 -6.76 -53.47
C GLN J 136 -6.13 -5.54 -53.47
N ALA J 137 -7.01 -5.46 -52.47
CA ALA J 137 -7.96 -4.36 -52.32
C ALA J 137 -7.25 -3.07 -51.92
N TRP J 138 -6.40 -3.17 -50.89
CA TRP J 138 -5.60 -2.07 -50.36
C TRP J 138 -4.74 -1.41 -51.42
N THR J 139 -4.12 -2.24 -52.27
CA THR J 139 -3.23 -1.82 -53.36
C THR J 139 -4.01 -1.14 -54.48
N GLU J 140 -5.08 -1.78 -54.96
CA GLU J 140 -5.94 -1.23 -56.02
C GLU J 140 -6.56 0.11 -55.65
N HIS J 141 -6.87 0.28 -54.36
CA HIS J 141 -7.47 1.51 -53.86
C HIS J 141 -6.51 2.71 -53.88
N THR J 142 -5.27 2.49 -53.41
CA THR J 142 -4.23 3.54 -53.40
C THR J 142 -3.76 3.91 -54.81
N GLN J 143 -3.75 2.93 -55.72
CA GLN J 143 -3.44 3.15 -57.13
C GLN J 143 -4.50 3.99 -57.82
N SER J 144 -5.77 3.67 -57.55
CA SER J 144 -6.93 4.40 -58.08
C SER J 144 -6.91 5.87 -57.66
N LEU J 145 -6.43 6.13 -56.45
CA LEU J 145 -6.31 7.48 -55.94
C LEU J 145 -5.12 8.23 -56.54
N PHE J 146 -4.04 7.51 -56.81
CA PHE J 146 -2.84 8.09 -57.42
C PHE J 146 -3.02 8.47 -58.88
N GLU J 147 -3.80 7.69 -59.61
CA GLU J 147 -4.18 8.02 -60.99
C GLU J 147 -5.10 9.25 -61.04
N GLU J 148 -5.93 9.41 -60.01
CA GLU J 148 -6.77 10.59 -59.83
C GLU J 148 -5.96 11.81 -59.37
N ALA J 149 -4.73 11.56 -58.90
CA ALA J 149 -3.75 12.61 -58.63
C ALA J 149 -2.89 12.90 -59.87
N ARG J 150 -2.66 11.86 -60.67
CA ARG J 150 -1.87 11.97 -61.90
C ARG J 150 -2.57 12.83 -62.94
N ALA J 151 -3.84 12.53 -63.20
CA ALA J 151 -4.66 13.27 -64.17
C ALA J 151 -4.88 14.73 -63.78
N LYS J 152 -4.95 15.00 -62.47
CA LYS J 152 -5.06 16.36 -61.93
C LYS J 152 -3.71 17.09 -61.75
N GLY J 153 -2.65 16.52 -62.35
CA GLY J 153 -1.31 17.11 -62.40
C GLY J 153 -0.64 17.30 -61.06
N GLU J 154 -0.76 16.28 -60.20
CA GLU J 154 -0.19 16.32 -58.84
C GLU J 154 1.09 15.51 -58.72
N ILE J 155 1.23 14.50 -59.57
CA ILE J 155 2.43 13.64 -59.60
C ILE J 155 3.05 13.64 -61.00
N LEU J 156 4.36 13.42 -61.05
CA LEU J 156 5.16 13.40 -62.29
C LEU J 156 4.48 12.55 -63.39
N PRO J 157 4.46 13.06 -64.65
CA PRO J 157 3.51 12.59 -65.68
C PRO J 157 3.50 11.09 -65.97
N HIS J 158 4.66 10.43 -65.90
CA HIS J 158 4.79 9.01 -66.25
C HIS J 158 5.24 8.11 -65.10
N ALA J 159 4.91 8.49 -63.87
CA ALA J 159 5.20 7.70 -62.68
C ALA J 159 4.55 6.31 -62.74
N ASP J 160 5.28 5.31 -62.25
CA ASP J 160 4.76 3.94 -62.18
C ASP J 160 3.77 3.84 -61.02
N VAL J 161 2.49 3.98 -61.36
CA VAL J 161 1.41 4.07 -60.38
C VAL J 161 1.19 2.74 -59.65
N GLU J 162 1.30 1.63 -60.40
CA GLU J 162 1.10 0.28 -59.85
C GLU J 162 2.16 -0.08 -58.81
N ALA J 163 3.42 0.26 -59.13
CA ALA J 163 4.56 -0.02 -58.24
C ALA J 163 4.58 0.92 -57.03
N LEU J 164 4.10 2.15 -57.22
CA LEU J 164 4.01 3.14 -56.14
C LEU J 164 3.00 2.76 -55.06
N ALA J 165 1.80 2.35 -55.48
CA ALA J 165 0.75 1.87 -54.56
C ALA J 165 1.21 0.61 -53.78
N LYS J 166 1.81 -0.33 -54.52
CA LYS J 166 2.46 -1.49 -53.95
C LYS J 166 3.55 -1.09 -52.94
N LEU J 167 4.28 -0.02 -53.25
CA LEU J 167 5.28 0.55 -52.34
C LEU J 167 4.62 1.14 -51.09
N PHE J 168 3.51 1.88 -51.29
CA PHE J 168 2.78 2.50 -50.18
C PHE J 168 2.10 1.52 -49.23
N VAL J 169 1.44 0.50 -49.78
CA VAL J 169 0.84 -0.58 -48.98
C VAL J 169 1.95 -1.23 -48.16
N GLY J 170 2.98 -1.72 -48.83
CA GLY J 170 4.11 -2.39 -48.21
C GLY J 170 4.78 -1.54 -47.15
N ALA J 171 5.08 -0.29 -47.52
CA ALA J 171 5.76 0.68 -46.65
C ALA J 171 4.99 0.92 -45.35
N PHE J 172 3.68 1.13 -45.48
CA PHE J 172 2.80 1.33 -44.34
C PHE J 172 2.84 0.12 -43.40
N THR J 173 2.54 -1.06 -43.95
CA THR J 173 2.51 -2.34 -43.22
C THR J 173 3.67 -2.49 -42.24
N GLY J 174 4.88 -2.18 -42.71
CA GLY J 174 6.11 -2.30 -41.92
C GLY J 174 6.25 -1.21 -40.90
N VAL J 175 5.94 0.01 -41.30
CA VAL J 175 5.92 1.16 -40.38
C VAL J 175 5.00 0.87 -39.19
N GLN J 176 3.83 0.29 -39.49
CA GLN J 176 2.85 -0.22 -38.52
C GLN J 176 3.43 -1.31 -37.58
N VAL J 177 4.03 -2.35 -38.16
CA VAL J 177 4.68 -3.45 -37.42
C VAL J 177 5.78 -2.92 -36.50
N LEU J 178 6.64 -2.08 -37.07
CA LEU J 178 7.74 -1.47 -36.33
C LEU J 178 7.20 -0.59 -35.20
N SER J 179 6.13 0.15 -35.49
CA SER J 179 5.44 0.96 -34.49
C SER J 179 4.86 0.11 -33.35
N ARG J 180 4.22 -1.00 -33.72
CA ARG J 180 3.59 -1.92 -32.77
C ARG J 180 4.60 -2.48 -31.76
N ILE J 181 5.70 -3.04 -32.26
CA ILE J 181 6.74 -3.65 -31.43
C ILE J 181 7.38 -2.64 -30.49
N MET J 182 7.74 -1.47 -31.03
CA MET J 182 8.62 -0.52 -30.34
C MET J 182 7.97 0.30 -29.25
N THR J 183 6.79 0.85 -29.54
CA THR J 183 6.05 1.69 -28.57
C THR J 183 4.54 1.47 -28.67
N GLY J 184 4.12 0.21 -28.60
CA GLY J 184 2.70 -0.18 -28.65
C GLY J 184 1.82 0.67 -29.56
N ARG J 185 2.25 0.82 -30.81
CA ARG J 185 1.56 1.63 -31.84
C ARG J 185 1.46 3.15 -31.58
N ALA J 186 1.96 3.61 -30.43
CA ALA J 186 1.78 5.00 -29.99
C ALA J 186 2.34 6.06 -30.93
N ASP J 187 3.51 5.78 -31.52
CA ASP J 187 4.21 6.71 -32.41
C ASP J 187 3.76 6.64 -33.88
N LEU J 188 2.83 5.73 -34.18
CA LEU J 188 2.42 5.44 -35.57
C LEU J 188 2.02 6.66 -36.40
N ALA J 189 1.39 7.64 -35.77
CA ALA J 189 0.98 8.89 -36.41
C ALA J 189 2.18 9.64 -37.01
N GLU J 190 3.20 9.86 -36.18
CA GLU J 190 4.45 10.48 -36.60
C GLU J 190 5.24 9.64 -37.62
N ARG J 191 5.28 8.33 -37.41
CA ARG J 191 6.02 7.41 -38.30
C ARG J 191 5.43 7.35 -39.71
N VAL J 192 4.11 7.45 -39.82
CA VAL J 192 3.41 7.47 -41.11
C VAL J 192 3.58 8.84 -41.77
N ALA J 193 3.64 9.89 -40.93
CA ALA J 193 3.92 11.24 -41.41
C ALA J 193 5.31 11.32 -42.07
N ASP J 194 6.32 10.76 -41.40
CA ASP J 194 7.67 10.66 -41.95
C ASP J 194 7.70 9.86 -43.25
N LEU J 195 7.00 8.73 -43.28
CA LEU J 195 6.93 7.86 -44.45
C LEU J 195 6.36 8.58 -45.67
N TYR J 196 5.33 9.40 -45.46
CA TYR J 196 4.74 10.17 -46.55
C TYR J 196 5.60 11.34 -47.00
N ARG J 197 6.19 12.05 -46.02
CA ARG J 197 7.12 13.15 -46.29
C ARG J 197 8.30 12.72 -47.13
N HIS J 198 8.87 11.55 -46.81
CA HIS J 198 10.09 11.08 -47.47
C HIS J 198 9.84 10.40 -48.81
N LEU J 199 8.69 9.76 -48.96
CA LEU J 199 8.34 9.10 -50.24
C LEU J 199 7.86 10.06 -51.32
N MET J 200 7.30 11.20 -50.92
CA MET J 200 6.65 12.14 -51.83
C MET J 200 7.56 12.83 -52.88
N PRO J 201 8.74 13.39 -52.47
CA PRO J 201 9.57 14.12 -53.47
C PRO J 201 10.04 13.30 -54.68
N SER J 202 10.06 11.97 -54.54
CA SER J 202 10.43 11.07 -55.64
C SER J 202 9.41 11.02 -56.78
N PHE J 203 8.18 11.47 -56.52
CA PHE J 203 7.12 11.42 -57.53
C PHE J 203 6.15 12.61 -57.55
N ALA J 204 6.16 13.44 -56.50
CA ALA J 204 5.30 14.63 -56.46
C ALA J 204 5.81 15.72 -57.38
N MET J 205 4.87 16.42 -58.03
CA MET J 205 5.16 17.59 -58.87
C MET J 205 5.61 18.79 -58.03
N PRO J 206 6.33 19.77 -58.64
CA PRO J 206 6.89 20.89 -57.86
C PRO J 206 5.83 21.73 -57.14
N GLY J 207 6.13 22.10 -55.91
CA GLY J 207 5.25 22.94 -55.09
C GLY J 207 3.96 22.27 -54.61
N ILE J 208 3.94 20.94 -54.58
CA ILE J 208 2.82 20.18 -54.04
C ILE J 208 3.08 19.71 -52.60
N LEU J 209 4.31 19.28 -52.31
CA LEU J 209 4.74 18.92 -50.95
C LEU J 209 4.46 20.04 -49.93
N VAL J 210 4.72 21.28 -50.33
CA VAL J 210 4.48 22.47 -49.49
C VAL J 210 3.01 22.72 -49.14
N ARG J 211 2.10 22.34 -50.07
CA ARG J 211 0.65 22.46 -49.87
C ARG J 211 0.06 21.44 -48.89
N LEU J 212 0.71 20.27 -48.78
CA LEU J 212 0.22 19.15 -47.97
C LEU J 212 0.28 19.40 -46.47
N ASP J 213 -0.78 18.99 -45.78
CA ASP J 213 -0.95 19.14 -44.33
C ASP J 213 -0.71 17.82 -43.59
N PHE J 214 0.42 17.75 -42.89
CA PHE J 214 0.85 16.54 -42.16
C PHE J 214 0.53 16.62 -40.67
N SER J 215 0.06 17.78 -40.21
CA SER J 215 -0.08 18.13 -38.79
C SER J 215 -0.96 17.16 -37.98
N PRO J 216 -0.55 16.86 -36.71
CA PRO J 216 -1.31 15.97 -35.81
C PRO J 216 -2.71 16.48 -35.45
N GLU J 217 -2.87 17.80 -35.34
CA GLU J 217 -4.17 18.43 -35.05
C GLU J 217 -5.15 18.42 -36.23
N ARG J 218 -4.65 18.16 -37.44
CA ARG J 218 -5.50 17.83 -38.59
C ARG J 218 -5.83 16.34 -38.56
N GLY J 219 -4.87 15.53 -38.11
CA GLY J 219 -5.01 14.07 -37.99
C GLY J 219 -6.17 13.62 -37.12
N SER J 220 -6.30 14.25 -35.94
CA SER J 220 -7.42 14.01 -35.02
C SER J 220 -8.73 14.67 -35.50
N ARG J 221 -8.62 15.62 -36.43
CA ARG J 221 -9.76 16.34 -36.98
C ARG J 221 -10.50 15.60 -38.10
N VAL J 222 -9.79 14.74 -38.84
CA VAL J 222 -10.38 13.90 -39.90
C VAL J 222 -11.06 12.66 -39.28
N TYR J 223 -10.66 12.32 -38.06
CA TYR J 223 -11.25 11.24 -37.24
C TYR J 223 -12.75 11.46 -36.97
N GLU J 224 -13.15 12.72 -36.83
CA GLU J 224 -14.54 13.11 -36.53
C GLU J 224 -15.47 12.92 -37.73
N ALA J 225 -15.00 13.35 -38.91
CA ALA J 225 -15.78 13.31 -40.16
C ALA J 225 -16.00 11.89 -40.73
N ALA J 226 -15.17 10.94 -40.27
CA ALA J 226 -15.25 9.55 -40.72
C ALA J 226 -16.26 8.69 -39.94
N MET J 227 -16.45 9.02 -38.65
CA MET J 227 -17.37 8.28 -37.77
C MET J 227 -18.84 8.51 -38.11
N LYS J 228 -19.41 7.53 -38.82
CA LYS J 228 -20.81 7.59 -39.30
C LYS J 228 -21.62 6.39 -38.82
#